data_5NER
#
_entry.id   5NER
#
_cell.length_a   1
_cell.length_b   1
_cell.length_c   1
_cell.angle_alpha   90
_cell.angle_beta   90
_cell.angle_gamma   90
#
_symmetry.space_group_name_H-M   'P 1'
#
loop_
_entity.id
_entity.type
_entity.pdbx_description
1 polymer 'O PanAsia VP1'
2 polymer 'O PanAsia VP2'
3 polymer 'O PanAsia VP3'
4 polymer 'O PanAsia VP4'
5 polymer 'Integrin alpha-V'
6 polymer 'Integrin beta-6'
7 branched alpha-D-mannopyranose-(1-2)-alpha-D-mannopyranose
8 branched alpha-D-mannopyranose-(1-4)-2-acetamido-2-deoxy-beta-D-glucopyranose-(1-4)-2-acetamido-2-deoxy-beta-D-glucopyranose
9 branched alpha-D-mannopyranose-(1-4)-2-acetamido-2-deoxy-beta-D-glucopyranose
10 branched alpha-D-mannopyranose-(1-3)-alpha-D-mannopyranose-(1-4)-2-acetamido-2-deoxy-beta-D-glucopyranose-(1-4)-2-acetamido-2-deoxy-beta-D-glucopyranose
11 branched alpha-D-mannopyranose-(1-4)-alpha-D-mannopyranose-(1-4)-2-acetamido-2-deoxy-beta-D-glucopyranose-(1-4)-2-acetamido-2-deoxy-beta-D-glucopyranose
12 non-polymer alpha-D-mannopyranose
13 non-polymer 2-acetamido-2-deoxy-beta-D-glucopyranose
14 non-polymer 'CALCIUM ION'
#
loop_
_entity_poly.entity_id
_entity_poly.type
_entity_poly.pdbx_seq_one_letter_code
_entity_poly.pdbx_strand_id
1 'polypeptide(L)'
;TTSAGESADPVTATVENYGGETQVQRRQHTDVSFILDRFVKVTPKDQINVLDLMQTPAHTLVGALLRTATYYFADLEVAV
KHEGNLTWVPNGAPETALDNTTNPTAYHKAPLTRLALPYTAPHRVLATVYNGNCKYGESHTTNVRGDLQVLAQKVARTLP
TSFNYGAIKATRVTELLYRMKRAETYCPRPLLAIHPSEARHKQKIVAPVK
;
1
2 'polypeptide(L)'
;EETTLLEDRILTTRNGHTTSTTQSSVGVTYGYATTEDFVSGPNTSGLETRVVQAERFFKTHLFDWVTSDSFGRCHLLELP
TDHKGVYGSLTDSYAYMRNGWDVEVTAVGNQFNGGCLLVAMVPELCSINKRELYQLTLFPHQFINPRTNMTAHITVPFVG
VNRYDQYKVHKPWTLVVMVVAPLTVNTEGAPQIKVYANIAPTNVHVAGEFPSKE
;
2
3 'polypeptide(L)'
;GIFPVACSDGYGGLVTTDPKTADPAYGKVFNPPRNMLPGRFTNFLDVAEACPTFLRFEGDVPYVTTKTDSDRILAQFDLS
LAAKHMSNTFLAGLAQYYTQYSGTINLHFMFTGPTDAKARYMIAYAPPGMEPPKTPEAAAHCIHAEWDTGLNSKFTFSIP
YLSAADYAYTASDTAETTNVQGWVCLFQITHGKADGDALVVLASAGKDFELRLPVDARTQ
;
3
4 'polypeptide(L)' SGNTGSIINNYYMQQYQNSMDTQLGDNAISGGSNEGSLTYFPHTTNTQNNDWFSKLASSAFSGLFGALLA 4
5 'polypeptide(L)'
;FNLDVDSPAEYSGPEGSYFGFAVDFFVPSASSRMFLLVGAPKANTTQPGIVEGGQVLKCDWSSTRRCQPIEFDATGNRDY
AKDDPLEFKSHQWFGASVRSKQDKILACAPLYHWRTEMKQEREPVGTCFLQDGTKTVEYAPCRSQDIDADGQGFCQGGFS
IDFTKADRVLLGGPGSFYWQGQLISDQVAEIVSKYDPNVYSIKYNNQLATRTAQAIFDDSYLGYSVAVGDFNGDGIDDFV
SGVPRAARTLGMVYIYDGKNMSSLYNFTGEQMAAYFGFSVAATDINGDDYADVFIGAPLFMDRGSDGKLQEVGQVSVSLQ
RASGDFQTTKLNGFEVFARFGSAIAPLGDLDQDGFNDIAIAAPYGGEDKKGIVYIFNGRSTGLNAVPSQILEGQWAARSC
PPSFGYSMKGATDIDKNGYPDLIVGAFGVDRAILYRARPVITVNAGLEVYPSILNQDNKTCSLPGTALKVSCFNVRFCLK
ADGKGVLPRKLNFQVELLLDKLKQKGAIRRALFLYSRSPSHSKNMTISRGGLMQCEELIAYLRDESEFRDKLTPITIFME
YRLDYRTAADTTGLQPILNQFTPANISRQAHILL
;
A
6 'polypeptide(L)'
;GCALGGAETCEDCLLIGPQCAWCAQENFTHPSGVGERCDTPANLLAKGCQLNFIENPVSQVEILKNKPLSVGRQKNSSDI
VQIAPQSLILKLRPGGAQTLQVHVRQTEDYPVDLYYLMDLSASMDDDLNTIKELGSRLSKEMSKLTSNFRLGFGSFVEKP
VSPFVKTTPEEIANPCSSIPYFCLPTFGFKHILPLTNDAERFNEIVKNQKISANIDTPEGGFDAIMQAAVCKEKIGWRND
SLHLLVFVSDADSHFGMDSKLAGIVCPNDGLCHLDSKNEYSMSTVLEYPTIGQLIDKLVQNNVLLIFAVTQEQVHLYENY
AKLIPGATVGLLQKDSGNILQLIISAYEELRSEVELEVLGDTEGLNLSFTAICNNGTLFQHQKKCSHMKVGDTASFSVTV
NIPHCERRSRHIIIKPVGLGDALELLVSPECNCDCQKEVEVNSSKCHNGNGSFQCGVCACHPGHMGPRCE
;
B
#
# COMPACT_ATOMS: atom_id res chain seq x y z
N THR A 1 26.93 13.96 47.32
CA THR A 1 27.67 15.04 46.70
C THR A 1 26.76 15.95 45.88
N THR A 2 26.66 17.20 46.30
CA THR A 2 25.92 18.18 45.53
C THR A 2 26.84 18.91 44.58
N SER A 3 26.26 19.46 43.51
CA SER A 3 27.05 20.17 42.51
C SER A 3 26.09 20.89 41.56
N ALA A 4 26.67 21.76 40.73
CA ALA A 4 25.89 22.39 39.68
C ALA A 4 25.39 21.34 38.71
N GLY A 5 24.09 21.36 38.43
CA GLY A 5 23.51 20.26 37.68
C GLY A 5 23.86 20.28 36.22
N GLU A 6 23.98 21.47 35.64
CA GLU A 6 24.17 21.63 34.21
C GLU A 6 25.57 22.05 33.81
N SER A 7 26.55 21.90 34.70
CA SER A 7 27.90 22.32 34.36
C SER A 7 28.47 21.48 33.24
N ALA A 8 27.95 20.27 33.05
CA ALA A 8 28.44 19.23 32.16
C ALA A 8 29.82 18.75 32.59
N ASP A 9 30.35 19.22 33.72
CA ASP A 9 31.59 18.70 34.24
C ASP A 9 31.35 17.30 34.79
N PRO A 10 32.20 16.33 34.46
CA PRO A 10 32.02 15.00 35.02
C PRO A 10 32.20 15.02 36.52
N VAL A 11 31.17 14.54 37.22
CA VAL A 11 31.17 14.47 38.68
C VAL A 11 31.03 13.01 39.08
N THR A 12 32.10 12.44 39.61
CA THR A 12 32.07 11.09 40.14
C THR A 12 31.91 11.16 41.65
N ALA A 13 31.17 10.23 42.21
CA ALA A 13 31.20 10.03 43.66
C ALA A 13 31.68 8.62 43.95
N THR A 14 31.91 8.35 45.22
CA THR A 14 32.50 7.10 45.65
C THR A 14 31.71 6.57 46.82
N VAL A 15 32.11 5.38 47.28
CA VAL A 15 31.50 4.84 48.48
C VAL A 15 32.17 5.35 49.75
N GLU A 16 33.19 6.20 49.61
CA GLU A 16 33.72 6.89 50.78
C GLU A 16 32.76 7.95 51.31
N ASN A 17 31.77 8.36 50.52
CA ASN A 17 30.88 9.40 50.99
C ASN A 17 30.04 8.93 52.15
N TYR A 18 29.91 7.61 52.31
CA TYR A 18 29.24 7.02 53.45
C TYR A 18 30.00 5.85 54.04
N GLY A 19 31.32 5.89 54.00
CA GLY A 19 32.15 5.03 54.82
C GLY A 19 32.73 3.82 54.16
N GLY A 20 32.69 3.72 52.84
CA GLY A 20 33.24 2.58 52.15
C GLY A 20 34.69 2.81 51.79
N GLU A 21 35.12 2.16 50.71
CA GLU A 21 36.45 2.32 50.16
C GLU A 21 36.50 1.82 48.73
N THR A 22 36.92 2.69 47.82
CA THR A 22 36.97 2.29 46.42
C THR A 22 38.07 1.28 46.17
N GLN A 23 37.65 0.13 45.65
CA GLN A 23 38.53 -0.98 45.32
C GLN A 23 39.22 -0.77 43.98
N VAL A 24 40.31 -1.50 43.77
CA VAL A 24 41.06 -1.44 42.53
C VAL A 24 40.32 -2.16 41.42
N GLN A 25 40.55 -1.78 40.16
CA GLN A 25 39.91 -2.47 39.05
C GLN A 25 40.78 -2.68 37.82
N ARG A 26 40.53 -3.78 37.11
CA ARG A 26 41.22 -4.15 35.90
C ARG A 26 40.26 -3.88 34.75
N ARG A 27 40.67 -3.05 33.80
CA ARG A 27 39.82 -2.66 32.68
C ARG A 27 40.40 -3.04 31.32
N GLN A 28 40.92 -4.25 31.18
CA GLN A 28 41.54 -4.61 29.91
C GLN A 28 40.50 -5.06 28.90
N HIS A 29 39.31 -5.42 29.36
CA HIS A 29 38.32 -6.00 28.46
C HIS A 29 37.49 -4.93 27.76
N THR A 30 37.52 -3.71 28.23
CA THR A 30 36.82 -2.64 27.53
C THR A 30 37.76 -1.73 26.76
N ASP A 31 39.04 -2.07 26.68
CA ASP A 31 39.95 -1.36 25.81
C ASP A 31 39.47 -1.45 24.38
N VAL A 32 39.55 -0.34 23.65
CA VAL A 32 39.02 -0.31 22.29
C VAL A 32 39.82 -1.24 21.37
N SER A 33 41.14 -1.22 21.49
CA SER A 33 41.94 -2.09 20.63
C SER A 33 41.70 -3.56 20.97
N PHE A 34 41.57 -3.88 22.25
CA PHE A 34 41.37 -5.27 22.65
C PHE A 34 40.04 -5.81 22.14
N ILE A 35 38.97 -5.05 22.35
CA ILE A 35 37.64 -5.61 22.15
C ILE A 35 37.28 -5.64 20.67
N LEU A 36 37.84 -4.76 19.87
CA LEU A 36 37.48 -4.74 18.47
C LEU A 36 38.33 -5.67 17.63
N ASP A 37 39.22 -6.40 18.28
CA ASP A 37 40.15 -7.26 17.55
C ASP A 37 39.65 -8.70 17.61
N ARG A 38 38.49 -8.90 17.00
CA ARG A 38 37.89 -10.21 16.85
C ARG A 38 37.46 -10.38 15.41
N PHE A 39 37.31 -11.62 14.97
CA PHE A 39 36.63 -11.86 13.72
C PHE A 39 35.13 -11.74 13.90
N VAL A 40 34.48 -11.06 12.96
CA VAL A 40 33.04 -10.92 12.96
C VAL A 40 32.54 -11.37 11.59
N LYS A 41 31.43 -12.11 11.59
CA LYS A 41 30.94 -12.69 10.35
C LYS A 41 30.11 -11.68 9.58
N VAL A 42 30.31 -11.64 8.28
CA VAL A 42 29.63 -10.71 7.38
C VAL A 42 28.91 -11.52 6.32
N THR A 43 27.72 -11.07 5.95
CA THR A 43 26.99 -11.73 4.88
C THR A 43 27.62 -11.39 3.53
N PRO A 44 28.21 -12.36 2.84
CA PRO A 44 28.91 -12.03 1.60
C PRO A 44 27.99 -12.06 0.40
N LYS A 45 28.31 -11.25 -0.61
CA LYS A 45 27.71 -11.40 -1.92
C LYS A 45 28.28 -12.63 -2.60
N ASP A 46 27.81 -12.87 -3.82
CA ASP A 46 28.21 -14.03 -4.60
C ASP A 46 29.67 -14.02 -5.00
N GLN A 47 30.06 -13.00 -5.77
CA GLN A 47 31.44 -12.91 -6.23
C GLN A 47 32.17 -11.69 -5.72
N ILE A 48 31.64 -10.48 -5.91
CA ILE A 48 32.35 -9.26 -5.57
C ILE A 48 31.88 -8.79 -4.20
N ASN A 49 32.83 -8.39 -3.35
CA ASN A 49 32.57 -7.95 -1.99
C ASN A 49 33.42 -6.74 -1.69
N VAL A 50 32.87 -5.54 -1.83
CA VAL A 50 33.61 -4.38 -1.38
C VAL A 50 33.78 -4.46 0.13
N LEU A 51 34.99 -4.21 0.60
CA LEU A 51 35.34 -4.45 2.00
C LEU A 51 35.06 -3.20 2.80
N ASP A 52 33.79 -2.96 3.09
CA ASP A 52 33.38 -1.90 3.99
C ASP A 52 33.09 -2.50 5.35
N LEU A 53 33.48 -1.78 6.40
CA LEU A 53 33.19 -2.27 7.74
C LEU A 53 31.75 -1.99 8.16
N MET A 54 31.08 -1.07 7.48
CA MET A 54 29.69 -0.83 7.82
C MET A 54 28.77 -1.87 7.23
N GLN A 55 29.37 -2.94 6.70
CA GLN A 55 28.61 -4.06 6.16
C GLN A 55 28.42 -5.11 7.26
N THR A 56 29.04 -4.89 8.41
CA THR A 56 28.92 -5.81 9.53
C THR A 56 27.55 -5.71 10.15
N PRO A 57 27.03 -6.87 10.70
CA PRO A 57 25.70 -6.69 11.31
C PRO A 57 25.83 -5.73 12.46
N ALA A 58 24.86 -4.86 12.65
CA ALA A 58 24.91 -3.86 13.70
C ALA A 58 24.56 -4.45 15.06
N HIS A 59 23.93 -5.62 15.08
CA HIS A 59 23.58 -6.23 16.36
C HIS A 59 24.72 -7.03 16.97
N THR A 60 25.87 -7.10 16.31
CA THR A 60 26.95 -7.93 16.80
C THR A 60 27.82 -7.17 17.77
N LEU A 61 28.77 -7.88 18.39
CA LEU A 61 29.74 -7.23 19.27
C LEU A 61 30.54 -6.20 18.51
N VAL A 62 31.28 -6.63 17.48
CA VAL A 62 32.13 -5.71 16.74
C VAL A 62 31.28 -4.71 15.96
N GLY A 63 30.09 -5.13 15.52
CA GLY A 63 29.24 -4.21 14.80
C GLY A 63 28.69 -3.10 15.67
N ALA A 64 28.23 -3.44 16.86
CA ALA A 64 27.63 -2.44 17.73
C ALA A 64 28.66 -1.52 18.38
N LEU A 65 29.85 -2.03 18.65
CA LEU A 65 30.87 -1.20 19.28
C LEU A 65 31.60 -0.34 18.28
N LEU A 66 31.62 -0.76 17.02
CA LEU A 66 32.19 0.10 15.99
C LEU A 66 31.31 1.32 15.74
N ARG A 67 30.00 1.12 15.65
CA ARG A 67 29.06 2.21 15.46
C ARG A 67 28.90 3.09 16.69
N THR A 68 29.67 2.83 17.74
CA THR A 68 29.71 3.69 18.92
C THR A 68 30.81 4.71 18.84
N ALA A 69 31.22 5.10 17.64
CA ALA A 69 32.30 6.05 17.45
C ALA A 69 32.13 6.71 16.08
N THR A 70 32.23 8.03 16.04
CA THR A 70 31.97 8.73 14.79
C THR A 70 33.05 8.42 13.77
N TYR A 71 34.31 8.50 14.17
CA TYR A 71 35.43 8.30 13.28
C TYR A 71 36.28 7.16 13.81
N TYR A 72 36.93 6.42 12.91
CA TYR A 72 37.71 5.28 13.34
C TYR A 72 38.85 5.03 12.37
N PHE A 73 39.92 4.43 12.90
CA PHE A 73 41.03 3.95 12.10
C PHE A 73 41.29 2.50 12.45
N ALA A 74 41.67 1.70 11.46
CA ALA A 74 42.16 0.36 11.73
C ALA A 74 42.71 -0.24 10.44
N ASP A 75 43.72 -1.08 10.59
CA ASP A 75 44.08 -2.01 9.53
C ASP A 75 43.09 -3.17 9.55
N LEU A 76 42.95 -3.85 8.43
CA LEU A 76 42.01 -4.95 8.34
C LEU A 76 42.63 -6.32 8.08
N GLU A 77 42.00 -7.35 8.65
CA GLU A 77 42.41 -8.73 8.49
C GLU A 77 41.18 -9.43 7.95
N VAL A 78 41.35 -10.26 6.94
CA VAL A 78 40.20 -10.95 6.34
C VAL A 78 40.36 -12.46 6.29
N ALA A 79 39.28 -13.19 6.58
CA ALA A 79 39.26 -14.64 6.53
C ALA A 79 38.21 -14.92 5.47
N VAL A 80 38.50 -15.78 4.51
CA VAL A 80 37.56 -16.03 3.42
C VAL A 80 37.57 -17.51 3.08
N LYS A 81 36.38 -18.10 3.01
CA LYS A 81 36.18 -19.40 2.38
C LYS A 81 35.66 -19.14 0.98
N HIS A 82 36.43 -19.55 -0.03
CA HIS A 82 36.10 -19.23 -1.40
C HIS A 82 36.36 -20.44 -2.29
N GLU A 83 35.87 -20.36 -3.51
CA GLU A 83 36.18 -21.31 -4.56
C GLU A 83 37.00 -20.61 -5.62
N GLY A 84 38.06 -21.23 -6.08
CA GLY A 84 38.91 -20.61 -7.07
C GLY A 84 39.82 -19.64 -6.35
N ASN A 85 40.64 -18.92 -7.11
CA ASN A 85 41.56 -17.95 -6.54
C ASN A 85 40.81 -16.73 -6.07
N LEU A 86 41.33 -16.05 -5.05
CA LEU A 86 40.71 -14.85 -4.51
C LEU A 86 41.60 -13.65 -4.79
N THR A 87 41.04 -12.63 -5.42
CA THR A 87 41.77 -11.43 -5.77
C THR A 87 41.34 -10.28 -4.89
N TRP A 88 42.29 -9.48 -4.44
CA TRP A 88 42.04 -8.25 -3.72
C TRP A 88 42.47 -7.09 -4.58
N VAL A 89 41.85 -5.92 -4.37
CA VAL A 89 42.21 -4.75 -5.14
C VAL A 89 42.07 -3.54 -4.21
N PRO A 90 43.00 -2.60 -4.20
CA PRO A 90 43.00 -1.56 -3.17
C PRO A 90 41.85 -0.58 -3.33
N ASN A 91 41.84 0.42 -2.46
CA ASN A 91 40.78 1.41 -2.47
C ASN A 91 40.92 2.35 -3.66
N GLY A 92 39.81 2.58 -4.35
CA GLY A 92 39.80 3.46 -5.49
C GLY A 92 40.12 2.81 -6.81
N ALA A 93 40.07 1.49 -6.89
CA ALA A 93 40.48 0.80 -8.10
C ALA A 93 39.25 0.36 -8.90
N PRO A 94 39.37 0.29 -10.22
CA PRO A 94 38.23 -0.13 -11.03
C PRO A 94 37.85 -1.57 -10.75
N GLU A 95 36.63 -1.92 -11.15
CA GLU A 95 36.09 -3.26 -11.03
C GLU A 95 36.71 -4.26 -11.98
N THR A 96 37.13 -3.76 -13.14
CA THR A 96 37.72 -4.60 -14.17
C THR A 96 39.01 -5.20 -13.63
N ALA A 97 39.59 -4.52 -12.66
CA ALA A 97 40.81 -4.97 -12.02
C ALA A 97 40.65 -6.30 -11.30
N LEU A 98 39.49 -6.53 -10.71
CA LEU A 98 39.24 -7.74 -9.93
C LEU A 98 39.50 -8.99 -10.76
N ASP A 99 39.75 -8.81 -12.05
CA ASP A 99 39.90 -9.96 -12.93
C ASP A 99 41.36 -10.29 -13.17
N ASN A 100 42.26 -9.37 -12.82
CA ASN A 100 43.65 -9.51 -13.19
C ASN A 100 44.44 -10.13 -12.03
N THR A 101 45.36 -11.02 -12.36
CA THR A 101 46.03 -11.82 -11.34
C THR A 101 47.18 -11.07 -10.70
N THR A 102 47.69 -10.03 -11.35
CA THR A 102 48.81 -9.29 -10.79
C THR A 102 48.45 -8.63 -9.47
N ASN A 103 47.19 -8.20 -9.33
CA ASN A 103 46.69 -7.73 -8.05
C ASN A 103 46.81 -8.84 -7.02
N PRO A 104 46.89 -8.49 -5.74
CA PRO A 104 47.08 -9.52 -4.72
C PRO A 104 46.06 -10.63 -4.84
N THR A 105 46.52 -11.81 -5.22
CA THR A 105 45.66 -12.96 -5.48
C THR A 105 46.18 -14.13 -4.65
N ALA A 106 45.28 -14.77 -3.91
CA ALA A 106 45.63 -15.88 -3.05
C ALA A 106 45.03 -17.15 -3.62
N TYR A 107 45.89 -18.09 -4.00
CA TYR A 107 45.40 -19.34 -4.57
C TYR A 107 44.72 -20.19 -3.51
N HIS A 108 43.84 -21.06 -3.97
CA HIS A 108 42.98 -21.80 -3.06
C HIS A 108 43.78 -22.79 -2.22
N LYS A 109 43.64 -22.67 -0.91
CA LYS A 109 44.24 -23.59 0.03
C LYS A 109 43.21 -23.87 1.12
N ALA A 110 42.80 -25.12 1.23
CA ALA A 110 41.73 -25.47 2.16
C ALA A 110 42.18 -25.26 3.61
N PRO A 111 41.26 -24.91 4.50
CA PRO A 111 39.84 -24.67 4.26
C PRO A 111 39.53 -23.23 3.89
N LEU A 112 40.37 -22.31 4.35
CA LEU A 112 40.14 -20.89 4.14
C LEU A 112 41.48 -20.18 4.00
N THR A 113 41.41 -18.86 3.93
CA THR A 113 42.55 -18.01 3.65
C THR A 113 42.39 -16.70 4.41
N ARG A 114 43.34 -16.38 5.27
CA ARG A 114 43.31 -15.14 6.03
C ARG A 114 44.43 -14.22 5.58
N LEU A 115 44.07 -12.97 5.27
CA LEU A 115 45.00 -11.99 4.73
C LEU A 115 45.01 -10.76 5.63
N ALA A 116 46.19 -10.16 5.75
CA ALA A 116 46.34 -8.90 6.44
C ALA A 116 46.30 -7.78 5.42
N LEU A 117 45.33 -6.91 5.52
CA LEU A 117 45.16 -5.86 4.56
C LEU A 117 45.41 -4.50 5.21
N PRO A 118 46.11 -3.60 4.56
CA PRO A 118 46.40 -2.31 5.17
C PRO A 118 45.22 -1.34 5.05
N TYR A 119 45.47 -0.13 5.50
CA TYR A 119 44.53 0.97 5.37
C TYR A 119 44.89 1.74 4.11
N THR A 120 43.98 1.77 3.14
CA THR A 120 44.25 2.39 1.85
C THR A 120 43.26 3.49 1.49
N ALA A 121 42.60 4.12 2.46
CA ALA A 121 41.67 5.18 2.14
C ALA A 121 42.40 6.50 1.95
N PRO A 122 41.87 7.41 1.15
CA PRO A 122 42.52 8.71 1.00
C PRO A 122 42.35 9.58 2.23
N HIS A 123 41.60 9.11 3.22
CA HIS A 123 41.20 9.93 4.34
C HIS A 123 42.05 9.59 5.54
N ARG A 124 42.27 10.58 6.40
CA ARG A 124 43.08 10.32 7.60
C ARG A 124 42.34 9.39 8.55
N VAL A 125 41.03 9.30 8.42
CA VAL A 125 40.20 8.50 9.31
C VAL A 125 38.87 8.26 8.62
N LEU A 126 38.27 7.10 8.84
CA LEU A 126 36.98 6.78 8.23
C LEU A 126 35.86 7.09 9.19
N ALA A 127 34.62 6.97 8.70
CA ALA A 127 33.45 7.43 9.45
C ALA A 127 32.35 6.39 9.42
N THR A 128 31.58 6.38 10.49
CA THR A 128 30.39 5.56 10.58
C THR A 128 29.20 6.47 10.23
N VAL A 129 29.28 7.74 10.60
CA VAL A 129 28.15 8.61 10.28
C VAL A 129 28.55 9.70 9.30
N TYR A 130 27.89 9.72 8.16
CA TYR A 130 28.15 10.73 7.16
C TYR A 130 26.89 11.54 6.91
N ASN A 131 26.99 12.85 7.05
CA ASN A 131 25.86 13.73 6.82
C ASN A 131 26.44 14.99 6.17
N GLY A 132 26.55 14.95 4.83
CA GLY A 132 27.01 15.99 3.95
C GLY A 132 26.21 17.24 4.22
N ASN A 133 24.95 17.29 3.80
CA ASN A 133 23.98 18.26 4.29
C ASN A 133 22.65 17.53 4.43
N CYS A 134 22.20 17.27 5.66
CA CYS A 134 20.96 16.53 5.73
C CYS A 134 19.93 17.19 6.63
N LYS A 135 20.16 17.17 7.94
CA LYS A 135 19.10 17.57 8.86
C LYS A 135 18.69 19.02 8.67
N TYR A 136 17.42 19.26 8.94
CA TYR A 136 16.95 20.57 9.35
C TYR A 136 17.43 20.84 10.81
N GLY A 137 17.39 19.84 11.71
CA GLY A 137 16.58 18.63 11.59
C GLY A 137 15.13 18.80 11.99
N GLU A 138 14.94 19.36 13.17
CA GLU A 138 13.65 19.63 13.79
C GLU A 138 12.66 18.49 13.53
N SER A 139 13.00 17.30 14.02
CA SER A 139 12.07 16.17 14.03
C SER A 139 11.35 15.98 12.69
N HIS A 140 12.06 15.41 11.71
CA HIS A 140 11.77 15.60 10.27
C HIS A 140 10.32 15.33 9.89
N THR A 141 9.87 16.08 8.88
CA THR A 141 8.47 16.13 8.47
C THR A 141 8.03 14.93 7.65
N THR A 142 6.71 14.75 7.53
CA THR A 142 6.07 13.65 6.81
C THR A 142 5.99 13.92 5.32
N ASN A 143 6.59 15.01 4.87
CA ASN A 143 6.37 15.57 3.54
C ASN A 143 6.56 14.55 2.41
N VAL A 144 7.51 13.63 2.55
CA VAL A 144 7.71 12.61 1.53
C VAL A 144 7.38 11.24 2.11
N ARG A 145 6.33 10.61 1.58
CA ARG A 145 5.79 9.41 2.21
C ARG A 145 5.16 8.54 1.13
N GLY A 146 4.87 7.29 1.50
CA GLY A 146 4.35 6.33 0.55
C GLY A 146 5.38 5.89 -0.46
N ASP A 147 5.08 6.13 -1.75
CA ASP A 147 6.01 5.74 -2.79
C ASP A 147 7.28 6.60 -2.77
N LEU A 148 7.12 7.91 -2.82
CA LEU A 148 8.29 8.79 -2.75
C LEU A 148 9.14 8.50 -1.52
N GLN A 149 8.57 7.83 -0.52
CA GLN A 149 9.23 7.54 0.74
C GLN A 149 10.40 6.58 0.59
N VAL A 150 10.17 5.39 0.01
CA VAL A 150 11.25 4.40 -0.06
C VAL A 150 12.37 4.89 -0.96
N LEU A 151 12.05 5.80 -1.88
CA LEU A 151 13.10 6.47 -2.63
C LEU A 151 13.73 7.58 -1.81
N ALA A 152 12.96 8.17 -0.90
CA ALA A 152 13.37 9.36 -0.15
C ALA A 152 14.57 9.12 0.76
N GLN A 153 15.05 7.89 0.86
CA GLN A 153 16.12 7.55 1.80
C GLN A 153 17.26 8.56 1.76
N LYS A 154 17.72 8.89 0.55
CA LYS A 154 18.91 9.68 0.35
C LYS A 154 18.64 11.16 0.10
N VAL A 155 17.48 11.65 0.51
CA VAL A 155 17.26 13.07 0.38
C VAL A 155 18.43 13.73 1.12
N ALA A 156 19.02 13.04 2.09
CA ALA A 156 20.15 13.56 2.84
C ALA A 156 21.53 13.14 2.27
N ARG A 157 22.26 12.31 2.99
CA ARG A 157 23.56 11.83 2.52
C ARG A 157 23.80 10.37 2.88
N THR A 158 24.91 10.13 3.59
CA THR A 158 25.39 8.81 4.03
C THR A 158 25.73 7.80 2.92
N LEU A 159 27.03 7.65 2.66
CA LEU A 159 27.50 6.74 1.63
C LEU A 159 28.93 6.27 1.95
N PRO A 160 29.08 4.98 2.27
CA PRO A 160 30.37 4.39 2.59
C PRO A 160 31.15 3.91 1.37
N THR A 161 30.63 4.15 0.18
CA THR A 161 31.31 3.72 -1.04
C THR A 161 32.67 4.39 -1.15
N SER A 162 32.70 5.69 -0.85
CA SER A 162 33.95 6.44 -0.91
C SER A 162 34.95 5.90 0.11
N PHE A 163 34.44 5.59 1.30
CA PHE A 163 35.27 5.06 2.37
C PHE A 163 35.39 3.55 2.23
N ASN A 164 36.14 3.10 1.24
CA ASN A 164 36.31 1.67 1.01
C ASN A 164 37.78 1.24 1.03
N TYR A 165 38.07 0.17 1.77
CA TYR A 165 39.42 -0.35 1.86
C TYR A 165 39.78 -1.01 0.53
N GLY A 166 38.77 -1.63 -0.08
CA GLY A 166 38.92 -2.30 -1.35
C GLY A 166 37.83 -3.32 -1.57
N ALA A 167 38.10 -4.24 -2.49
CA ALA A 167 37.17 -5.28 -2.85
C ALA A 167 37.88 -6.61 -2.92
N ILE A 168 37.13 -7.69 -2.76
CA ILE A 168 37.62 -9.04 -3.05
C ILE A 168 36.67 -9.66 -4.06
N LYS A 169 37.21 -10.53 -4.90
CA LYS A 169 36.41 -11.26 -5.87
C LYS A 169 36.95 -12.67 -6.00
N ALA A 170 36.05 -13.65 -5.86
CA ALA A 170 36.36 -15.03 -6.18
C ALA A 170 35.24 -15.57 -7.04
N THR A 171 35.43 -16.79 -7.56
CA THR A 171 34.37 -17.43 -8.33
C THR A 171 33.14 -17.62 -7.47
N ARG A 172 33.34 -17.97 -6.20
CA ARG A 172 32.27 -18.23 -5.27
C ARG A 172 32.81 -18.05 -3.87
N VAL A 173 32.44 -16.96 -3.22
CA VAL A 173 32.87 -16.69 -1.86
C VAL A 173 31.78 -17.21 -0.93
N THR A 174 32.15 -18.14 -0.05
CA THR A 174 31.17 -18.82 0.78
C THR A 174 31.03 -18.14 2.12
N GLU A 175 32.14 -17.74 2.74
CA GLU A 175 32.12 -17.16 4.07
C GLU A 175 33.17 -16.05 4.13
N LEU A 176 32.89 -15.03 4.92
CA LEU A 176 33.73 -13.85 5.00
C LEU A 176 33.74 -13.36 6.45
N LEU A 177 34.92 -12.96 6.93
CA LEU A 177 35.09 -12.53 8.30
C LEU A 177 36.02 -11.32 8.33
N TYR A 178 35.72 -10.35 9.18
CA TYR A 178 36.55 -9.17 9.34
C TYR A 178 37.16 -9.13 10.73
N ARG A 179 38.40 -8.64 10.83
CA ARG A 179 39.08 -8.45 12.10
C ARG A 179 39.79 -7.11 12.05
N MET A 180 39.49 -6.23 12.98
CA MET A 180 40.05 -4.89 13.01
C MET A 180 41.31 -4.86 13.84
N LYS A 181 42.41 -4.43 13.23
CA LYS A 181 43.71 -4.34 13.88
C LYS A 181 44.06 -2.89 14.15
N ARG A 182 44.65 -2.62 15.31
CA ARG A 182 45.12 -1.28 15.67
C ARG A 182 43.95 -0.30 15.70
N ALA A 183 42.83 -0.73 16.23
CA ALA A 183 41.62 0.08 16.17
C ALA A 183 41.74 1.33 17.01
N GLU A 184 41.54 2.48 16.38
CA GLU A 184 41.39 3.75 17.09
C GLU A 184 39.99 4.27 16.84
N THR A 185 39.46 4.99 17.82
CA THR A 185 38.09 5.51 17.73
C THR A 185 38.05 6.91 18.28
N TYR A 186 37.09 7.69 17.79
CA TYR A 186 36.97 9.11 18.11
C TYR A 186 35.50 9.46 18.23
N CYS A 187 35.17 10.43 19.07
CA CYS A 187 33.84 11.01 19.19
C CYS A 187 32.73 9.99 19.41
N PRO A 188 32.58 9.46 20.62
CA PRO A 188 31.60 8.38 20.85
C PRO A 188 30.17 8.80 20.58
N ARG A 189 29.34 7.81 20.22
CA ARG A 189 27.95 7.98 19.81
C ARG A 189 27.06 7.02 20.60
N PRO A 190 25.73 7.16 20.55
CA PRO A 190 24.88 6.32 21.38
C PRO A 190 25.02 4.83 21.11
N LEU A 191 24.73 4.04 22.15
CA LEU A 191 24.78 2.59 22.14
C LEU A 191 23.62 2.07 22.98
N LEU A 192 22.71 1.31 22.36
CA LEU A 192 21.45 0.96 22.99
C LEU A 192 21.41 -0.53 23.32
N ALA A 193 20.65 -0.88 24.35
CA ALA A 193 20.44 -2.28 24.70
C ALA A 193 19.09 -2.76 24.20
N ILE A 194 18.77 -4.00 24.56
CA ILE A 194 17.44 -4.54 24.24
C ILE A 194 16.44 -3.93 25.19
N HIS A 195 15.32 -3.46 24.68
CA HIS A 195 14.32 -2.88 25.57
C HIS A 195 13.43 -4.03 25.97
N PRO A 196 13.36 -4.29 27.28
CA PRO A 196 12.53 -5.40 27.75
C PRO A 196 11.04 -5.10 27.76
N SER A 197 10.22 -6.15 27.72
CA SER A 197 8.78 -5.97 27.85
C SER A 197 8.36 -6.13 29.31
N GLU A 198 9.01 -7.01 30.04
CA GLU A 198 8.82 -7.14 31.48
C GLU A 198 9.53 -6.00 32.18
N ALA A 199 9.60 -6.07 33.50
CA ALA A 199 10.32 -5.05 34.26
C ALA A 199 11.81 -5.30 34.22
N ARG A 200 12.25 -6.36 33.55
CA ARG A 200 13.64 -6.75 33.50
C ARG A 200 13.86 -7.80 32.42
N HIS A 201 14.90 -7.61 31.63
CA HIS A 201 15.14 -8.44 30.45
C HIS A 201 15.75 -9.77 30.89
N LYS A 202 14.89 -10.75 31.12
CA LYS A 202 15.36 -12.08 31.51
C LYS A 202 15.73 -12.89 30.27
N GLN A 203 16.52 -13.94 30.50
CA GLN A 203 17.17 -14.63 29.41
C GLN A 203 17.57 -16.01 29.94
N LYS A 204 18.13 -16.84 29.07
CA LYS A 204 18.45 -18.22 29.46
C LYS A 204 19.97 -18.40 29.54
N ILE A 205 20.47 -18.44 30.77
CA ILE A 205 21.89 -18.61 30.99
C ILE A 205 22.24 -20.08 31.15
N VAL A 206 23.46 -20.44 30.77
CA VAL A 206 23.90 -21.84 30.75
C VAL A 206 23.84 -22.45 32.15
N ALA A 207 23.34 -23.70 32.23
CA ALA A 207 22.92 -24.28 33.49
C ALA A 207 23.69 -25.57 33.82
N PRO A 208 24.71 -25.47 34.66
CA PRO A 208 25.36 -26.66 35.20
C PRO A 208 24.53 -27.35 36.27
N VAL A 209 25.16 -28.28 37.01
CA VAL A 209 24.50 -29.11 38.02
C VAL A 209 23.92 -28.27 39.16
N LYS A 210 24.77 -27.59 39.92
CA LYS A 210 24.32 -26.87 41.12
C LYS A 210 24.70 -25.38 41.08
N GLU B 1 27.84 30.93 43.93
CA GLU B 1 27.14 31.90 43.09
C GLU B 1 26.72 33.14 43.87
N GLU B 2 25.56 33.03 44.53
CA GLU B 2 25.04 34.11 45.35
C GLU B 2 24.23 33.49 46.48
N THR B 3 24.10 34.24 47.58
CA THR B 3 23.43 33.72 48.75
C THR B 3 21.92 33.63 48.57
N THR B 4 21.37 34.36 47.59
CA THR B 4 19.92 34.38 47.43
C THR B 4 19.48 33.84 46.08
N LEU B 5 18.18 33.91 45.80
CA LEU B 5 17.67 33.53 44.49
C LEU B 5 18.30 34.37 43.39
N LEU B 6 18.56 35.65 43.69
CA LEU B 6 19.35 36.50 42.81
C LEU B 6 20.70 35.84 42.51
N GLU B 7 21.25 36.15 41.33
CA GLU B 7 22.32 35.34 40.76
C GLU B 7 23.37 36.19 40.05
N ASP B 8 24.63 35.95 40.38
CA ASP B 8 25.74 36.73 39.82
C ASP B 8 26.91 35.78 39.49
N ARG B 9 26.90 35.23 38.28
CA ARG B 9 28.04 34.50 37.70
C ARG B 9 28.32 35.11 36.34
N ILE B 10 29.09 36.19 36.32
CA ILE B 10 29.27 36.98 35.12
C ILE B 10 30.29 36.29 34.23
N LEU B 11 30.01 36.27 32.93
CA LEU B 11 30.91 35.71 31.93
C LEU B 11 30.74 36.51 30.65
N THR B 12 31.84 37.04 30.13
CA THR B 12 31.85 37.84 28.92
C THR B 12 32.63 37.11 27.85
N THR B 13 32.21 37.26 26.60
CA THR B 13 32.85 36.58 25.48
C THR B 13 32.97 37.55 24.31
N ARG B 14 34.19 37.85 23.90
CA ARG B 14 34.43 38.71 22.76
C ARG B 14 34.95 37.88 21.61
N ASN B 15 34.15 37.77 20.55
CA ASN B 15 34.58 37.25 19.26
C ASN B 15 34.63 38.40 18.28
N GLY B 16 35.83 38.82 17.91
CA GLY B 16 35.93 39.92 16.98
C GLY B 16 35.54 41.21 17.67
N HIS B 17 34.70 42.00 16.99
CA HIS B 17 34.22 43.26 17.54
C HIS B 17 32.81 43.12 18.09
N THR B 18 32.48 41.96 18.65
CA THR B 18 31.14 41.66 19.15
C THR B 18 31.26 40.93 20.49
N THR B 19 30.63 41.47 21.52
CA THR B 19 30.70 40.87 22.84
C THR B 19 29.35 40.30 23.22
N SER B 20 29.32 39.59 24.33
CA SER B 20 28.10 38.97 24.85
C SER B 20 28.31 38.68 26.33
N THR B 21 27.53 39.33 27.18
CA THR B 21 27.63 39.20 28.62
C THR B 21 26.45 38.40 29.15
N THR B 22 26.73 37.55 30.13
CA THR B 22 25.72 36.73 30.80
C THR B 22 25.97 36.80 32.29
N GLN B 23 24.91 36.97 33.07
CA GLN B 23 25.02 36.99 34.52
C GLN B 23 24.55 35.71 35.17
N SER B 24 23.91 34.81 34.42
CA SER B 24 23.51 33.52 34.92
C SER B 24 24.25 32.48 34.09
N SER B 25 25.49 32.22 34.47
CA SER B 25 26.39 31.39 33.69
C SER B 25 26.79 30.18 34.50
N VAL B 26 27.14 29.10 33.80
CA VAL B 26 27.57 27.88 34.43
C VAL B 26 28.99 27.51 34.03
N GLY B 27 29.56 28.26 33.08
CA GLY B 27 30.86 27.94 32.53
C GLY B 27 30.74 27.50 31.10
N VAL B 28 31.85 27.54 30.41
CA VAL B 28 31.92 27.13 29.01
C VAL B 28 32.35 25.66 28.96
N THR B 29 31.68 24.91 28.11
CA THR B 29 31.98 23.49 27.91
C THR B 29 32.82 23.35 26.66
N TYR B 30 33.97 22.70 26.80
CA TYR B 30 34.83 22.40 25.66
C TYR B 30 34.60 20.96 25.27
N GLY B 31 34.41 20.73 23.98
CA GLY B 31 34.12 19.39 23.53
C GLY B 31 35.23 18.82 22.68
N TYR B 32 35.69 17.63 23.04
CA TYR B 32 36.58 16.82 22.21
C TYR B 32 37.98 17.40 22.06
N ALA B 33 38.20 18.64 22.46
CA ALA B 33 39.52 19.26 22.39
C ALA B 33 39.43 20.65 22.95
N THR B 34 40.53 21.10 23.55
CA THR B 34 40.64 22.49 23.98
C THR B 34 41.29 23.39 22.95
N THR B 35 42.31 22.90 22.25
CA THR B 35 42.96 23.68 21.21
C THR B 35 42.56 23.13 19.84
N GLU B 36 43.17 23.68 18.80
CA GLU B 36 43.01 23.15 17.45
C GLU B 36 44.14 22.19 17.12
N ASP B 37 43.93 21.39 16.08
CA ASP B 37 44.99 20.56 15.54
C ASP B 37 45.70 21.33 14.43
N PHE B 38 46.49 20.62 13.63
CA PHE B 38 47.37 21.27 12.67
C PHE B 38 46.56 21.76 11.47
N VAL B 39 46.61 23.06 11.24
CA VAL B 39 45.87 23.66 10.14
C VAL B 39 46.57 23.39 8.82
N SER B 40 47.87 23.67 8.76
CA SER B 40 48.67 23.42 7.56
C SER B 40 48.84 21.92 7.38
N GLY B 41 48.36 21.41 6.25
CA GLY B 41 48.46 20.00 5.97
C GLY B 41 49.04 19.74 4.61
N PRO B 42 49.26 18.46 4.29
CA PRO B 42 49.79 18.11 2.97
C PRO B 42 48.76 18.15 1.87
N ASN B 43 47.58 18.72 2.12
CA ASN B 43 46.51 18.64 1.15
C ASN B 43 46.13 20.01 0.61
N THR B 44 46.78 21.06 1.07
CA THR B 44 46.45 22.39 0.56
C THR B 44 47.68 23.10 0.04
N SER B 45 48.83 22.43 0.01
CA SER B 45 50.07 22.92 -0.56
C SER B 45 50.53 24.22 0.06
N GLY B 46 50.16 24.53 1.30
CA GLY B 46 50.55 25.77 1.91
C GLY B 46 49.81 26.98 1.42
N LEU B 47 48.75 26.79 0.64
CA LEU B 47 47.91 27.86 0.14
C LEU B 47 46.69 28.12 1.02
N GLU B 48 46.77 27.82 2.31
CA GLU B 48 45.67 28.12 3.20
C GLU B 48 45.91 29.46 3.87
N THR B 49 44.84 30.19 4.10
CA THR B 49 44.92 31.51 4.70
C THR B 49 43.84 31.65 5.76
N ARG B 50 44.13 32.44 6.78
CA ARG B 50 43.19 32.69 7.86
C ARG B 50 42.50 34.03 7.63
N VAL B 51 41.18 34.01 7.71
CA VAL B 51 40.36 35.20 7.51
C VAL B 51 39.78 35.58 8.87
N VAL B 52 40.27 36.68 9.44
CA VAL B 52 39.94 37.00 10.83
C VAL B 52 38.65 37.79 10.92
N GLN B 53 38.17 38.34 9.81
CA GLN B 53 36.93 39.11 9.85
C GLN B 53 35.71 38.22 9.98
N ALA B 54 35.89 36.91 9.78
CA ALA B 54 34.74 36.02 9.76
C ALA B 54 34.45 35.42 11.13
N GLU B 55 35.25 35.77 12.14
CA GLU B 55 35.12 35.15 13.45
C GLU B 55 34.39 36.09 14.39
N ARG B 56 33.06 36.07 14.32
CA ARG B 56 32.23 36.94 15.14
C ARG B 56 30.82 36.41 15.16
N PHE B 57 30.08 36.79 16.22
CA PHE B 57 28.79 36.18 16.48
C PHE B 57 27.78 36.48 15.38
N PHE B 58 26.91 35.52 15.12
CA PHE B 58 25.70 35.74 14.36
C PHE B 58 24.55 35.06 15.09
N LYS B 59 23.36 35.61 14.93
CA LYS B 59 22.20 35.21 15.73
C LYS B 59 21.17 34.51 14.88
N THR B 60 20.37 33.65 15.51
CA THR B 60 19.38 32.86 14.81
C THR B 60 18.37 32.33 15.83
N HIS B 61 17.15 32.12 15.36
CA HIS B 61 16.04 31.66 16.17
C HIS B 61 15.91 30.15 16.08
N LEU B 62 15.66 29.51 17.23
CA LEU B 62 15.55 28.06 17.24
C LEU B 62 14.12 27.57 17.30
N PHE B 63 13.40 27.86 18.38
CA PHE B 63 12.02 27.39 18.50
C PHE B 63 11.40 27.99 19.75
N ASP B 64 10.07 27.90 19.81
CA ASP B 64 9.31 28.30 20.97
C ASP B 64 9.13 27.11 21.89
N TRP B 65 9.58 27.23 23.13
CA TRP B 65 9.42 26.17 24.09
C TRP B 65 8.15 26.42 24.89
N VAL B 66 7.09 25.70 24.53
CA VAL B 66 5.78 25.89 25.13
C VAL B 66 5.50 24.72 26.06
N THR B 67 4.48 24.90 26.90
CA THR B 67 4.21 23.92 27.94
C THR B 67 3.69 22.60 27.37
N SER B 68 3.19 22.62 26.14
CA SER B 68 2.61 21.42 25.56
C SER B 68 3.68 20.49 25.02
N ASP B 69 4.90 20.99 24.85
CA ASP B 69 5.98 20.16 24.33
C ASP B 69 6.50 19.23 25.41
N SER B 70 6.51 17.94 25.12
CA SER B 70 6.93 16.92 26.07
C SER B 70 8.30 16.38 25.70
N PHE B 71 8.80 15.47 26.53
CA PHE B 71 10.15 14.95 26.36
C PHE B 71 10.42 14.48 24.95
N GLY B 72 11.62 14.77 24.46
CA GLY B 72 12.05 14.29 23.18
C GLY B 72 11.84 15.26 22.04
N ARG B 73 11.28 16.43 22.28
CA ARG B 73 11.11 17.38 21.19
C ARG B 73 12.46 17.99 20.82
N CYS B 74 12.86 17.78 19.57
CA CYS B 74 14.18 18.20 19.12
C CYS B 74 14.07 19.44 18.25
N HIS B 75 15.17 20.17 18.18
CA HIS B 75 15.39 21.16 17.13
C HIS B 75 16.81 20.99 16.63
N LEU B 76 16.95 20.63 15.37
CA LEU B 76 18.26 20.39 14.76
C LEU B 76 18.63 21.58 13.88
N LEU B 77 19.79 22.16 14.16
CA LEU B 77 20.37 23.22 13.34
C LEU B 77 21.69 22.74 12.79
N GLU B 78 21.75 22.53 11.48
CA GLU B 78 22.98 22.12 10.83
C GLU B 78 23.88 23.32 10.59
N LEU B 79 25.10 23.23 11.03
CA LEU B 79 26.15 24.21 10.92
C LEU B 79 27.17 23.78 9.88
N PRO B 80 27.62 24.69 9.00
CA PRO B 80 27.29 26.11 8.92
C PRO B 80 25.95 26.37 8.28
N THR B 81 25.24 27.38 8.77
CA THR B 81 23.91 27.68 8.26
C THR B 81 23.98 28.71 7.14
N ASP B 82 22.81 29.16 6.69
CA ASP B 82 22.78 30.18 5.66
C ASP B 82 23.07 31.54 6.27
N HIS B 83 24.25 32.06 5.98
CA HIS B 83 24.84 33.21 6.66
C HIS B 83 24.93 34.36 5.69
N LYS B 84 24.46 35.53 6.10
CA LYS B 84 24.48 36.71 5.24
C LYS B 84 25.62 37.67 5.57
N GLY B 85 26.58 37.27 6.38
CA GLY B 85 27.66 38.13 6.78
C GLY B 85 28.86 38.03 5.86
N VAL B 86 30.05 38.19 6.45
CA VAL B 86 31.28 37.96 5.70
C VAL B 86 31.62 36.48 5.71
N TYR B 87 31.17 35.76 6.74
CA TYR B 87 31.38 34.32 6.76
C TYR B 87 30.57 33.63 5.68
N GLY B 88 29.49 34.25 5.22
CA GLY B 88 28.74 33.68 4.12
C GLY B 88 29.42 33.90 2.79
N SER B 89 30.12 35.02 2.64
CA SER B 89 30.81 35.29 1.39
C SER B 89 32.12 34.51 1.31
N LEU B 90 32.32 33.57 2.22
CA LEU B 90 33.49 32.70 2.16
C LEU B 90 33.16 31.38 1.49
N THR B 91 31.91 30.94 1.57
CA THR B 91 31.54 29.71 0.87
C THR B 91 31.30 29.97 -0.60
N ASP B 92 31.21 31.24 -0.98
CA ASP B 92 31.09 31.58 -2.39
C ASP B 92 32.43 32.00 -2.96
N SER B 93 33.42 32.19 -2.11
CA SER B 93 34.72 32.64 -2.59
C SER B 93 35.70 31.48 -2.63
N TYR B 94 35.68 30.60 -1.63
CA TYR B 94 36.70 29.60 -1.44
C TYR B 94 36.09 28.21 -1.47
N ALA B 95 36.91 27.23 -1.85
CA ALA B 95 36.39 25.89 -2.08
C ALA B 95 36.52 25.01 -0.85
N TYR B 96 37.46 25.32 0.03
CA TYR B 96 37.71 24.52 1.22
C TYR B 96 37.74 25.43 2.42
N MET B 97 37.11 25.02 3.51
CA MET B 97 37.13 25.77 4.75
C MET B 97 37.23 24.81 5.92
N ARG B 98 37.63 25.34 7.07
CA ARG B 98 37.60 24.59 8.31
C ARG B 98 37.45 25.60 9.44
N ASN B 99 36.70 25.23 10.47
CA ASN B 99 36.49 26.13 11.59
C ASN B 99 35.81 25.39 12.72
N GLY B 100 36.05 25.85 13.92
CA GLY B 100 35.28 25.42 15.06
C GLY B 100 34.12 26.33 15.28
N TRP B 101 33.36 26.05 16.34
CA TRP B 101 32.16 26.80 16.64
C TRP B 101 32.15 27.22 18.09
N ASP B 102 31.58 28.39 18.34
CA ASP B 102 31.40 28.93 19.68
C ASP B 102 29.92 29.19 19.85
N VAL B 103 29.21 28.23 20.43
CA VAL B 103 27.74 28.21 20.42
C VAL B 103 27.25 28.64 21.78
N GLU B 104 26.31 29.59 21.79
CA GLU B 104 25.72 30.12 23.00
C GLU B 104 24.21 30.19 22.81
N VAL B 105 23.48 29.32 23.50
CA VAL B 105 22.03 29.21 23.37
C VAL B 105 21.38 29.89 24.56
N THR B 106 20.30 30.61 24.32
CA THR B 106 19.64 31.43 25.32
C THR B 106 18.17 31.07 25.39
N ALA B 107 17.63 30.98 26.60
CA ALA B 107 16.21 30.71 26.82
C ALA B 107 15.76 31.52 28.03
N VAL B 108 15.24 32.71 27.79
CA VAL B 108 14.87 33.61 28.87
C VAL B 108 13.41 33.41 29.25
N GLY B 109 13.20 32.85 30.44
CA GLY B 109 11.94 32.93 31.15
C GLY B 109 12.32 32.96 32.61
N ASN B 110 11.53 33.67 33.41
CA ASN B 110 11.96 33.94 34.77
C ASN B 110 12.14 32.64 35.56
N GLN B 111 12.75 32.75 36.72
CA GLN B 111 13.11 31.61 37.54
C GLN B 111 11.95 30.96 38.18
N PHE B 112 10.71 31.33 37.84
CA PHE B 112 9.54 30.64 38.32
C PHE B 112 8.98 29.67 37.30
N ASN B 113 9.78 29.31 36.32
CA ASN B 113 9.48 28.25 35.37
C ASN B 113 10.19 26.97 35.80
N GLY B 114 9.58 25.84 35.52
CA GLY B 114 10.26 24.58 35.58
C GLY B 114 10.65 24.13 34.19
N GLY B 115 11.05 22.87 34.08
CA GLY B 115 11.48 22.36 32.80
C GLY B 115 12.99 22.39 32.67
N CYS B 116 13.49 21.70 31.65
CA CYS B 116 14.91 21.57 31.44
C CYS B 116 15.16 21.32 29.96
N LEU B 117 16.09 22.07 29.41
CA LEU B 117 16.54 21.86 28.04
C LEU B 117 17.91 21.24 28.06
N LEU B 118 18.21 20.45 27.04
CA LEU B 118 19.53 19.89 26.83
C LEU B 118 20.03 20.33 25.46
N VAL B 119 20.99 21.23 25.43
CA VAL B 119 21.59 21.68 24.18
C VAL B 119 22.88 20.89 24.02
N ALA B 120 23.10 20.37 22.82
CA ALA B 120 24.25 19.53 22.56
C ALA B 120 24.74 19.74 21.14
N MET B 121 26.04 19.69 20.98
CA MET B 121 26.70 19.72 19.67
C MET B 121 26.99 18.29 19.26
N VAL B 122 26.39 17.84 18.17
CA VAL B 122 26.48 16.46 17.71
C VAL B 122 27.22 16.45 16.39
N PRO B 123 28.31 15.70 16.24
CA PRO B 123 28.98 15.62 14.95
C PRO B 123 28.36 14.59 14.02
N GLU B 124 28.19 14.98 12.78
CA GLU B 124 27.71 14.09 11.73
C GLU B 124 26.35 13.48 12.10
N LEU B 125 25.34 14.33 12.23
CA LEU B 125 24.04 13.83 12.69
C LEU B 125 23.15 13.53 11.49
N CYS B 126 23.26 12.29 11.01
CA CYS B 126 22.50 11.88 9.84
C CYS B 126 21.08 11.44 10.20
N SER B 127 20.90 10.98 11.44
CA SER B 127 19.61 10.47 11.87
C SER B 127 19.62 10.30 13.38
N ILE B 128 18.53 10.73 14.01
CA ILE B 128 18.37 10.57 15.44
C ILE B 128 17.14 9.70 15.67
N ASN B 129 17.15 8.98 16.79
CA ASN B 129 16.11 8.04 17.14
C ASN B 129 15.51 8.45 18.48
N LYS B 130 14.34 7.91 18.79
CA LYS B 130 13.69 8.25 20.06
C LYS B 130 14.46 7.70 21.24
N ARG B 131 15.02 6.50 21.11
CA ARG B 131 15.77 5.93 22.23
C ARG B 131 17.15 6.55 22.33
N GLU B 132 17.73 6.95 21.19
CA GLU B 132 19.06 7.54 21.22
C GLU B 132 19.08 8.89 21.92
N LEU B 133 17.92 9.49 22.14
CA LEU B 133 17.87 10.75 22.87
C LEU B 133 18.22 10.55 24.33
N TYR B 134 18.04 9.34 24.85
CA TYR B 134 18.44 9.09 26.24
C TYR B 134 19.94 9.16 26.42
N GLN B 135 20.71 8.89 25.37
CA GLN B 135 22.15 8.98 25.42
C GLN B 135 22.68 10.20 24.70
N LEU B 136 21.93 11.30 24.72
CA LEU B 136 22.37 12.49 24.03
C LEU B 136 23.46 13.23 24.79
N THR B 137 23.73 12.84 26.03
CA THR B 137 24.78 13.45 26.80
C THR B 137 26.15 12.86 26.52
N LEU B 138 26.29 12.05 25.46
CA LEU B 138 27.61 11.59 25.06
C LEU B 138 28.34 12.65 24.27
N PHE B 139 27.66 13.75 23.96
CA PHE B 139 28.19 14.81 23.13
C PHE B 139 28.43 16.04 24.00
N PRO B 140 29.19 17.02 23.51
CA PRO B 140 29.37 18.26 24.27
C PRO B 140 28.02 18.94 24.50
N HIS B 141 27.66 19.10 25.77
CA HIS B 141 26.31 19.53 26.11
C HIS B 141 26.35 20.44 27.31
N GLN B 142 25.23 21.13 27.53
CA GLN B 142 24.88 21.74 28.80
C GLN B 142 23.37 21.76 28.91
N PHE B 143 22.88 21.73 30.13
CA PHE B 143 21.45 21.85 30.39
C PHE B 143 21.10 23.32 30.58
N ILE B 144 19.88 23.68 30.22
CA ILE B 144 19.33 24.99 30.52
C ILE B 144 18.18 24.78 31.49
N ASN B 145 18.42 25.10 32.75
CA ASN B 145 17.46 24.88 33.80
C ASN B 145 16.98 26.23 34.30
N PRO B 146 15.72 26.61 34.03
CA PRO B 146 15.31 28.00 34.32
C PRO B 146 15.48 28.43 35.76
N ARG B 147 15.53 27.50 36.71
CA ARG B 147 15.75 27.92 38.09
C ARG B 147 17.19 28.33 38.32
N THR B 148 18.10 27.96 37.42
CA THR B 148 19.51 28.25 37.63
C THR B 148 20.14 29.07 36.52
N ASN B 149 19.87 28.79 35.25
CA ASN B 149 20.52 29.56 34.20
C ASN B 149 19.57 29.82 33.05
N MET B 150 20.04 30.63 32.12
CA MET B 150 19.35 30.92 30.88
C MET B 150 20.23 30.67 29.67
N THR B 151 21.51 30.39 29.89
CA THR B 151 22.52 30.34 28.85
C THR B 151 23.25 29.02 28.91
N ALA B 152 23.63 28.51 27.75
CA ALA B 152 24.49 27.35 27.64
C ALA B 152 25.56 27.64 26.59
N HIS B 153 26.82 27.60 26.99
CA HIS B 153 27.93 28.04 26.17
C HIS B 153 28.83 26.85 25.89
N ILE B 154 29.00 26.51 24.62
CA ILE B 154 29.69 25.29 24.20
C ILE B 154 30.66 25.64 23.08
N THR B 155 31.94 25.45 23.33
CA THR B 155 32.98 25.68 22.34
C THR B 155 33.41 24.32 21.81
N VAL B 156 33.77 24.26 20.53
CA VAL B 156 33.97 22.96 19.92
C VAL B 156 34.84 23.10 18.67
N PRO B 157 35.77 22.18 18.43
CA PRO B 157 36.71 22.33 17.32
C PRO B 157 36.16 21.78 16.00
N PHE B 158 37.04 21.75 15.01
CA PHE B 158 36.73 21.17 13.71
C PHE B 158 36.99 19.67 13.72
N VAL B 159 35.99 18.90 13.31
CA VAL B 159 36.13 17.46 13.20
C VAL B 159 35.75 17.05 11.78
N GLY B 160 36.36 15.99 11.29
CA GLY B 160 35.98 15.47 9.99
C GLY B 160 36.92 14.36 9.58
N VAL B 161 36.59 13.70 8.47
CA VAL B 161 37.49 12.72 7.92
C VAL B 161 38.60 13.39 7.14
N ASN B 162 38.38 14.63 6.73
CA ASN B 162 39.35 15.40 5.98
C ASN B 162 39.81 16.60 6.80
N ARG B 163 40.94 17.17 6.42
CA ARG B 163 41.48 18.27 7.19
C ARG B 163 40.80 19.58 6.84
N TYR B 164 40.36 19.72 5.60
CA TYR B 164 39.52 20.82 5.14
C TYR B 164 38.24 20.25 4.58
N ASP B 165 37.19 21.05 4.60
CA ASP B 165 35.86 20.55 4.27
C ASP B 165 35.24 21.39 3.18
N GLN B 166 34.28 20.80 2.47
CA GLN B 166 33.52 21.49 1.44
C GLN B 166 32.11 21.69 1.97
N TYR B 167 31.89 22.82 2.63
CA TYR B 167 30.65 23.05 3.38
C TYR B 167 29.41 23.10 2.50
N LYS B 168 29.56 23.18 1.18
CA LYS B 168 28.39 23.23 0.33
C LYS B 168 27.77 21.84 0.15
N VAL B 169 28.50 20.79 0.54
CA VAL B 169 28.01 19.43 0.44
C VAL B 169 28.16 18.64 1.73
N HIS B 170 28.58 19.26 2.82
CA HIS B 170 28.83 18.55 4.07
C HIS B 170 28.59 19.49 5.23
N LYS B 171 27.79 19.05 6.19
CA LYS B 171 27.56 19.81 7.42
C LYS B 171 28.10 19.00 8.60
N PRO B 172 29.31 19.26 9.06
CA PRO B 172 29.89 18.38 10.08
C PRO B 172 29.21 18.46 11.44
N TRP B 173 28.88 19.66 11.91
CA TRP B 173 28.28 19.83 13.22
C TRP B 173 26.78 20.05 13.12
N THR B 174 26.09 19.75 14.21
CA THR B 174 24.65 19.89 14.32
C THR B 174 24.34 20.28 15.76
N LEU B 175 23.59 21.37 15.92
CA LEU B 175 23.16 21.84 17.22
C LEU B 175 21.77 21.31 17.49
N VAL B 176 21.64 20.44 18.48
CA VAL B 176 20.37 19.84 18.84
C VAL B 176 19.95 20.37 20.21
N VAL B 177 18.72 20.84 20.31
CA VAL B 177 18.16 21.36 21.55
C VAL B 177 16.93 20.54 21.87
N MET B 178 16.98 19.82 23.00
CA MET B 178 15.99 18.82 23.32
C MET B 178 15.30 19.18 24.63
N VAL B 179 14.02 18.85 24.71
CA VAL B 179 13.23 19.03 25.93
C VAL B 179 13.40 17.76 26.75
N VAL B 180 13.99 17.89 27.95
CA VAL B 180 14.12 16.70 28.79
C VAL B 180 13.07 16.69 29.88
N ALA B 181 12.57 17.86 30.25
CA ALA B 181 11.49 17.98 31.21
C ALA B 181 10.59 19.11 30.71
N PRO B 182 9.31 18.86 30.49
CA PRO B 182 8.48 19.87 29.83
C PRO B 182 8.41 21.16 30.63
N LEU B 183 8.13 22.24 29.93
CA LEU B 183 8.03 23.54 30.57
C LEU B 183 6.83 23.58 31.50
N THR B 184 6.95 24.39 32.55
CA THR B 184 5.84 24.65 33.45
C THR B 184 5.71 26.16 33.66
N VAL B 185 4.48 26.64 33.61
CA VAL B 185 4.21 28.04 33.94
C VAL B 185 3.32 28.06 35.17
N ASN B 186 3.93 28.15 36.34
CA ASN B 186 3.21 27.70 37.53
C ASN B 186 2.20 28.76 38.00
N THR B 187 2.69 29.87 38.53
CA THR B 187 1.82 31.00 38.80
C THR B 187 2.46 32.25 38.24
N GLU B 188 3.78 32.32 38.33
CA GLU B 188 4.54 33.49 37.96
C GLU B 188 5.53 33.24 36.83
N GLY B 189 5.49 32.05 36.24
CA GLY B 189 6.41 31.75 35.16
C GLY B 189 6.01 32.42 33.87
N ALA B 190 7.00 32.60 32.99
CA ALA B 190 6.72 33.18 31.69
C ALA B 190 5.93 32.19 30.84
N PRO B 191 4.87 32.63 30.17
CA PRO B 191 3.94 31.66 29.55
C PRO B 191 4.58 30.76 28.52
N GLN B 192 5.30 31.31 27.56
CA GLN B 192 6.17 30.50 26.74
C GLN B 192 7.56 31.06 26.86
N ILE B 193 8.48 30.51 26.10
CA ILE B 193 9.87 30.93 26.13
C ILE B 193 10.51 30.63 24.79
N LYS B 194 11.14 31.64 24.22
CA LYS B 194 11.78 31.50 22.92
C LYS B 194 13.25 31.17 23.09
N VAL B 195 13.74 30.30 22.22
CA VAL B 195 15.11 29.80 22.29
C VAL B 195 15.89 30.38 21.12
N TYR B 196 16.99 31.04 21.42
CA TYR B 196 17.84 31.69 20.43
C TYR B 196 19.24 31.13 20.52
N ALA B 197 19.95 31.16 19.39
CA ALA B 197 21.34 30.76 19.33
C ALA B 197 22.19 31.96 18.96
N ASN B 198 23.38 32.03 19.51
CA ASN B 198 24.34 33.10 19.24
C ASN B 198 25.66 32.43 18.91
N ILE B 199 25.87 32.12 17.64
CA ILE B 199 26.95 31.26 17.19
C ILE B 199 28.07 32.12 16.63
N ALA B 200 29.30 31.62 16.68
CA ALA B 200 30.46 32.33 16.13
C ALA B 200 31.51 31.32 15.69
N PRO B 201 31.95 31.35 14.44
CA PRO B 201 33.02 30.45 14.02
C PRO B 201 34.37 30.89 14.57
N THR B 202 35.26 29.92 14.75
CA THR B 202 36.57 30.18 15.32
C THR B 202 37.65 29.52 14.47
N ASN B 203 38.79 30.19 14.36
CA ASN B 203 39.94 29.69 13.61
C ASN B 203 39.59 29.35 12.17
N VAL B 204 38.86 30.25 11.50
CA VAL B 204 38.40 29.95 10.15
C VAL B 204 39.57 30.04 9.18
N HIS B 205 39.82 28.96 8.46
CA HIS B 205 40.85 28.91 7.43
C HIS B 205 40.22 28.53 6.11
N VAL B 206 40.63 29.21 5.05
CA VAL B 206 40.09 29.02 3.72
C VAL B 206 41.23 28.67 2.77
N ALA B 207 40.89 28.09 1.63
CA ALA B 207 41.89 27.70 0.65
C ALA B 207 41.21 27.40 -0.67
N GLY B 208 41.84 27.83 -1.76
CA GLY B 208 41.29 27.60 -3.09
C GLY B 208 40.19 28.59 -3.45
N GLU B 209 40.58 29.69 -4.08
CA GLU B 209 39.63 30.73 -4.47
C GLU B 209 39.03 30.42 -5.84
N PHE B 210 37.70 30.44 -5.92
CA PHE B 210 37.00 30.16 -7.17
C PHE B 210 36.84 31.43 -8.01
N PRO B 211 36.55 31.26 -9.30
CA PRO B 211 36.36 32.38 -10.23
C PRO B 211 35.10 33.16 -9.89
N SER B 212 34.95 34.31 -10.53
CA SER B 212 33.93 35.28 -10.14
C SER B 212 33.22 35.85 -11.35
N LYS B 213 31.89 35.81 -11.32
CA LYS B 213 31.07 36.41 -12.37
C LYS B 213 30.76 37.88 -12.09
N GLU B 214 31.58 38.54 -11.27
CA GLU B 214 31.35 39.91 -10.84
C GLU B 214 31.98 40.92 -11.79
N GLY C 1 70.55 -33.84 7.37
CA GLY C 1 69.34 -33.55 6.65
C GLY C 1 68.75 -32.23 7.06
N ILE C 2 67.44 -32.17 7.18
CA ILE C 2 66.75 -30.95 7.59
C ILE C 2 66.12 -31.17 8.95
N PHE C 3 65.54 -30.11 9.47
CA PHE C 3 65.10 -30.07 10.86
C PHE C 3 63.83 -30.89 11.04
N PRO C 4 63.83 -31.89 11.94
CA PRO C 4 62.61 -32.67 12.17
C PRO C 4 61.56 -31.94 12.98
N VAL C 5 60.30 -32.03 12.58
CA VAL C 5 59.20 -31.32 13.21
C VAL C 5 58.01 -32.25 13.29
N ALA C 6 57.32 -32.24 14.44
CA ALA C 6 56.15 -33.06 14.66
C ALA C 6 54.90 -32.20 14.56
N CYS C 7 54.20 -32.29 13.43
CA CYS C 7 52.98 -31.53 13.22
C CYS C 7 51.89 -32.09 14.12
N SER C 8 51.58 -31.37 15.19
CA SER C 8 50.71 -31.90 16.22
C SER C 8 49.25 -31.83 15.81
N ASP C 9 48.46 -32.79 16.29
CA ASP C 9 47.03 -32.79 16.03
C ASP C 9 46.28 -32.02 17.11
N GLY C 10 45.20 -31.36 16.70
CA GLY C 10 44.47 -30.47 17.55
C GLY C 10 44.96 -29.04 17.54
N TYR C 11 45.96 -28.72 16.74
CA TYR C 11 46.55 -27.39 16.69
C TYR C 11 46.42 -26.80 15.30
N GLY C 12 46.29 -25.48 15.24
CA GLY C 12 46.33 -24.77 13.99
C GLY C 12 44.99 -24.46 13.36
N GLY C 13 43.89 -24.93 13.93
CA GLY C 13 42.59 -24.55 13.41
C GLY C 13 42.32 -23.08 13.66
N LEU C 14 41.54 -22.47 12.77
CA LEU C 14 41.19 -21.08 12.93
C LEU C 14 40.33 -20.89 14.17
N VAL C 15 40.72 -19.97 15.03
CA VAL C 15 39.93 -19.58 16.18
C VAL C 15 39.66 -18.09 16.03
N THR C 16 38.39 -17.71 16.13
CA THR C 16 38.01 -16.35 15.76
C THR C 16 38.52 -15.32 16.73
N THR C 17 39.23 -15.73 17.77
CA THR C 17 39.72 -14.82 18.79
C THR C 17 41.15 -15.13 19.24
N ASP C 18 41.92 -15.76 18.36
CA ASP C 18 43.29 -16.16 18.68
C ASP C 18 44.25 -14.98 18.54
N PRO C 19 45.27 -14.94 19.41
CA PRO C 19 46.26 -13.85 19.37
C PRO C 19 47.32 -14.06 18.30
N LYS C 20 46.88 -14.13 17.05
CA LYS C 20 47.76 -14.36 15.93
C LYS C 20 47.40 -13.41 14.82
N THR C 21 48.40 -13.02 14.03
CA THR C 21 48.21 -12.07 12.95
C THR C 21 48.35 -12.78 11.62
N ALA C 22 47.66 -12.27 10.61
CA ALA C 22 47.66 -12.90 9.31
C ALA C 22 48.94 -12.55 8.56
N ASP C 23 49.07 -13.11 7.37
CA ASP C 23 50.26 -12.85 6.59
C ASP C 23 50.04 -11.63 5.71
N PRO C 24 51.06 -10.79 5.54
CA PRO C 24 50.91 -9.62 4.67
C PRO C 24 50.76 -10.02 3.22
N ALA C 25 50.17 -9.11 2.45
CA ALA C 25 50.03 -9.32 1.01
C ALA C 25 50.47 -8.11 0.20
N TYR C 26 50.79 -6.99 0.83
CA TYR C 26 50.86 -5.71 0.17
C TYR C 26 51.55 -4.74 1.12
N GLY C 27 52.65 -4.13 0.66
CA GLY C 27 53.58 -3.51 1.57
C GLY C 27 53.81 -2.03 1.27
N LYS C 28 54.37 -1.37 2.28
CA LYS C 28 54.92 -0.02 2.15
C LYS C 28 53.84 1.02 1.88
N VAL C 29 52.74 0.98 2.62
CA VAL C 29 51.71 2.01 2.53
C VAL C 29 51.78 2.88 3.78
N PHE C 30 51.78 4.19 3.56
CA PHE C 30 51.88 5.18 4.62
C PHE C 30 50.55 5.87 4.77
N ASN C 31 50.07 5.99 6.00
CA ASN C 31 48.76 6.54 6.23
C ASN C 31 48.81 8.06 6.15
N PRO C 32 47.69 8.70 5.83
CA PRO C 32 47.60 10.14 6.03
C PRO C 32 47.70 10.48 7.50
N PRO C 33 48.32 11.60 7.85
CA PRO C 33 48.54 11.93 9.26
C PRO C 33 47.23 12.14 9.99
N ARG C 34 47.12 11.56 11.18
CA ARG C 34 45.93 11.71 12.00
C ARG C 34 46.26 11.99 13.45
N ASN C 35 47.46 12.50 13.74
CA ASN C 35 47.81 12.79 15.12
C ASN C 35 47.04 14.00 15.61
N MET C 36 46.63 13.94 16.88
CA MET C 36 45.86 14.98 17.55
C MET C 36 44.51 15.24 16.90
N LEU C 37 43.73 14.21 16.63
CA LEU C 37 42.34 14.43 16.26
C LEU C 37 41.51 14.59 17.52
N PRO C 38 40.46 15.40 17.49
CA PRO C 38 39.65 15.60 18.68
C PRO C 38 38.76 14.41 18.98
N GLY C 39 38.70 14.04 20.24
CA GLY C 39 37.71 13.09 20.69
C GLY C 39 38.18 11.68 20.88
N ARG C 40 39.48 11.46 21.01
CA ARG C 40 40.01 10.12 21.14
C ARG C 40 39.58 9.49 22.44
N PHE C 41 39.02 8.28 22.37
CA PHE C 41 38.74 7.50 23.57
C PHE C 41 39.35 6.12 23.40
N THR C 42 40.04 5.65 24.43
CA THR C 42 40.79 4.40 24.32
C THR C 42 40.06 3.26 25.03
N ASN C 43 39.17 3.59 25.94
CA ASN C 43 38.51 2.61 26.78
C ASN C 43 37.02 2.93 26.83
N PHE C 44 36.18 1.94 26.63
CA PHE C 44 34.76 2.17 26.62
C PHE C 44 34.26 2.63 27.97
N LEU C 45 34.96 2.28 29.04
CA LEU C 45 34.49 2.69 30.36
C LEU C 45 34.97 4.07 30.75
N ASP C 46 35.91 4.65 29.99
CA ASP C 46 36.25 6.04 30.21
C ASP C 46 35.14 6.95 29.74
N VAL C 47 34.40 6.53 28.72
CA VAL C 47 33.29 7.36 28.23
C VAL C 47 32.06 7.13 29.08
N ALA C 48 31.97 5.97 29.73
CA ALA C 48 30.79 5.68 30.56
C ALA C 48 30.90 6.37 31.90
N GLU C 49 32.07 6.89 32.23
CA GLU C 49 32.24 7.60 33.49
C GLU C 49 32.14 9.11 33.30
N ALA C 50 32.63 9.61 32.17
CA ALA C 50 32.63 11.05 31.97
C ALA C 50 31.31 11.54 31.38
N CYS C 51 30.38 10.62 31.11
CA CYS C 51 29.16 10.95 30.39
C CYS C 51 27.99 10.15 30.93
N PRO C 52 27.23 10.66 31.88
CA PRO C 52 26.03 9.96 32.32
C PRO C 52 24.91 10.10 31.30
N THR C 53 24.05 9.10 31.27
CA THR C 53 22.92 9.08 30.36
C THR C 53 21.66 8.78 31.14
N PHE C 54 20.52 9.10 30.55
CA PHE C 54 19.27 9.17 31.30
C PHE C 54 18.71 7.80 31.63
N LEU C 55 17.95 7.73 32.71
CA LEU C 55 17.13 6.56 32.99
C LEU C 55 15.78 6.68 32.30
N ARG C 56 14.94 5.68 32.48
CA ARG C 56 13.71 5.54 31.73
C ARG C 56 12.62 5.08 32.68
N PHE C 57 11.56 5.87 32.79
CA PHE C 57 10.51 5.59 33.77
C PHE C 57 9.17 5.36 33.09
N GLU C 58 8.16 5.19 33.94
CA GLU C 58 6.81 4.90 33.44
C GLU C 58 6.33 6.02 32.54
N GLY C 59 6.01 5.65 31.30
CA GLY C 59 5.70 6.62 30.28
C GLY C 59 6.84 7.01 29.39
N ASP C 60 7.99 6.36 29.56
CA ASP C 60 9.15 6.63 28.71
C ASP C 60 9.68 8.06 28.84
N VAL C 61 9.97 8.48 30.06
CA VAL C 61 10.52 9.81 30.32
C VAL C 61 11.67 9.67 31.29
N PRO C 62 12.68 10.54 31.18
CA PRO C 62 13.86 10.45 32.05
C PRO C 62 13.67 11.06 33.44
N TYR C 63 12.48 11.51 33.78
CA TYR C 63 12.22 12.18 35.02
C TYR C 63 11.09 11.47 35.75
N VAL C 64 11.01 11.73 37.06
CA VAL C 64 9.94 11.21 37.90
C VAL C 64 9.31 12.39 38.63
N THR C 65 7.99 12.50 38.56
CA THR C 65 7.32 13.70 39.04
C THR C 65 6.99 13.57 40.53
N THR C 66 6.89 14.70 41.19
CA THR C 66 6.60 14.69 42.62
C THR C 66 5.13 14.39 42.86
N LYS C 67 4.86 13.24 43.43
CA LYS C 67 3.52 12.80 43.75
C LYS C 67 3.13 13.38 45.10
N THR C 68 1.87 13.77 45.22
CA THR C 68 1.34 14.35 46.45
C THR C 68 0.22 13.49 47.00
N ASP C 69 0.58 12.45 47.75
CA ASP C 69 -0.39 11.58 48.40
C ASP C 69 0.27 10.82 49.54
N SER C 70 -0.42 9.81 50.06
CA SER C 70 0.16 8.99 51.12
C SER C 70 1.28 8.11 50.57
N ASP C 71 1.32 7.91 49.26
CA ASP C 71 2.41 7.18 48.65
C ASP C 71 3.62 8.10 48.50
N ARG C 72 4.81 7.55 48.72
CA ARG C 72 6.03 8.32 48.57
C ARG C 72 7.13 7.53 47.88
N ILE C 73 6.78 6.58 47.02
CA ILE C 73 7.74 5.78 46.30
C ILE C 73 7.80 6.32 44.87
N LEU C 74 8.91 6.97 44.53
CA LEU C 74 9.06 7.51 43.18
C LEU C 74 9.50 6.42 42.20
N ALA C 75 10.63 5.79 42.47
CA ALA C 75 11.08 4.69 41.65
C ALA C 75 11.62 3.61 42.56
N GLN C 76 11.50 2.38 42.12
CA GLN C 76 11.96 1.24 42.89
C GLN C 76 12.18 0.09 41.93
N PHE C 77 13.44 -0.22 41.66
CA PHE C 77 13.76 -1.13 40.58
C PHE C 77 14.98 -1.96 40.91
N ASP C 78 15.14 -3.05 40.19
CA ASP C 78 16.18 -4.01 40.47
C ASP C 78 17.54 -3.42 40.15
N LEU C 79 18.50 -3.67 41.03
CA LEU C 79 19.81 -3.17 40.78
C LEU C 79 20.30 -4.25 39.84
N SER C 80 20.21 -3.93 38.56
CA SER C 80 20.57 -4.84 37.48
C SER C 80 20.79 -4.04 36.22
N LEU C 81 21.89 -4.30 35.52
CA LEU C 81 22.09 -3.63 34.25
C LEU C 81 21.04 -3.99 33.23
N ALA C 82 20.38 -5.14 33.38
CA ALA C 82 19.34 -5.59 32.48
C ALA C 82 17.97 -5.06 32.87
N ALA C 83 17.89 -4.15 33.82
CA ALA C 83 16.61 -3.62 34.24
C ALA C 83 15.98 -2.79 33.13
N LYS C 84 14.71 -2.48 33.31
CA LYS C 84 13.97 -1.70 32.33
C LYS C 84 14.36 -0.23 32.40
N HIS C 85 14.57 0.25 33.61
CA HIS C 85 14.94 1.64 33.81
C HIS C 85 16.32 1.91 33.24
N MET C 86 17.23 0.97 33.39
CA MET C 86 18.59 1.11 32.90
C MET C 86 18.70 0.85 31.41
N SER C 87 17.59 0.54 30.72
CA SER C 87 17.69 -0.09 29.41
C SER C 87 18.18 0.90 28.35
N ASN C 88 18.01 2.19 28.59
CA ASN C 88 18.46 3.15 27.57
C ASN C 88 19.76 3.83 27.93
N THR C 89 20.37 3.48 29.06
CA THR C 89 21.65 4.07 29.43
C THR C 89 22.77 3.50 28.57
N PHE C 90 23.85 4.27 28.44
CA PHE C 90 25.03 3.77 27.77
C PHE C 90 25.72 2.71 28.60
N LEU C 91 25.51 2.72 29.91
CA LEU C 91 26.16 1.77 30.78
C LEU C 91 25.53 0.39 30.63
N ALA C 92 24.26 0.33 30.24
CA ALA C 92 23.60 -0.96 30.07
C ALA C 92 23.65 -1.41 28.63
N GLY C 93 23.81 -0.48 27.69
CA GLY C 93 24.01 -0.86 26.31
C GLY C 93 25.43 -1.36 26.06
N LEU C 94 26.34 -0.99 26.95
CA LEU C 94 27.72 -1.43 26.82
C LEU C 94 27.96 -2.68 27.65
N ALA C 95 27.12 -2.92 28.64
CA ALA C 95 27.29 -4.09 29.50
C ALA C 95 26.59 -5.32 28.94
N GLN C 96 25.83 -5.18 27.85
CA GLN C 96 25.19 -6.33 27.24
C GLN C 96 26.17 -7.20 26.48
N TYR C 97 27.39 -6.74 26.29
CA TYR C 97 28.40 -7.52 25.59
C TYR C 97 29.40 -8.14 26.53
N TYR C 98 29.09 -8.19 27.82
CA TYR C 98 29.96 -8.77 28.83
C TYR C 98 29.09 -9.62 29.74
N THR C 99 29.71 -10.61 30.38
CA THR C 99 28.94 -11.52 31.20
C THR C 99 29.01 -11.20 32.69
N GLN C 100 29.97 -10.39 33.12
CA GLN C 100 30.14 -10.12 34.55
C GLN C 100 30.58 -8.68 34.75
N TYR C 101 30.19 -8.09 35.87
CA TYR C 101 30.67 -6.77 36.23
C TYR C 101 31.07 -6.75 37.69
N SER C 102 31.51 -5.58 38.14
CA SER C 102 31.92 -5.36 39.51
C SER C 102 32.15 -3.88 39.71
N GLY C 103 31.84 -3.40 40.90
CA GLY C 103 32.10 -2.03 41.24
C GLY C 103 30.84 -1.21 41.40
N THR C 104 31.02 0.11 41.35
CA THR C 104 30.04 1.07 41.80
C THR C 104 29.31 1.69 40.61
N ILE C 105 28.01 1.92 40.77
CA ILE C 105 27.18 2.61 39.80
C ILE C 105 26.70 3.91 40.43
N ASN C 106 26.95 5.03 39.75
CA ASN C 106 26.55 6.33 40.24
C ASN C 106 25.20 6.70 39.65
N LEU C 107 24.35 7.32 40.46
CA LEU C 107 23.08 7.88 40.00
C LEU C 107 23.07 9.38 40.25
N HIS C 108 22.71 10.14 39.23
CA HIS C 108 22.74 11.59 39.26
C HIS C 108 21.30 12.10 39.24
N PHE C 109 20.92 12.86 40.25
CA PHE C 109 19.54 13.31 40.43
C PHE C 109 19.50 14.82 40.33
N MET C 110 18.99 15.35 39.21
CA MET C 110 18.95 16.78 38.99
C MET C 110 17.53 17.30 39.05
N PHE C 111 17.28 18.25 39.95
CA PHE C 111 15.95 18.76 40.22
C PHE C 111 15.66 19.94 39.31
N THR C 112 14.43 20.02 38.82
CA THR C 112 14.09 20.84 37.68
C THR C 112 13.05 21.92 37.98
N GLY C 113 12.20 21.70 38.98
CA GLY C 113 11.14 22.62 39.29
C GLY C 113 11.61 24.03 39.60
N PRO C 114 10.66 24.95 39.76
CA PRO C 114 11.01 26.37 39.89
C PRO C 114 11.73 26.67 41.19
N THR C 115 12.00 27.96 41.38
CA THR C 115 12.80 28.37 42.52
C THR C 115 11.99 28.33 43.81
N ASP C 116 10.65 28.38 43.70
CA ASP C 116 9.84 28.34 44.91
C ASP C 116 9.35 26.94 45.20
N ALA C 117 9.69 25.99 44.34
CA ALA C 117 9.39 24.59 44.62
C ALA C 117 10.54 23.97 45.39
N LYS C 118 10.22 23.28 46.47
CA LYS C 118 11.21 22.66 47.33
C LYS C 118 10.81 21.24 47.63
N ALA C 119 11.80 20.37 47.75
CA ALA C 119 11.54 18.96 47.98
C ALA C 119 12.71 18.36 48.74
N ARG C 120 12.46 17.21 49.35
CA ARG C 120 13.49 16.42 49.98
C ARG C 120 13.34 14.97 49.55
N TYR C 121 14.43 14.37 49.11
CA TYR C 121 14.39 13.05 48.52
C TYR C 121 15.25 12.10 49.34
N MET C 122 15.10 10.81 49.05
CA MET C 122 15.82 9.76 49.76
C MET C 122 16.01 8.59 48.83
N ILE C 123 17.27 8.17 48.67
CA ILE C 123 17.62 7.03 47.85
C ILE C 123 18.26 6.01 48.79
N ALA C 124 17.80 4.77 48.75
CA ALA C 124 18.28 3.73 49.64
C ALA C 124 18.68 2.51 48.82
N TYR C 125 19.49 1.65 49.42
CA TYR C 125 19.90 0.39 48.80
C TYR C 125 19.42 -0.77 49.64
N ALA C 126 18.50 -1.56 49.09
CA ALA C 126 18.01 -2.76 49.74
C ALA C 126 18.80 -3.96 49.25
N PRO C 127 19.58 -4.62 50.09
CA PRO C 127 20.31 -5.79 49.62
C PRO C 127 19.36 -6.96 49.44
N PRO C 128 19.76 -7.98 48.69
CA PRO C 128 18.86 -9.10 48.45
C PRO C 128 18.73 -9.99 49.67
N GLY C 129 17.57 -10.62 49.80
CA GLY C 129 17.35 -11.49 50.92
C GLY C 129 15.99 -11.29 51.55
N MET C 130 15.45 -10.08 51.46
CA MET C 130 14.08 -9.83 51.87
C MET C 130 13.49 -8.78 50.95
N GLU C 131 12.16 -8.63 51.02
CA GLU C 131 11.47 -7.73 50.12
C GLU C 131 11.98 -6.31 50.29
N PRO C 132 11.86 -5.47 49.27
CA PRO C 132 12.35 -4.11 49.38
C PRO C 132 11.39 -3.26 50.20
N PRO C 133 11.84 -2.12 50.71
CA PRO C 133 10.98 -1.31 51.57
C PRO C 133 9.89 -0.60 50.81
N LYS C 134 8.84 -0.22 51.53
CA LYS C 134 7.68 0.43 50.94
C LYS C 134 7.43 1.82 51.48
N THR C 135 8.06 2.19 52.59
CA THR C 135 7.96 3.51 53.16
C THR C 135 9.37 4.01 53.45
N PRO C 136 9.57 5.32 53.57
CA PRO C 136 10.91 5.79 53.91
C PRO C 136 11.34 5.42 55.32
N GLU C 137 10.39 5.24 56.23
CA GLU C 137 10.75 4.88 57.60
C GLU C 137 11.29 3.47 57.68
N ALA C 138 10.84 2.58 56.80
CA ALA C 138 11.37 1.23 56.80
C ALA C 138 12.67 1.15 56.02
N ALA C 139 12.85 2.04 55.05
CA ALA C 139 14.07 2.10 54.26
C ALA C 139 15.18 2.87 54.95
N ALA C 140 14.90 3.51 56.08
CA ALA C 140 15.96 4.24 56.78
C ALA C 140 16.89 3.29 57.51
N HIS C 141 16.61 1.99 57.47
CA HIS C 141 17.48 1.04 58.12
C HIS C 141 18.44 0.40 57.14
N CYS C 142 18.39 0.81 55.87
CA CYS C 142 19.28 0.37 54.83
C CYS C 142 20.48 1.31 54.73
N ILE C 143 21.24 1.18 53.65
CA ILE C 143 22.20 2.22 53.29
C ILE C 143 21.49 3.26 52.46
N HIS C 144 21.35 4.47 53.00
CA HIS C 144 20.60 5.49 52.28
C HIS C 144 21.34 6.81 52.33
N ALA C 145 20.93 7.71 51.47
CA ALA C 145 21.36 9.10 51.49
C ALA C 145 20.14 9.96 51.23
N GLU C 146 20.14 11.14 51.81
CA GLU C 146 18.99 12.03 51.80
C GLU C 146 19.46 13.44 51.49
N TRP C 147 18.78 14.09 50.55
CA TRP C 147 19.18 15.43 50.15
C TRP C 147 17.93 16.25 49.89
N ASP C 148 18.11 17.56 49.76
CA ASP C 148 17.02 18.45 49.41
C ASP C 148 17.51 19.50 48.42
N THR C 149 16.55 20.16 47.79
CA THR C 149 16.86 21.05 46.68
C THR C 149 17.32 22.41 47.21
N GLY C 150 18.20 23.05 46.47
CA GLY C 150 18.74 24.33 46.84
C GLY C 150 19.43 25.01 45.69
N LEU C 151 20.53 25.70 45.98
CA LEU C 151 21.28 26.36 44.91
C LEU C 151 21.92 25.34 43.98
N ASN C 152 22.43 24.25 44.55
CA ASN C 152 23.07 23.19 43.77
C ASN C 152 22.00 22.17 43.41
N SER C 153 21.85 21.90 42.11
CA SER C 153 20.64 21.24 41.65
C SER C 153 20.87 19.76 41.32
N LYS C 154 22.08 19.25 41.54
CA LYS C 154 22.33 17.85 41.28
C LYS C 154 22.94 17.17 42.49
N PHE C 155 22.47 15.95 42.77
CA PHE C 155 23.00 15.11 43.83
C PHE C 155 23.36 13.76 43.24
N THR C 156 24.50 13.21 43.67
CA THR C 156 25.03 11.98 43.13
C THR C 156 25.22 10.97 44.25
N PHE C 157 24.60 9.80 44.10
CA PHE C 157 24.70 8.72 45.07
C PHE C 157 25.32 7.51 44.39
N SER C 158 26.19 6.80 45.10
CA SER C 158 26.93 5.67 44.55
C SER C 158 26.35 4.37 45.08
N ILE C 159 25.68 3.62 44.20
CA ILE C 159 25.15 2.31 44.59
C ILE C 159 26.30 1.42 44.98
N PRO C 160 26.38 0.95 46.23
CA PRO C 160 27.55 0.19 46.64
C PRO C 160 27.50 -1.22 46.08
N TYR C 161 28.66 -1.75 45.74
CA TYR C 161 28.76 -3.12 45.27
C TYR C 161 28.90 -4.04 46.47
N LEU C 162 27.77 -4.50 47.00
CA LEU C 162 27.73 -5.57 47.97
C LEU C 162 27.39 -6.84 47.23
N SER C 163 28.15 -7.90 47.47
CA SER C 163 27.84 -9.18 46.87
C SER C 163 28.61 -10.25 47.62
N ALA C 164 28.18 -11.49 47.46
CA ALA C 164 28.92 -12.59 48.04
C ALA C 164 30.18 -12.87 47.24
N ALA C 165 30.07 -12.94 45.92
CA ALA C 165 31.19 -13.17 45.02
C ALA C 165 31.74 -11.84 44.53
N ASP C 166 32.96 -11.90 43.98
CA ASP C 166 33.61 -10.66 43.57
C ASP C 166 33.00 -10.10 42.29
N TYR C 167 32.34 -10.94 41.51
CA TYR C 167 31.75 -10.52 40.25
C TYR C 167 30.29 -10.95 40.21
N ALA C 168 29.50 -10.21 39.45
CA ALA C 168 28.08 -10.50 39.31
C ALA C 168 27.71 -10.50 37.83
N TYR C 169 26.64 -11.19 37.50
CA TYR C 169 26.23 -11.32 36.11
C TYR C 169 25.57 -10.03 35.63
N THR C 170 25.73 -9.74 34.34
CA THR C 170 25.02 -8.61 33.77
C THR C 170 23.68 -9.03 33.17
N ALA C 171 23.49 -10.32 32.96
CA ALA C 171 22.23 -10.83 32.49
C ALA C 171 21.39 -11.33 33.65
N SER C 172 20.17 -11.77 33.34
CA SER C 172 19.22 -12.25 34.32
C SER C 172 18.54 -13.49 33.78
N ASP C 173 18.38 -14.52 34.62
CA ASP C 173 17.82 -15.78 34.18
C ASP C 173 16.51 -16.14 34.86
N THR C 174 16.53 -16.27 36.18
CA THR C 174 15.39 -16.70 37.01
C THR C 174 15.58 -15.96 38.33
N ALA C 175 14.67 -16.13 39.29
CA ALA C 175 14.95 -15.64 40.63
C ALA C 175 16.14 -16.41 41.19
N GLU C 176 17.31 -15.76 41.20
CA GLU C 176 18.57 -16.36 41.60
C GLU C 176 19.43 -15.25 42.22
N THR C 177 20.49 -15.66 42.90
CA THR C 177 21.35 -14.66 43.54
C THR C 177 21.95 -13.70 42.54
N THR C 178 22.75 -14.22 41.61
CA THR C 178 23.63 -13.36 40.81
C THR C 178 22.84 -12.37 39.95
N ASN C 179 21.56 -12.65 39.69
CA ASN C 179 20.82 -11.78 38.79
C ASN C 179 19.92 -10.80 39.53
N VAL C 180 19.66 -11.05 40.82
CA VAL C 180 19.05 -10.05 41.68
C VAL C 180 20.09 -9.63 42.71
N GLN C 181 20.61 -8.42 42.53
CA GLN C 181 21.54 -7.78 43.44
C GLN C 181 20.84 -6.83 44.40
N GLY C 182 19.59 -7.10 44.71
CA GLY C 182 18.85 -6.20 45.53
C GLY C 182 18.10 -5.18 44.70
N TRP C 183 17.72 -4.10 45.36
CA TRP C 183 16.93 -3.05 44.76
C TRP C 183 17.58 -1.71 45.05
N VAL C 184 17.03 -0.67 44.44
CA VAL C 184 17.41 0.70 44.70
C VAL C 184 16.14 1.54 44.70
N CYS C 185 15.82 2.11 45.86
CA CYS C 185 14.51 2.65 46.15
C CYS C 185 14.59 4.15 46.34
N LEU C 186 13.86 4.89 45.50
CA LEU C 186 13.82 6.34 45.57
C LEU C 186 12.53 6.79 46.22
N PHE C 187 12.65 7.57 47.30
CA PHE C 187 11.50 8.04 48.05
C PHE C 187 11.47 9.55 48.02
N GLN C 188 10.33 10.11 48.37
CA GLN C 188 10.16 11.55 48.51
C GLN C 188 9.79 11.84 49.94
N ILE C 189 10.72 12.45 50.70
CA ILE C 189 10.45 12.69 52.10
C ILE C 189 9.39 13.77 52.26
N THR C 190 9.64 14.93 51.67
CA THR C 190 8.73 16.07 51.80
C THR C 190 8.73 16.80 50.46
N HIS C 191 7.76 17.69 50.28
CA HIS C 191 7.86 18.67 49.22
C HIS C 191 7.03 19.88 49.59
N GLY C 192 7.46 21.05 49.11
CA GLY C 192 6.68 22.24 49.32
C GLY C 192 6.33 22.92 48.02
N LYS C 193 5.05 22.88 47.66
CA LYS C 193 4.56 23.44 46.40
C LYS C 193 5.39 22.95 45.22
N ALA C 194 5.74 21.67 45.24
CA ALA C 194 6.49 21.05 44.16
C ALA C 194 5.62 20.18 43.28
N ASP C 195 4.37 20.57 43.08
CA ASP C 195 3.41 19.70 42.42
C ASP C 195 3.67 19.64 40.92
N GLY C 196 3.92 18.43 40.43
CA GLY C 196 4.17 18.24 39.02
C GLY C 196 5.55 18.60 38.55
N ASP C 197 6.51 18.74 39.46
CA ASP C 197 7.88 18.99 39.03
C ASP C 197 8.47 17.73 38.42
N ALA C 198 9.74 17.83 38.08
CA ALA C 198 10.47 16.72 37.49
C ALA C 198 11.81 16.60 38.17
N LEU C 199 12.23 15.37 38.41
CA LEU C 199 13.56 15.05 38.90
C LEU C 199 14.21 14.14 37.87
N VAL C 200 14.88 14.72 36.89
CA VAL C 200 15.56 13.95 35.87
C VAL C 200 16.70 13.21 36.55
N VAL C 201 16.97 11.99 36.10
CA VAL C 201 17.98 11.16 36.72
C VAL C 201 18.84 10.52 35.65
N LEU C 202 20.14 10.52 35.87
CA LEU C 202 21.15 10.01 34.98
C LEU C 202 21.75 8.77 35.63
N ALA C 203 22.72 8.16 34.95
CA ALA C 203 23.47 7.07 35.54
C ALA C 203 24.78 6.91 34.79
N SER C 204 25.82 6.53 35.53
CA SER C 204 27.14 6.35 34.94
C SER C 204 27.88 5.29 35.73
N ALA C 205 29.17 5.15 35.41
CA ALA C 205 29.99 4.16 36.08
C ALA C 205 30.82 4.82 37.17
N GLY C 206 31.09 4.06 38.23
CA GLY C 206 31.86 4.57 39.34
C GLY C 206 33.33 4.53 39.07
N LYS C 207 34.11 4.92 40.09
CA LYS C 207 35.56 4.84 39.99
C LYS C 207 36.01 3.41 39.73
N ASP C 208 35.52 2.47 40.52
CA ASP C 208 35.96 1.09 40.47
C ASP C 208 35.05 0.19 39.67
N PHE C 209 34.17 0.75 38.85
CA PHE C 209 33.31 -0.08 38.02
C PHE C 209 34.16 -0.85 37.03
N GLU C 210 33.87 -2.15 36.91
CA GLU C 210 34.63 -3.04 36.07
C GLU C 210 33.65 -3.92 35.30
N LEU C 211 34.08 -4.42 34.16
CA LEU C 211 33.21 -5.14 33.26
C LEU C 211 34.07 -6.04 32.39
N ARG C 212 33.92 -7.35 32.53
CA ARG C 212 34.87 -8.27 31.90
C ARG C 212 34.15 -9.44 31.24
N LEU C 213 34.95 -10.28 30.54
CA LEU C 213 34.48 -11.45 29.81
C LEU C 213 33.52 -11.15 28.67
N PRO C 214 34.02 -10.59 27.56
CA PRO C 214 33.14 -10.25 26.43
C PRO C 214 32.27 -11.42 26.01
N VAL C 215 31.13 -11.10 25.39
CA VAL C 215 30.23 -12.10 24.85
C VAL C 215 29.35 -11.39 23.82
N ASP C 216 28.75 -12.17 22.93
CA ASP C 216 27.88 -11.66 21.88
C ASP C 216 26.56 -12.41 21.94
N ALA C 217 25.57 -11.84 22.64
CA ALA C 217 24.27 -12.50 22.68
C ALA C 217 23.45 -12.17 21.44
N ARG C 218 23.00 -10.92 21.30
CA ARG C 218 22.32 -10.42 20.10
C ARG C 218 21.88 -8.97 20.30
N THR C 219 21.29 -8.37 19.25
CA THR C 219 20.42 -7.19 19.38
C THR C 219 21.15 -5.95 19.88
N GLN C 220 21.94 -5.34 19.00
CA GLN C 220 22.70 -4.15 19.34
C GLN C 220 21.91 -3.24 20.28
N SER D 1 49.54 -5.08 21.28
CA SER D 1 48.85 -3.89 21.75
C SER D 1 47.36 -4.16 21.89
N GLY D 2 46.82 -4.88 20.93
CA GLY D 2 45.41 -5.18 20.95
C GLY D 2 45.11 -6.54 21.54
N ASN D 3 44.57 -7.45 20.73
CA ASN D 3 44.17 -8.77 21.21
C ASN D 3 45.40 -9.66 21.22
N THR D 4 45.99 -9.85 22.41
CA THR D 4 47.01 -10.87 22.62
C THR D 4 46.79 -11.53 23.97
N GLY D 5 46.72 -12.85 23.96
CA GLY D 5 46.98 -13.68 25.11
C GLY D 5 48.24 -14.49 24.87
N SER D 6 48.91 -14.22 23.73
CA SER D 6 50.23 -14.76 23.39
C SER D 6 51.04 -13.71 22.65
N ILE D 7 52.34 -13.99 22.48
CA ILE D 7 53.32 -13.02 22.03
C ILE D 7 54.18 -13.53 20.89
N ILE D 8 53.72 -14.50 20.11
CA ILE D 8 54.55 -14.90 18.97
C ILE D 8 54.71 -13.70 18.06
N ASN D 9 55.95 -13.21 17.95
CA ASN D 9 56.19 -12.00 17.19
C ASN D 9 56.26 -12.32 15.69
N ASN D 10 56.73 -11.35 14.92
CA ASN D 10 56.45 -11.35 13.50
C ASN D 10 57.67 -11.80 12.70
N TYR D 11 57.44 -12.73 11.76
CA TYR D 11 58.42 -13.02 10.74
C TYR D 11 58.81 -11.76 10.00
N TYR D 12 57.82 -10.90 9.72
CA TYR D 12 57.91 -9.87 8.70
C TYR D 12 58.25 -8.53 9.31
N MET D 13 58.74 -7.63 8.46
CA MET D 13 58.99 -6.27 8.90
C MET D 13 57.69 -5.53 9.13
N GLN D 14 57.74 -4.57 10.06
CA GLN D 14 56.59 -3.71 10.31
C GLN D 14 56.14 -3.00 9.04
N GLN D 15 57.07 -2.85 8.09
CA GLN D 15 56.78 -2.12 6.86
C GLN D 15 55.86 -2.93 5.96
N TYR D 16 55.65 -4.21 6.28
CA TYR D 16 54.80 -5.06 5.45
C TYR D 16 53.60 -5.57 6.24
N GLN D 17 53.72 -5.67 7.56
CA GLN D 17 52.61 -6.19 8.35
C GLN D 17 51.47 -5.18 8.43
N ASN D 18 51.78 -3.93 8.73
CA ASN D 18 50.77 -2.91 8.90
C ASN D 18 50.97 -1.81 7.87
N SER D 19 50.21 -0.73 8.04
CA SER D 19 50.49 0.51 7.35
C SER D 19 51.16 1.49 8.29
N MET D 20 52.17 2.18 7.79
CA MET D 20 53.01 3.01 8.65
C MET D 20 52.35 4.36 8.88
N ASP D 21 52.39 4.83 10.11
CA ASP D 21 51.83 6.13 10.46
C ASP D 21 52.80 7.24 10.08
N THR D 22 52.25 8.45 9.92
CA THR D 22 53.04 9.63 9.63
C THR D 22 52.63 10.75 10.58
N GLN D 23 53.60 11.52 11.04
CA GLN D 23 53.38 12.59 12.00
C GLN D 23 53.32 13.91 11.27
N LEU D 24 52.32 14.72 11.58
CA LEU D 24 52.18 16.04 11.01
C LEU D 24 52.70 17.08 12.01
N GLY D 25 53.32 18.13 11.49
CA GLY D 25 53.83 19.19 12.34
C GLY D 25 55.00 18.77 13.20
N ASP D 26 55.67 19.75 13.80
N ASN D 50 42.46 7.86 25.01
CA ASN D 50 43.34 8.19 26.11
C ASN D 50 43.61 9.68 26.08
N ASP D 51 43.42 10.31 24.93
CA ASP D 51 43.60 11.75 24.88
C ASP D 51 42.43 12.38 25.64
N TRP D 52 41.20 12.28 25.17
CA TRP D 52 40.19 13.19 25.69
C TRP D 52 39.40 12.54 26.81
N PHE D 53 38.82 11.38 26.55
CA PHE D 53 37.91 10.79 27.53
C PHE D 53 38.67 10.10 28.65
N SER D 54 40.00 10.09 28.60
CA SER D 54 40.77 9.62 29.73
C SER D 54 41.17 10.78 30.64
N LYS D 55 41.39 11.95 30.06
CA LYS D 55 41.61 13.14 30.88
C LYS D 55 40.30 13.68 31.41
N LEU D 56 39.19 13.38 30.72
CA LEU D 56 37.91 13.93 31.13
C LEU D 56 37.34 13.14 32.29
N ALA D 57 37.58 11.83 32.32
CA ALA D 57 37.12 11.03 33.44
C ALA D 57 38.07 11.13 34.63
N SER D 58 39.30 11.59 34.38
CA SER D 58 40.26 11.71 35.47
C SER D 58 40.14 13.07 36.16
N SER D 59 39.64 14.06 35.45
CA SER D 59 39.30 15.35 36.04
C SER D 59 37.95 15.34 36.71
N ALA D 60 37.38 14.17 36.95
CA ALA D 60 36.06 14.09 37.56
C ALA D 60 36.14 14.53 39.02
N PHE D 61 35.28 15.47 39.38
CA PHE D 61 35.21 15.98 40.74
C PHE D 61 34.67 14.87 41.63
N SER D 62 35.54 14.29 42.46
CA SER D 62 35.14 13.15 43.26
C SER D 62 34.76 13.56 44.67
N GLY D 63 35.46 14.54 45.23
CA GLY D 63 35.29 14.84 46.64
C GLY D 63 33.92 15.39 46.95
N LEU D 64 33.51 15.25 48.21
CA LEU D 64 32.26 15.81 48.70
C LEU D 64 32.33 17.33 48.66
N PHE D 65 31.20 17.96 48.31
CA PHE D 65 31.21 19.39 48.01
C PHE D 65 30.75 20.24 49.20
N GLY D 66 29.93 19.66 50.08
CA GLY D 66 29.46 20.41 51.22
C GLY D 66 30.51 20.59 52.31
N ALA D 67 30.03 21.03 53.47
CA ALA D 67 30.86 21.13 54.68
C ALA D 67 30.58 19.93 55.56
N LEU D 68 31.37 18.87 55.36
CA LEU D 68 31.08 17.59 56.00
C LEU D 68 31.14 17.68 57.51
N LEU D 69 30.02 17.36 58.16
CA LEU D 69 29.96 17.23 59.60
C LEU D 69 29.76 15.76 59.95
N ALA D 70 30.29 15.37 61.10
CA ALA D 70 30.24 13.98 61.56
C ALA D 70 30.94 13.05 60.59
N PHE E 1 -42.62 6.40 -5.71
CA PHE E 1 -43.53 5.94 -6.75
C PHE E 1 -44.35 7.09 -7.32
N ASN E 2 -44.30 8.23 -6.64
CA ASN E 2 -45.13 9.38 -7.00
C ASN E 2 -44.40 10.43 -7.85
N LEU E 3 -43.15 10.14 -8.22
CA LEU E 3 -42.38 11.06 -9.04
C LEU E 3 -42.91 11.10 -10.47
N ASP E 4 -42.97 12.31 -11.03
CA ASP E 4 -43.41 12.49 -12.40
C ASP E 4 -42.32 12.10 -13.39
N VAL E 5 -42.67 11.26 -14.36
CA VAL E 5 -41.71 10.79 -15.35
C VAL E 5 -42.16 11.17 -16.76
N ASP E 6 -43.43 11.50 -16.91
CA ASP E 6 -43.99 11.88 -18.20
C ASP E 6 -43.29 13.10 -18.79
N SER E 7 -43.32 14.22 -18.07
CA SER E 7 -42.67 15.44 -18.51
C SER E 7 -41.85 16.09 -17.39
N PRO E 8 -40.67 15.51 -17.10
CA PRO E 8 -39.77 16.08 -16.09
C PRO E 8 -38.93 17.20 -16.68
N ALA E 9 -38.46 18.10 -15.82
CA ALA E 9 -37.71 19.27 -16.27
C ALA E 9 -36.29 18.90 -16.68
N GLU E 10 -35.95 19.17 -17.94
CA GLU E 10 -34.61 18.90 -18.45
C GLU E 10 -33.78 20.17 -18.55
N TYR E 11 -32.51 20.06 -18.20
CA TYR E 11 -31.58 21.19 -18.29
C TYR E 11 -30.27 20.70 -18.88
N SER E 12 -29.64 21.55 -19.69
CA SER E 12 -28.40 21.17 -20.37
C SER E 12 -27.33 22.25 -20.30
N GLY E 13 -26.16 21.94 -20.85
CA GLY E 13 -25.05 22.87 -20.89
C GLY E 13 -24.12 22.57 -22.04
N PRO E 14 -22.94 23.20 -22.05
CA PRO E 14 -21.92 22.98 -23.10
C PRO E 14 -21.45 21.53 -23.08
N GLU E 15 -21.27 20.93 -24.25
CA GLU E 15 -20.82 19.54 -24.30
C GLU E 15 -19.35 19.40 -23.90
N GLY E 16 -19.10 18.57 -22.90
CA GLY E 16 -17.76 18.37 -22.39
C GLY E 16 -17.53 19.16 -21.11
N SER E 17 -18.53 19.93 -20.71
CA SER E 17 -18.41 20.77 -19.51
C SER E 17 -18.79 20.01 -18.24
N TYR E 18 -19.18 18.75 -18.40
CA TYR E 18 -19.65 17.92 -17.30
C TYR E 18 -20.80 18.57 -16.53
N PHE E 19 -21.80 19.03 -17.27
CA PHE E 19 -22.98 19.65 -16.68
C PHE E 19 -23.82 18.58 -16.00
N GLY E 20 -23.79 18.56 -14.66
CA GLY E 20 -24.56 17.60 -13.90
C GLY E 20 -23.71 16.77 -12.97
N PHE E 21 -22.43 17.13 -12.85
CA PHE E 21 -21.51 16.43 -11.96
C PHE E 21 -21.88 16.68 -10.50
N ALA E 22 -22.54 17.82 -10.25
CA ALA E 22 -23.03 18.16 -8.92
C ALA E 22 -24.30 18.98 -9.03
N VAL E 23 -25.27 18.69 -8.17
CA VAL E 23 -26.55 19.39 -8.21
C VAL E 23 -27.09 19.70 -6.81
N ASP E 24 -27.86 20.78 -6.72
CA ASP E 24 -28.50 21.15 -5.46
C ASP E 24 -29.67 22.09 -5.72
N PHE E 25 -30.46 22.34 -4.69
CA PHE E 25 -31.53 23.33 -4.76
C PHE E 25 -31.06 24.65 -4.16
N PHE E 26 -31.60 25.75 -4.65
CA PHE E 26 -31.31 27.06 -4.07
C PHE E 26 -32.58 27.81 -3.70
N VAL E 27 -32.88 27.86 -2.41
CA VAL E 27 -34.07 28.56 -1.92
C VAL E 27 -33.70 29.74 -1.01
N PRO E 28 -33.70 30.95 -1.57
CA PRO E 28 -33.35 32.17 -0.85
C PRO E 28 -34.53 32.81 -0.14
N SER E 29 -34.63 34.12 -0.21
CA SER E 29 -35.73 34.86 0.42
C SER E 29 -36.11 36.08 -0.40
N SER E 32 -38.59 35.28 -2.80
CA SER E 32 -39.32 34.03 -2.59
C SER E 32 -39.39 33.22 -3.87
N ARG E 33 -38.28 33.19 -4.61
CA ARG E 33 -38.20 32.46 -5.87
C ARG E 33 -37.37 31.19 -5.68
N MET E 34 -37.59 30.21 -6.55
CA MET E 34 -36.91 28.91 -6.42
C MET E 34 -36.01 28.63 -7.62
N PHE E 35 -34.81 28.13 -7.35
CA PHE E 35 -33.84 27.91 -8.42
C PHE E 35 -33.14 26.54 -8.33
N LEU E 36 -32.33 26.24 -9.33
CA LEU E 36 -31.59 24.99 -9.39
C LEU E 36 -30.10 25.26 -9.57
N LEU E 37 -29.27 24.55 -8.81
CA LEU E 37 -27.82 24.69 -8.91
C LEU E 37 -27.19 23.47 -9.57
N VAL E 38 -26.55 23.68 -10.71
CA VAL E 38 -25.87 22.60 -11.40
C VAL E 38 -24.37 22.87 -11.50
N GLY E 39 -23.56 21.90 -11.09
CA GLY E 39 -22.13 22.05 -11.16
C GLY E 39 -21.56 21.56 -12.48
N ALA E 40 -20.85 22.43 -13.18
CA ALA E 40 -20.18 22.06 -14.42
C ALA E 40 -18.69 22.36 -14.29
N PRO E 41 -17.93 21.41 -13.72
CA PRO E 41 -16.52 21.59 -13.38
C PRO E 41 -15.57 21.66 -14.58
N LYS E 42 -16.09 21.41 -15.78
CA LYS E 42 -15.28 21.49 -16.99
C LYS E 42 -15.76 22.58 -17.94
N ALA E 43 -16.58 23.48 -17.43
CA ALA E 43 -17.13 24.55 -18.26
C ALA E 43 -16.11 25.68 -18.45
N ASN E 44 -15.96 26.12 -19.69
CA ASN E 44 -15.09 27.25 -19.99
C ASN E 44 -15.66 28.55 -19.42
N THR E 45 -14.77 29.40 -18.91
CA THR E 45 -15.18 30.69 -18.38
C THR E 45 -14.50 31.83 -19.12
N THR E 46 -14.95 33.06 -18.86
CA THR E 46 -14.35 34.24 -19.49
C THR E 46 -13.19 34.76 -18.65
N GLN E 47 -12.81 34.01 -17.62
CA GLN E 47 -11.68 34.37 -16.77
C GLN E 47 -10.40 34.43 -17.61
N PRO E 48 -9.61 35.50 -17.42
CA PRO E 48 -8.41 35.78 -18.22
C PRO E 48 -7.42 34.63 -18.25
N GLY E 49 -7.31 33.98 -19.42
CA GLY E 49 -6.33 32.93 -19.63
C GLY E 49 -6.55 31.69 -18.78
N ILE E 50 -7.81 31.29 -18.60
CA ILE E 50 -8.13 30.09 -17.84
C ILE E 50 -9.04 29.16 -18.62
N VAL E 51 -8.47 28.10 -19.18
CA VAL E 51 -9.23 27.13 -19.95
C VAL E 51 -9.90 26.11 -19.04
N GLU E 52 -11.21 25.96 -19.21
CA GLU E 52 -12.02 25.07 -18.37
C GLU E 52 -11.80 25.32 -16.89
N GLY E 53 -12.17 26.51 -16.43
CA GLY E 53 -12.07 26.84 -15.02
C GLY E 53 -13.20 26.19 -14.24
N GLY E 54 -14.31 25.92 -14.93
CA GLY E 54 -15.47 25.35 -14.30
C GLY E 54 -16.35 26.41 -13.67
N GLN E 55 -17.66 26.26 -13.80
CA GLN E 55 -18.59 27.22 -13.25
C GLN E 55 -19.84 26.54 -12.68
N VAL E 56 -20.54 27.27 -11.82
CA VAL E 56 -21.81 26.79 -11.28
C VAL E 56 -22.95 27.61 -11.85
N LEU E 57 -23.99 26.94 -12.33
CA LEU E 57 -25.09 27.62 -13.00
C LEU E 57 -26.37 27.63 -12.16
N LYS E 58 -26.97 28.81 -12.04
CA LYS E 58 -28.27 28.93 -11.39
C LYS E 58 -29.35 28.77 -12.43
N CYS E 59 -30.07 27.66 -12.36
CA CYS E 59 -31.09 27.35 -13.36
C CYS E 59 -32.48 27.77 -12.91
N ASP E 60 -33.04 28.74 -13.63
CA ASP E 60 -34.36 29.27 -13.32
C ASP E 60 -35.42 28.20 -13.54
N TRP E 61 -36.10 27.80 -12.46
CA TRP E 61 -37.18 26.84 -12.58
C TRP E 61 -38.46 27.53 -13.02
N SER E 62 -38.62 28.79 -12.62
CA SER E 62 -39.78 29.58 -13.00
C SER E 62 -39.78 29.85 -14.49
N SER E 63 -40.92 29.56 -15.14
CA SER E 63 -41.11 29.79 -16.56
C SER E 63 -40.11 29.02 -17.44
N THR E 64 -39.29 29.76 -18.19
CA THR E 64 -38.36 29.18 -19.15
C THR E 64 -37.28 28.32 -18.50
N ARG E 65 -36.52 27.62 -19.33
CA ARG E 65 -35.45 26.76 -18.86
C ARG E 65 -34.09 27.42 -19.08
N ARG E 66 -33.91 28.59 -18.49
CA ARG E 66 -32.66 29.33 -18.61
C ARG E 66 -31.71 29.02 -17.45
N CYS E 67 -30.45 28.75 -17.77
CA CYS E 67 -29.44 28.49 -16.75
C CYS E 67 -28.35 29.55 -16.77
N GLN E 68 -28.52 30.60 -15.97
CA GLN E 68 -27.53 31.66 -15.88
C GLN E 68 -26.38 31.27 -14.95
N PRO E 69 -25.14 31.35 -15.47
CA PRO E 69 -23.93 31.05 -14.67
C PRO E 69 -23.81 31.99 -13.49
N ILE E 70 -23.10 31.56 -12.45
CA ILE E 70 -22.90 32.41 -11.27
C ILE E 70 -21.43 32.80 -11.15
N GLU E 71 -21.18 34.10 -11.02
CA GLU E 71 -19.82 34.60 -10.87
C GLU E 71 -19.38 34.63 -9.41
N PHE E 72 -18.62 33.61 -9.01
CA PHE E 72 -17.98 33.60 -7.70
C PHE E 72 -16.63 34.29 -7.85
N ASP E 73 -15.96 34.02 -8.96
CA ASP E 73 -14.65 34.58 -9.25
C ASP E 73 -14.50 34.80 -10.75
N ALA E 74 -14.29 36.05 -11.15
CA ALA E 74 -14.16 36.39 -12.55
C ALA E 74 -12.70 36.63 -12.93
N THR E 75 -11.84 36.63 -11.93
CA THR E 75 -10.43 36.95 -12.12
C THR E 75 -9.62 35.75 -12.62
N GLY E 76 -8.38 36.03 -13.05
CA GLY E 76 -7.47 34.99 -13.49
C GLY E 76 -6.53 34.59 -12.38
N ASN E 77 -5.35 34.10 -12.75
CA ASN E 77 -4.35 33.69 -11.77
C ASN E 77 -3.63 34.87 -11.13
N ARG E 78 -3.83 35.06 -9.83
CA ARG E 78 -3.10 36.08 -9.09
C ARG E 78 -1.61 35.74 -9.07
N ASP E 79 -0.76 36.75 -8.92
CA ASP E 79 0.67 36.53 -8.91
C ASP E 79 1.27 36.66 -7.50
N TYR E 80 2.24 35.81 -7.21
CA TYR E 80 2.96 35.85 -5.95
C TYR E 80 3.94 37.00 -5.99
N ALA E 81 4.67 37.11 -7.10
CA ALA E 81 5.58 38.21 -7.34
C ALA E 81 5.48 38.62 -8.81
N LYS E 82 6.47 39.35 -9.30
CA LYS E 82 6.50 39.72 -10.70
C LYS E 82 6.86 38.51 -11.55
N ASP E 83 6.04 38.22 -12.55
CA ASP E 83 6.22 37.07 -13.44
C ASP E 83 6.31 35.76 -12.66
N ASP E 84 5.45 35.60 -11.67
CA ASP E 84 5.42 34.40 -10.84
C ASP E 84 4.00 34.15 -10.35
N PRO E 85 3.21 33.39 -11.12
CA PRO E 85 1.82 33.09 -10.78
C PRO E 85 1.69 32.43 -9.42
N LEU E 86 0.68 32.83 -8.66
CA LEU E 86 0.43 32.27 -7.34
C LEU E 86 -0.45 31.02 -7.42
N GLU E 87 -1.37 31.01 -8.37
CA GLU E 87 -2.34 29.92 -8.48
C GLU E 87 -2.50 29.42 -9.91
N PHE E 88 -3.22 28.31 -10.05
CA PHE E 88 -3.46 27.70 -11.36
C PHE E 88 -4.91 27.26 -11.46
N LYS E 89 -5.78 28.18 -11.86
CA LYS E 89 -7.21 27.90 -11.90
C LYS E 89 -7.61 27.11 -13.13
N SER E 90 -6.68 26.93 -14.06
CA SER E 90 -6.95 26.13 -15.25
C SER E 90 -7.23 24.69 -14.85
N HIS E 91 -8.36 24.17 -15.30
CA HIS E 91 -8.78 22.80 -15.00
C HIS E 91 -8.93 22.54 -13.51
N GLN E 92 -9.31 23.58 -12.76
CA GLN E 92 -9.42 23.47 -11.31
C GLN E 92 -10.67 22.71 -10.86
N TRP E 93 -11.50 22.34 -11.82
CA TRP E 93 -12.72 21.59 -11.57
C TRP E 93 -13.68 22.30 -10.61
N PHE E 94 -13.77 23.62 -10.73
CA PHE E 94 -14.70 24.38 -9.89
C PHE E 94 -16.14 24.02 -10.20
N GLY E 95 -16.90 23.71 -9.16
CA GLY E 95 -18.27 23.27 -9.35
C GLY E 95 -18.39 21.76 -9.25
N ALA E 96 -17.30 21.10 -8.89
CA ALA E 96 -17.29 19.65 -8.71
C ALA E 96 -18.14 19.26 -7.51
N SER E 97 -18.32 20.21 -6.59
CA SER E 97 -19.19 20.00 -5.44
C SER E 97 -19.92 21.30 -5.08
N VAL E 98 -21.24 21.27 -5.13
CA VAL E 98 -22.06 22.44 -4.82
C VAL E 98 -23.05 22.15 -3.70
N ARG E 99 -23.03 22.98 -2.66
CA ARG E 99 -23.92 22.81 -1.53
C ARG E 99 -24.53 24.16 -1.15
N SER E 100 -25.85 24.17 -0.95
CA SER E 100 -26.57 25.42 -0.67
C SER E 100 -27.44 25.32 0.57
N LYS E 101 -27.50 26.42 1.31
CA LYS E 101 -28.34 26.52 2.50
C LYS E 101 -28.90 27.93 2.61
N GLN E 102 -30.19 28.06 2.29
CA GLN E 102 -30.87 29.35 2.29
C GLN E 102 -30.22 30.34 1.33
N ASP E 103 -29.59 31.37 1.88
CA ASP E 103 -28.95 32.39 1.05
C ASP E 103 -27.49 32.04 0.74
N LYS E 104 -26.98 31.02 1.41
CA LYS E 104 -25.57 30.66 1.29
C LYS E 104 -25.31 29.56 0.27
N ILE E 105 -24.52 29.88 -0.76
CA ILE E 105 -24.10 28.90 -1.76
C ILE E 105 -22.61 28.62 -1.65
N LEU E 106 -22.26 27.35 -1.46
CA LEU E 106 -20.85 26.96 -1.38
C LEU E 106 -20.47 26.03 -2.53
N ALA E 107 -19.53 26.48 -3.35
CA ALA E 107 -19.00 25.66 -4.42
C ALA E 107 -17.50 25.50 -4.23
N CYS E 108 -16.92 24.45 -4.81
CA CYS E 108 -15.50 24.16 -4.59
C CYS E 108 -14.75 23.72 -5.83
N ALA E 109 -13.43 23.88 -5.79
CA ALA E 109 -12.55 23.46 -6.87
C ALA E 109 -11.49 22.52 -6.33
N PRO E 110 -11.77 21.21 -6.34
CA PRO E 110 -10.90 20.17 -5.78
C PRO E 110 -9.54 20.11 -6.46
N LEU E 111 -9.48 20.44 -7.74
CA LEU E 111 -8.21 20.37 -8.48
C LEU E 111 -7.60 21.74 -8.74
N TYR E 112 -7.89 22.68 -7.84
CA TYR E 112 -7.25 23.98 -7.86
C TYR E 112 -5.84 23.85 -7.30
N HIS E 113 -4.85 24.25 -8.11
CA HIS E 113 -3.46 24.18 -7.67
C HIS E 113 -2.94 25.53 -7.20
N TRP E 114 -1.96 25.50 -6.31
CA TRP E 114 -1.48 26.70 -5.64
C TRP E 114 0.03 26.68 -5.42
N ARG E 115 0.69 27.75 -5.81
CA ARG E 115 2.13 27.90 -5.58
C ARG E 115 2.37 28.23 -4.11
N THR E 116 3.34 27.57 -3.51
CA THR E 116 3.71 27.81 -2.12
C THR E 116 4.18 29.26 -1.95
N GLU E 117 4.16 29.76 -0.71
CA GLU E 117 4.69 31.08 -0.42
C GLU E 117 6.21 31.03 -0.24
N MET E 118 6.79 29.89 -0.55
CA MET E 118 8.24 29.72 -0.52
C MET E 118 8.77 29.32 -1.89
N LYS E 119 8.99 28.03 -2.09
CA LYS E 119 9.46 27.56 -3.39
C LYS E 119 8.34 27.56 -4.42
N GLN E 120 8.71 27.48 -5.69
CA GLN E 120 7.72 27.49 -6.77
C GLN E 120 7.16 26.11 -7.03
N GLU E 121 6.06 25.79 -6.35
CA GLU E 121 5.42 24.48 -6.48
C GLU E 121 4.06 24.61 -7.13
N ARG E 122 3.41 23.48 -7.36
CA ARG E 122 2.06 23.45 -7.90
C ARG E 122 1.28 22.36 -7.18
N GLU E 123 0.72 22.71 -6.03
CA GLU E 123 0.07 21.75 -5.15
C GLU E 123 -1.44 21.96 -5.08
N PRO E 124 -2.21 20.87 -5.27
CA PRO E 124 -3.68 20.89 -5.28
C PRO E 124 -4.27 20.94 -3.88
N VAL E 125 -4.23 22.11 -3.26
CA VAL E 125 -4.84 22.30 -1.95
C VAL E 125 -6.35 22.37 -2.05
N GLY E 126 -6.84 22.70 -3.25
CA GLY E 126 -8.25 22.90 -3.47
C GLY E 126 -8.74 24.22 -2.88
N THR E 127 -9.81 24.77 -3.43
CA THR E 127 -10.36 26.00 -2.91
C THR E 127 -11.88 26.04 -3.06
N CYS E 128 -12.51 26.96 -2.34
CA CYS E 128 -13.96 27.12 -2.38
C CYS E 128 -14.35 28.60 -2.41
N PHE E 129 -15.56 28.87 -2.85
CA PHE E 129 -16.10 30.23 -2.83
C PHE E 129 -17.47 30.26 -2.18
N LEU E 130 -17.56 30.97 -1.05
CA LEU E 130 -18.81 31.07 -0.30
C LEU E 130 -19.51 32.38 -0.62
N GLN E 131 -20.79 32.28 -1.00
CA GLN E 131 -21.57 33.45 -1.37
C GLN E 131 -22.83 33.59 -0.50
N ASP E 132 -22.98 34.75 0.12
CA ASP E 132 -24.16 35.04 0.94
C ASP E 132 -24.91 36.23 0.36
N GLY E 133 -25.72 35.96 -0.65
CA GLY E 133 -26.47 37.01 -1.32
C GLY E 133 -25.57 37.96 -2.12
N THR E 134 -25.22 39.08 -1.50
CA THR E 134 -24.36 40.07 -2.15
C THR E 134 -22.89 39.81 -1.84
N LYS E 135 -22.63 39.15 -0.72
CA LYS E 135 -21.28 38.82 -0.29
C LYS E 135 -20.73 37.61 -1.04
N THR E 136 -19.41 37.55 -1.17
CA THR E 136 -18.74 36.41 -1.80
C THR E 136 -17.27 36.38 -1.39
N VAL E 137 -16.90 35.40 -0.58
CA VAL E 137 -15.52 35.29 -0.10
C VAL E 137 -14.89 34.01 -0.61
N GLU E 138 -13.59 33.85 -0.34
CA GLU E 138 -12.88 32.62 -0.70
C GLU E 138 -12.54 31.83 0.56
N TYR E 139 -12.66 30.51 0.47
CA TYR E 139 -12.44 29.64 1.62
C TYR E 139 -11.53 28.47 1.26
N ALA E 140 -10.23 28.64 1.51
CA ALA E 140 -9.25 27.60 1.23
C ALA E 140 -8.48 27.21 2.50
N PRO E 141 -9.09 26.37 3.33
CA PRO E 141 -8.51 25.98 4.63
C PRO E 141 -7.26 25.12 4.50
N CYS E 142 -7.11 24.42 3.37
CA CYS E 142 -5.94 23.58 3.15
C CYS E 142 -4.79 24.36 2.53
N ARG E 143 -5.08 25.58 2.06
CA ARG E 143 -4.06 26.45 1.52
C ARG E 143 -3.36 27.19 2.66
N SER E 144 -2.41 26.50 3.30
CA SER E 144 -1.78 27.04 4.50
C SER E 144 -0.25 26.93 4.48
N GLN E 145 0.36 27.15 5.64
CA GLN E 145 1.80 27.06 5.78
C GLN E 145 2.25 25.60 5.79
N ASP E 146 1.33 24.71 6.13
CA ASP E 146 1.59 23.28 6.12
C ASP E 146 1.46 22.76 4.69
N ILE E 147 2.59 22.52 4.02
CA ILE E 147 2.58 22.20 2.60
C ILE E 147 3.27 20.88 2.23
N ASP E 148 3.07 20.45 1.00
CA ASP E 148 3.73 19.30 0.40
C ASP E 148 3.39 17.94 1.04
N ALA E 149 2.43 17.24 0.44
CA ALA E 149 2.11 15.85 0.78
C ALA E 149 1.85 15.59 2.26
N ASP E 150 2.92 15.58 3.05
CA ASP E 150 2.82 15.33 4.49
C ASP E 150 2.02 16.41 5.21
N GLY E 151 1.85 17.54 4.54
CA GLY E 151 0.99 18.60 5.05
C GLY E 151 -0.34 18.61 4.35
N GLN E 152 -0.84 19.80 4.04
CA GLN E 152 -2.14 19.94 3.39
C GLN E 152 -1.97 20.29 1.92
N GLY E 153 -0.77 20.11 1.39
CA GLY E 153 -0.45 20.48 0.03
C GLY E 153 -1.30 19.79 -1.01
N PHE E 154 -1.56 18.50 -0.82
CA PHE E 154 -2.31 17.71 -1.78
C PHE E 154 -3.69 17.37 -1.22
N CYS E 155 -4.14 18.21 -0.30
CA CYS E 155 -5.42 18.03 0.40
C CYS E 155 -6.62 17.96 -0.54
N GLN E 156 -6.61 18.78 -1.58
CA GLN E 156 -7.76 18.94 -2.47
C GLN E 156 -9.02 19.26 -1.67
N GLY E 157 -8.90 20.24 -0.77
CA GLY E 157 -10.01 20.64 0.08
C GLY E 157 -11.23 21.08 -0.69
N GLY E 158 -12.37 20.48 -0.35
CA GLY E 158 -13.61 20.78 -1.03
C GLY E 158 -14.08 19.62 -1.90
N PHE E 159 -13.36 18.51 -1.83
CA PHE E 159 -13.71 17.30 -2.56
C PHE E 159 -15.11 16.83 -2.18
N SER E 160 -15.50 17.12 -0.94
CA SER E 160 -16.87 16.91 -0.46
C SER E 160 -17.20 17.95 0.60
N ILE E 161 -18.41 18.49 0.56
CA ILE E 161 -18.82 19.55 1.48
C ILE E 161 -20.25 19.36 1.99
N ASP E 162 -20.56 19.95 3.14
CA ASP E 162 -21.88 19.85 3.73
C ASP E 162 -22.10 20.94 4.78
N PHE E 163 -23.34 21.42 4.89
CA PHE E 163 -23.70 22.40 5.91
C PHE E 163 -24.34 21.74 7.12
N THR E 164 -24.09 22.29 8.30
CA THR E 164 -24.78 21.83 9.51
C THR E 164 -25.95 22.77 9.81
N LYS E 165 -26.76 22.42 10.81
CA LYS E 165 -27.92 23.23 11.15
C LYS E 165 -27.52 24.48 11.92
N ALA E 166 -26.35 24.45 12.54
CA ALA E 166 -25.84 25.61 13.27
C ALA E 166 -25.02 26.51 12.36
N ASP E 167 -25.27 26.40 11.06
CA ASP E 167 -24.56 27.18 10.05
C ASP E 167 -23.04 27.02 10.16
N ARG E 168 -22.58 25.78 10.08
CA ARG E 168 -21.17 25.46 10.13
C ARG E 168 -20.83 24.61 8.91
N VAL E 169 -19.73 24.94 8.23
CA VAL E 169 -19.33 24.22 7.02
C VAL E 169 -18.49 22.98 7.34
N LEU E 170 -18.84 21.86 6.73
CA LEU E 170 -18.02 20.65 6.82
C LEU E 170 -17.32 20.40 5.50
N LEU E 171 -15.99 20.30 5.55
CA LEU E 171 -15.20 20.16 4.33
C LEU E 171 -14.26 18.97 4.40
N GLY E 172 -14.18 18.21 3.30
CA GLY E 172 -13.33 17.04 3.25
C GLY E 172 -12.20 17.15 2.24
N GLY E 173 -11.03 16.63 2.61
CA GLY E 173 -9.87 16.64 1.74
C GLY E 173 -9.09 15.35 1.86
N PRO E 174 -9.19 14.49 0.85
CA PRO E 174 -8.68 13.10 0.88
C PRO E 174 -7.16 12.99 0.76
N GLY E 175 -6.46 14.10 0.59
CA GLY E 175 -5.04 14.05 0.31
C GLY E 175 -4.11 14.55 1.40
N SER E 176 -4.69 15.06 2.49
CA SER E 176 -3.89 15.59 3.59
C SER E 176 -3.08 14.51 4.27
N PHE E 177 -1.84 14.86 4.63
CA PHE E 177 -0.93 13.98 5.36
C PHE E 177 -0.73 12.64 4.64
N TYR E 178 -0.18 12.72 3.43
CA TYR E 178 -0.01 11.54 2.58
C TYR E 178 -1.30 10.75 2.41
N TRP E 179 -2.36 11.46 2.05
CA TRP E 179 -3.66 10.87 1.74
C TRP E 179 -4.34 10.15 2.90
N GLN E 180 -3.95 10.51 4.12
CA GLN E 180 -4.71 10.08 5.30
C GLN E 180 -6.10 10.66 5.16
N GLY E 181 -6.16 11.89 4.64
CA GLY E 181 -7.43 12.59 4.51
C GLY E 181 -7.62 13.48 5.72
N GLN E 182 -8.52 14.45 5.59
CA GLN E 182 -8.76 15.39 6.66
C GLN E 182 -10.18 15.91 6.64
N LEU E 183 -10.78 16.01 7.82
CA LEU E 183 -12.08 16.66 7.96
C LEU E 183 -11.84 18.04 8.53
N ILE E 184 -12.32 19.06 7.83
CA ILE E 184 -12.20 20.44 8.28
C ILE E 184 -13.56 21.09 8.43
N SER E 185 -13.80 21.68 9.61
CA SER E 185 -15.09 22.31 9.88
C SER E 185 -14.94 23.73 10.39
N ASP E 186 -15.57 24.67 9.70
CA ASP E 186 -15.57 26.07 10.09
C ASP E 186 -16.97 26.64 10.09
N GLN E 187 -17.23 27.53 11.05
CA GLN E 187 -18.51 28.22 11.11
C GLN E 187 -18.55 29.30 10.02
N VAL E 188 -19.71 29.45 9.39
CA VAL E 188 -19.86 30.36 8.25
C VAL E 188 -19.59 31.81 8.65
N ALA E 189 -19.66 32.08 9.95
CA ALA E 189 -19.40 33.41 10.48
C ALA E 189 -17.96 33.82 10.22
N GLU E 190 -17.02 32.99 10.64
CA GLU E 190 -15.60 33.31 10.54
C GLU E 190 -15.05 33.20 9.11
N ILE E 191 -15.72 32.42 8.27
CA ILE E 191 -15.28 32.25 6.90
C ILE E 191 -15.34 33.58 6.14
N VAL E 192 -16.36 34.38 6.45
CA VAL E 192 -16.50 35.69 5.84
C VAL E 192 -15.88 36.79 6.72
N SER E 193 -16.03 36.66 8.03
CA SER E 193 -15.55 37.66 8.98
C SER E 193 -14.04 37.75 9.01
N LYS E 194 -13.36 36.62 8.82
CA LYS E 194 -11.90 36.59 8.85
C LYS E 194 -11.32 36.59 7.44
N TYR E 195 -12.16 36.85 6.45
CA TYR E 195 -11.70 36.87 5.06
C TYR E 195 -10.76 38.04 4.80
N ASP E 196 -9.76 37.80 3.96
CA ASP E 196 -8.77 38.82 3.63
C ASP E 196 -8.23 38.54 2.23
N PRO E 197 -8.51 39.46 1.28
CA PRO E 197 -8.13 39.28 -0.13
C PRO E 197 -6.62 39.26 -0.33
N ASN E 198 -5.86 39.81 0.61
CA ASN E 198 -4.41 39.87 0.49
C ASN E 198 -3.71 38.76 1.28
N VAL E 199 -4.47 38.04 2.09
CA VAL E 199 -3.93 36.90 2.84
C VAL E 199 -4.39 35.59 2.21
N TYR E 200 -3.43 34.75 1.87
CA TYR E 200 -3.71 33.50 1.15
C TYR E 200 -3.94 32.35 2.11
N SER E 201 -3.41 32.47 3.32
CA SER E 201 -3.59 31.45 4.34
C SER E 201 -4.26 32.04 5.58
N ILE E 202 -5.59 32.05 5.57
CA ILE E 202 -6.36 32.64 6.66
C ILE E 202 -6.52 31.68 7.83
N LYS E 203 -6.21 32.15 9.03
CA LYS E 203 -6.46 31.38 10.25
C LYS E 203 -7.85 31.68 10.79
N TYR E 204 -8.59 30.63 11.10
CA TYR E 204 -9.92 30.78 11.68
C TYR E 204 -9.91 30.35 13.15
N ASN E 205 -10.39 31.23 14.02
CA ASN E 205 -10.29 31.03 15.47
C ASN E 205 -11.07 29.81 15.98
N ASN E 206 -12.23 29.57 15.40
CA ASN E 206 -13.05 28.43 15.81
C ASN E 206 -13.09 27.32 14.77
N GLN E 207 -11.91 26.78 14.46
CA GLN E 207 -11.80 25.73 13.45
C GLN E 207 -11.66 24.36 14.09
N LEU E 208 -12.45 23.41 13.60
CA LEU E 208 -12.33 22.02 14.03
C LEU E 208 -11.73 21.19 12.91
N ALA E 209 -10.70 20.41 13.21
CA ALA E 209 -10.04 19.62 12.18
C ALA E 209 -9.45 18.32 12.73
N THR E 210 -9.38 17.31 11.88
CA THR E 210 -8.67 16.09 12.22
C THR E 210 -7.19 16.33 12.03
N ARG E 211 -6.41 16.09 13.09
CA ARG E 211 -4.97 16.30 13.03
C ARG E 211 -4.30 15.15 12.28
N THR E 212 -3.00 15.30 12.00
CA THR E 212 -2.25 14.26 11.32
C THR E 212 -2.09 13.04 12.23
N ALA E 213 -2.09 11.85 11.62
CA ALA E 213 -1.98 10.62 12.40
C ALA E 213 -0.77 9.79 11.97
N GLN E 214 -0.66 8.59 12.53
CA GLN E 214 0.46 7.70 12.24
C GLN E 214 0.56 7.33 10.77
N ALA E 215 1.76 6.98 10.33
CA ALA E 215 2.03 6.69 8.93
C ALA E 215 1.25 5.51 8.39
N ILE E 216 0.77 4.65 9.29
CA ILE E 216 -0.01 3.49 8.86
C ILE E 216 -1.43 3.88 8.45
N PHE E 217 -1.80 5.12 8.73
CA PHE E 217 -3.10 5.64 8.33
C PHE E 217 -3.04 6.34 6.98
N ASP E 218 -1.85 6.34 6.36
CA ASP E 218 -1.66 7.00 5.08
C ASP E 218 -2.48 6.34 3.97
N ASP E 219 -2.82 7.13 2.96
CA ASP E 219 -3.59 6.65 1.81
C ASP E 219 -4.91 5.97 2.21
N SER E 220 -5.72 6.66 2.99
CA SER E 220 -7.01 6.15 3.44
C SER E 220 -8.18 6.93 2.84
N TYR E 221 -7.91 8.17 2.46
CA TYR E 221 -8.88 9.05 1.79
C TYR E 221 -10.04 9.52 2.67
N LEU E 222 -9.74 10.03 3.86
CA LEU E 222 -10.76 10.62 4.70
C LEU E 222 -11.26 11.93 4.08
N GLY E 223 -12.57 12.13 4.09
CA GLY E 223 -13.16 13.32 3.51
C GLY E 223 -13.52 13.12 2.06
N TYR E 224 -13.48 11.88 1.62
CA TYR E 224 -13.85 11.50 0.27
C TYR E 224 -15.31 11.84 0.03
N SER E 225 -16.13 11.58 1.03
CA SER E 225 -17.54 11.98 1.02
C SER E 225 -17.93 12.39 2.44
N VAL E 226 -18.92 13.27 2.55
CA VAL E 226 -19.34 13.78 3.86
C VAL E 226 -20.85 13.80 4.04
N ALA E 227 -21.27 13.70 5.30
CA ALA E 227 -22.69 13.79 5.66
C ALA E 227 -22.82 14.33 7.07
N VAL E 228 -23.96 14.94 7.37
CA VAL E 228 -24.18 15.52 8.69
C VAL E 228 -25.45 14.98 9.35
N GLY E 229 -25.40 14.87 10.68
CA GLY E 229 -26.52 14.39 11.46
C GLY E 229 -26.09 14.26 12.92
N ASP E 230 -27.05 14.27 13.83
CA ASP E 230 -26.74 14.15 15.25
C ASP E 230 -26.70 12.69 15.67
N PHE E 231 -25.69 12.33 16.48
CA PHE E 231 -25.50 10.93 16.87
C PHE E 231 -25.22 10.75 18.37
N ASN E 232 -24.93 11.83 19.08
CA ASN E 232 -24.74 11.75 20.52
C ASN E 232 -25.88 12.42 21.28
N GLY E 233 -26.88 12.88 20.55
CA GLY E 233 -28.09 13.45 21.14
C GLY E 233 -27.87 14.75 21.90
N ASP E 234 -27.23 15.71 21.24
CA ASP E 234 -27.03 17.02 21.85
C ASP E 234 -27.47 18.15 20.93
N GLY E 235 -28.13 17.78 19.83
CA GLY E 235 -28.69 18.75 18.91
C GLY E 235 -27.75 19.16 17.79
N ILE E 236 -26.47 19.21 18.09
CA ILE E 236 -25.47 19.64 17.12
C ILE E 236 -25.17 18.53 16.09
N ASP E 237 -25.26 18.90 14.81
CA ASP E 237 -24.93 17.97 13.73
C ASP E 237 -23.51 17.46 13.86
N ASP E 238 -23.36 16.15 13.77
CA ASP E 238 -22.03 15.53 13.85
C ASP E 238 -21.51 15.22 12.45
N PHE E 239 -20.25 14.82 12.36
CA PHE E 239 -19.59 14.69 11.07
C PHE E 239 -19.39 13.24 10.63
N VAL E 240 -20.11 12.84 9.58
CA VAL E 240 -19.98 11.51 9.01
C VAL E 240 -19.19 11.56 7.72
N SER E 241 -18.11 10.78 7.64
CA SER E 241 -17.26 10.80 6.44
C SER E 241 -16.77 9.41 6.04
N GLY E 242 -16.73 9.18 4.74
CA GLY E 242 -16.24 7.92 4.20
C GLY E 242 -14.73 7.90 4.03
N VAL E 243 -14.12 6.79 4.44
CA VAL E 243 -12.68 6.60 4.31
C VAL E 243 -12.41 5.31 3.53
N PRO E 244 -12.68 5.33 2.22
CA PRO E 244 -12.77 4.15 1.36
C PRO E 244 -11.50 3.31 1.19
N ARG E 245 -10.33 3.83 1.54
CA ARG E 245 -9.10 3.07 1.42
C ARG E 245 -8.57 2.62 2.78
N ALA E 246 -9.26 3.02 3.84
CA ALA E 246 -8.84 2.68 5.19
C ALA E 246 -8.94 1.18 5.44
N ALA E 247 -8.21 0.71 6.45
CA ALA E 247 -8.19 -0.70 6.82
C ALA E 247 -7.84 -1.61 5.64
N ARG E 248 -6.65 -1.41 5.08
CA ARG E 248 -6.19 -2.13 3.89
C ARG E 248 -7.25 -2.32 2.79
N THR E 249 -7.76 -1.20 2.28
CA THR E 249 -8.73 -1.16 1.20
C THR E 249 -10.05 -1.87 1.51
N LEU E 250 -10.33 -2.06 2.79
CA LEU E 250 -11.60 -2.65 3.20
C LEU E 250 -12.64 -1.54 3.30
N GLY E 251 -12.14 -0.32 3.51
CA GLY E 251 -13.00 0.85 3.60
C GLY E 251 -13.58 1.05 4.98
N MET E 252 -13.58 2.29 5.44
CA MET E 252 -14.20 2.62 6.72
C MET E 252 -15.04 3.89 6.60
N VAL E 253 -15.84 4.15 7.63
CA VAL E 253 -16.57 5.39 7.73
C VAL E 253 -16.44 5.94 9.15
N TYR E 254 -15.93 7.16 9.25
CA TYR E 254 -15.71 7.79 10.55
C TYR E 254 -16.86 8.72 10.92
N ILE E 255 -17.20 8.74 12.20
CA ILE E 255 -18.16 9.72 12.71
C ILE E 255 -17.53 10.51 13.86
N TYR E 256 -17.38 11.82 13.65
CA TYR E 256 -16.79 12.68 14.66
C TYR E 256 -17.86 13.56 15.31
N ASP E 257 -17.54 14.05 16.50
CA ASP E 257 -18.44 14.95 17.20
C ASP E 257 -18.41 16.32 16.53
N GLY E 258 -19.60 16.89 16.29
CA GLY E 258 -19.70 18.16 15.60
C GLY E 258 -19.46 19.36 16.49
N LYS E 259 -18.93 19.12 17.68
CA LYS E 259 -18.66 20.18 18.63
C LYS E 259 -17.16 20.32 18.90
N ASN E 260 -16.44 19.20 18.84
CA ASN E 260 -15.00 19.21 19.15
C ASN E 260 -14.17 18.22 18.33
N MET E 261 -14.74 17.70 17.26
CA MET E 261 -14.06 16.73 16.38
C MET E 261 -13.57 15.51 17.15
N SER E 262 -14.39 15.04 18.08
CA SER E 262 -14.05 13.86 18.87
C SER E 262 -14.63 12.61 18.22
N SER E 263 -13.84 11.55 18.16
CA SER E 263 -14.26 10.31 17.51
C SER E 263 -15.42 9.65 18.25
N TYR E 265 -18.20 7.09 16.50
CA TYR E 265 -18.35 5.72 16.01
C TYR E 265 -17.54 5.51 14.73
N ASN E 266 -17.22 4.25 14.43
CA ASN E 266 -16.46 3.92 13.24
C ASN E 266 -16.98 2.66 12.54
N PHE E 267 -17.47 2.82 11.32
CA PHE E 267 -17.94 1.70 10.51
C PHE E 267 -16.80 1.08 9.70
N THR E 268 -16.96 -0.18 9.31
CA THR E 268 -15.93 -0.89 8.56
C THR E 268 -16.56 -1.83 7.53
N GLY E 269 -15.86 -2.05 6.41
CA GLY E 269 -16.37 -2.85 5.32
C GLY E 269 -16.13 -4.35 5.48
N GLU E 270 -16.77 -5.13 4.62
CA GLU E 270 -16.69 -6.59 4.70
C GLU E 270 -15.91 -7.17 3.52
N GLN E 271 -15.74 -6.38 2.47
CA GLN E 271 -15.07 -6.86 1.26
C GLN E 271 -13.91 -5.96 0.85
N MET E 272 -12.86 -6.57 0.32
CA MET E 272 -11.69 -5.86 -0.17
C MET E 272 -12.03 -5.04 -1.41
N ALA E 273 -11.58 -3.78 -1.43
CA ALA E 273 -11.68 -2.93 -2.60
C ALA E 273 -13.10 -2.75 -3.15
N ALA E 274 -14.08 -2.81 -2.26
CA ALA E 274 -15.47 -2.62 -2.67
C ALA E 274 -15.84 -1.14 -2.60
N TYR E 275 -14.85 -0.32 -2.23
CA TYR E 275 -15.00 1.12 -2.10
C TYR E 275 -16.09 1.49 -1.10
N PHE E 276 -16.01 0.87 0.08
CA PHE E 276 -16.92 1.17 1.18
C PHE E 276 -16.64 2.57 1.69
N GLY E 277 -17.55 3.49 1.42
CA GLY E 277 -17.40 4.86 1.87
C GLY E 277 -17.34 5.85 0.73
N PHE E 278 -17.55 5.36 -0.49
CA PHE E 278 -17.56 6.19 -1.68
C PHE E 278 -18.61 7.29 -1.56
N SER E 279 -19.69 6.96 -0.87
CA SER E 279 -20.75 7.92 -0.60
C SER E 279 -21.38 7.63 0.75
N VAL E 280 -21.79 8.69 1.44
CA VAL E 280 -22.46 8.53 2.73
C VAL E 280 -23.66 9.47 2.82
N ALA E 281 -24.66 9.09 3.61
CA ALA E 281 -25.86 9.90 3.78
C ALA E 281 -26.45 9.69 5.17
N ALA E 282 -26.93 10.77 5.77
CA ALA E 282 -27.54 10.72 7.09
C ALA E 282 -28.95 11.29 7.09
N THR E 283 -29.93 10.42 7.30
CA THR E 283 -31.32 10.82 7.39
C THR E 283 -32.10 9.83 8.24
N ASP E 284 -33.01 10.32 9.07
CA ASP E 284 -33.83 9.45 9.90
C ASP E 284 -34.88 8.74 9.04
N ILE E 285 -34.68 7.44 8.84
CA ILE E 285 -35.50 6.68 7.89
C ILE E 285 -36.72 6.03 8.53
N ASN E 286 -36.74 5.91 9.86
CA ASN E 286 -37.83 5.20 10.53
C ASN E 286 -38.69 6.05 11.48
N GLY E 287 -38.62 7.37 11.32
CA GLY E 287 -39.48 8.28 12.05
C GLY E 287 -39.25 8.38 13.55
N ASP E 288 -38.15 7.80 14.03
CA ASP E 288 -37.86 7.85 15.46
C ASP E 288 -37.00 9.05 15.82
N ASP E 289 -36.84 9.97 14.86
CA ASP E 289 -36.04 11.18 15.04
C ASP E 289 -34.58 10.90 15.43
N TYR E 290 -34.09 9.74 15.03
CA TYR E 290 -32.68 9.40 15.20
C TYR E 290 -32.03 9.24 13.83
N ALA E 291 -31.02 10.06 13.56
CA ALA E 291 -30.35 10.07 12.26
C ALA E 291 -29.71 8.73 11.93
N ASP E 292 -30.08 8.18 10.79
CA ASP E 292 -29.60 6.86 10.38
C ASP E 292 -28.51 6.99 9.32
N VAL E 293 -27.49 6.15 9.42
CA VAL E 293 -26.33 6.22 8.53
C VAL E 293 -26.48 5.33 7.31
N PHE E 294 -26.27 5.92 6.12
CA PHE E 294 -26.26 5.16 4.88
C PHE E 294 -24.88 5.24 4.25
N ILE E 295 -24.28 4.08 4.00
CA ILE E 295 -22.95 4.01 3.42
C ILE E 295 -22.99 3.22 2.11
N GLY E 296 -22.32 3.74 1.08
CA GLY E 296 -22.33 3.09 -0.22
C GLY E 296 -21.02 2.41 -0.56
N ALA E 297 -21.12 1.28 -1.27
CA ALA E 297 -19.95 0.52 -1.71
C ALA E 297 -20.23 -0.07 -3.10
N PRO E 298 -20.11 0.75 -4.15
CA PRO E 298 -20.55 0.42 -5.51
C PRO E 298 -19.85 -0.78 -6.12
N LEU E 299 -18.68 -1.15 -5.58
CA LEU E 299 -17.86 -2.19 -6.19
C LEU E 299 -18.04 -3.54 -5.51
N PHE E 300 -18.95 -3.62 -4.55
CA PHE E 300 -19.22 -4.86 -3.83
C PHE E 300 -19.65 -5.99 -4.75
N MET E 301 -19.07 -7.16 -4.54
CA MET E 301 -19.41 -8.34 -5.33
C MET E 301 -20.28 -9.30 -4.53
N ASP E 302 -21.34 -9.81 -5.17
CA ASP E 302 -22.28 -10.72 -4.53
C ASP E 302 -22.26 -12.06 -5.25
N ARG E 303 -22.68 -13.11 -4.55
CA ARG E 303 -22.78 -14.44 -5.15
C ARG E 303 -24.23 -14.83 -5.38
N GLY E 304 -24.49 -15.46 -6.52
CA GLY E 304 -25.83 -15.90 -6.86
C GLY E 304 -26.01 -17.38 -6.64
N SER E 305 -27.14 -17.92 -7.12
CA SER E 305 -27.46 -19.32 -6.95
C SER E 305 -26.47 -20.22 -7.70
N ASP E 306 -25.74 -19.62 -8.63
CA ASP E 306 -24.69 -20.33 -9.37
C ASP E 306 -23.36 -20.23 -8.64
N GLY E 307 -23.35 -19.46 -7.57
CA GLY E 307 -22.17 -19.33 -6.72
C GLY E 307 -21.03 -18.56 -7.36
N LYS E 308 -21.38 -17.69 -8.30
CA LYS E 308 -20.38 -16.88 -9.00
C LYS E 308 -20.37 -15.45 -8.48
N LEU E 309 -19.17 -14.90 -8.30
CA LEU E 309 -19.02 -13.52 -7.88
C LEU E 309 -19.48 -12.56 -8.97
N GLN E 310 -20.23 -11.54 -8.58
CA GLN E 310 -20.64 -10.50 -9.51
C GLN E 310 -20.72 -9.15 -8.83
N GLU E 311 -20.01 -8.17 -9.38
CA GLU E 311 -20.01 -6.82 -8.87
C GLU E 311 -21.39 -6.18 -9.04
N VAL E 312 -22.06 -5.89 -7.93
CA VAL E 312 -23.41 -5.34 -8.00
C VAL E 312 -23.56 -4.04 -7.20
N GLY E 313 -22.73 -3.87 -6.19
CA GLY E 313 -22.81 -2.69 -5.35
C GLY E 313 -23.63 -2.95 -4.10
N GLN E 314 -23.36 -2.20 -3.04
CA GLN E 314 -24.04 -2.42 -1.78
C GLN E 314 -24.14 -1.16 -0.93
N VAL E 315 -25.28 -0.97 -0.29
CA VAL E 315 -25.50 0.12 0.65
C VAL E 315 -25.83 -0.44 2.03
N SER E 316 -25.11 0.00 3.05
CA SER E 316 -25.35 -0.46 4.42
C SER E 316 -26.23 0.53 5.20
N VAL E 317 -27.45 0.09 5.53
CA VAL E 317 -28.40 0.92 6.26
C VAL E 317 -28.27 0.72 7.77
N SER E 318 -27.64 1.67 8.44
CA SER E 318 -27.41 1.57 9.88
C SER E 318 -28.39 2.43 10.67
N LEU E 319 -29.39 1.80 11.26
CA LEU E 319 -30.40 2.50 12.06
C LEU E 319 -29.84 2.90 13.42
N GLN E 320 -29.97 4.17 13.78
CA GLN E 320 -29.46 4.65 15.05
C GLN E 320 -30.43 4.35 16.19
N ARG E 321 -29.98 3.55 17.13
CA ARG E 321 -30.77 3.24 18.31
C ARG E 321 -30.38 4.17 19.44
N ALA E 322 -31.30 4.39 20.37
CA ALA E 322 -31.03 5.22 21.53
C ALA E 322 -29.94 4.61 22.40
N SER E 323 -29.71 3.31 22.20
CA SER E 323 -28.68 2.58 22.91
C SER E 323 -27.28 3.03 22.49
N GLY E 324 -27.21 3.74 21.37
CA GLY E 324 -25.94 4.16 20.81
C GLY E 324 -25.47 3.21 19.74
N ASP E 325 -26.01 2.00 19.77
CA ASP E 325 -25.67 0.97 18.79
C ASP E 325 -26.34 1.29 17.46
N PHE E 326 -26.11 0.43 16.47
CA PHE E 326 -26.74 0.57 15.18
C PHE E 326 -27.43 -0.71 14.74
N GLN E 327 -28.49 -0.58 13.97
CA GLN E 327 -29.18 -1.73 13.41
C GLN E 327 -28.88 -1.78 11.91
N THR E 328 -27.77 -2.41 11.56
CA THR E 328 -27.25 -2.35 10.21
C THR E 328 -27.89 -3.37 9.27
N THR E 329 -28.42 -2.86 8.17
CA THR E 329 -29.04 -3.70 7.13
C THR E 329 -28.32 -3.48 5.82
N LYS E 330 -28.01 -4.56 5.11
CA LYS E 330 -27.30 -4.44 3.83
C LYS E 330 -28.23 -4.63 2.63
N LEU E 331 -28.16 -3.67 1.71
CA LEU E 331 -29.02 -3.67 0.53
C LEU E 331 -28.17 -3.78 -0.74
N ASN E 332 -28.34 -4.87 -1.47
CA ASN E 332 -27.51 -5.15 -2.63
C ASN E 332 -28.04 -4.53 -3.92
N GLY E 333 -27.15 -4.39 -4.91
CA GLY E 333 -27.51 -3.88 -6.21
C GLY E 333 -28.26 -4.89 -7.04
N PHE E 334 -28.65 -4.50 -8.26
CA PHE E 334 -29.52 -5.33 -9.08
C PHE E 334 -28.88 -5.68 -10.43
N GLU E 335 -28.10 -4.76 -10.98
CA GLU E 335 -27.40 -5.00 -12.24
C GLU E 335 -25.90 -5.09 -12.04
N VAL E 336 -25.28 -6.01 -12.77
CA VAL E 336 -23.84 -6.21 -12.69
C VAL E 336 -23.10 -5.03 -13.30
N PHE E 337 -22.06 -4.57 -12.60
CA PHE E 337 -21.19 -3.49 -13.08
C PHE E 337 -21.93 -2.15 -13.23
N ALA E 338 -23.08 -2.02 -12.57
CA ALA E 338 -23.86 -0.80 -12.63
C ALA E 338 -23.46 0.16 -11.51
N ARG E 339 -22.66 -0.35 -10.58
CA ARG E 339 -22.18 0.43 -9.45
C ARG E 339 -23.30 1.04 -8.62
N PHE E 340 -24.20 0.19 -8.17
CA PHE E 340 -25.30 0.59 -7.30
C PHE E 340 -24.75 1.16 -5.98
N GLY E 341 -25.23 2.33 -5.60
CA GLY E 341 -24.80 2.95 -4.36
C GLY E 341 -23.74 4.02 -4.56
N SER E 342 -23.55 4.45 -5.81
CA SER E 342 -22.59 5.51 -6.12
C SER E 342 -23.06 6.82 -5.51
N ALA E 343 -24.37 7.08 -5.57
CA ALA E 343 -24.95 8.27 -4.96
C ALA E 343 -26.13 7.88 -4.08
N ILE E 344 -26.21 8.50 -2.91
CA ILE E 344 -27.30 8.26 -1.98
C ILE E 344 -27.90 9.59 -1.53
N ALA E 345 -29.18 9.80 -1.84
CA ALA E 345 -29.82 11.09 -1.57
C ALA E 345 -31.08 10.99 -0.73
N PRO E 346 -31.03 11.53 0.51
CA PRO E 346 -32.23 11.67 1.33
C PRO E 346 -33.28 12.51 0.62
N LEU E 347 -34.52 12.07 0.65
CA LEU E 347 -35.58 12.73 -0.11
C LEU E 347 -36.58 13.46 0.78
N GLY E 348 -36.40 13.33 2.09
CA GLY E 348 -37.42 13.76 3.03
C GLY E 348 -38.57 12.78 2.93
N ASP E 349 -39.78 13.23 3.24
CA ASP E 349 -40.95 12.35 3.11
C ASP E 349 -41.55 12.52 1.72
N LEU E 350 -40.98 11.80 0.76
CA LEU E 350 -41.36 11.91 -0.65
C LEU E 350 -42.86 11.74 -0.90
N ASP E 351 -43.44 10.77 -0.21
CA ASP E 351 -44.86 10.47 -0.41
C ASP E 351 -45.74 11.04 0.70
N GLN E 352 -45.11 11.72 1.66
CA GLN E 352 -45.81 12.32 2.80
C GLN E 352 -46.65 11.30 3.57
N ASP E 353 -46.02 10.19 3.93
CA ASP E 353 -46.71 9.12 4.62
C ASP E 353 -46.39 9.11 6.12
N GLY E 354 -45.30 9.77 6.49
CA GLY E 354 -44.90 9.86 7.87
C GLY E 354 -43.47 9.43 8.13
N PHE E 355 -42.85 8.86 7.10
CA PHE E 355 -41.46 8.42 7.19
C PHE E 355 -40.64 8.98 6.04
N ASN E 356 -39.42 9.39 6.34
CA ASN E 356 -38.51 9.88 5.30
C ASN E 356 -38.17 8.80 4.28
N ASP E 357 -37.82 9.23 3.08
CA ASP E 357 -37.45 8.30 2.01
C ASP E 357 -36.05 8.61 1.50
N ILE E 358 -35.53 7.73 0.66
CA ILE E 358 -34.17 7.91 0.14
C ILE E 358 -34.03 7.31 -1.25
N ALA E 359 -33.11 7.86 -2.04
CA ALA E 359 -32.88 7.40 -3.40
C ALA E 359 -31.44 6.91 -3.56
N ILE E 360 -31.29 5.77 -4.24
CA ILE E 360 -29.98 5.19 -4.51
C ILE E 360 -29.83 4.97 -6.00
N ALA E 361 -28.67 5.32 -6.55
CA ALA E 361 -28.47 5.26 -8.00
C ALA E 361 -27.43 4.24 -8.45
N ALA E 362 -27.71 3.62 -9.60
CA ALA E 362 -26.72 2.83 -10.32
C ALA E 362 -26.46 3.55 -11.64
N PRO E 363 -25.51 4.51 -11.63
CA PRO E 363 -25.26 5.44 -12.73
C PRO E 363 -24.90 4.75 -14.04
N TYR E 364 -24.30 3.58 -13.96
CA TYR E 364 -23.86 2.86 -15.14
C TYR E 364 -24.73 1.65 -15.42
N GLY E 365 -26.00 1.75 -15.04
CA GLY E 365 -26.95 0.67 -15.23
C GLY E 365 -27.95 0.96 -16.33
N GLY E 366 -28.93 0.07 -16.49
CA GLY E 366 -29.96 0.24 -17.49
C GLY E 366 -29.48 -0.07 -18.89
N GLU E 367 -30.39 -0.02 -19.85
CA GLU E 367 -30.07 -0.28 -21.25
C GLU E 367 -29.11 0.76 -21.79
N ASP E 368 -28.10 0.30 -22.54
CA ASP E 368 -27.11 1.17 -23.16
C ASP E 368 -26.35 2.02 -22.13
N LYS E 369 -26.27 1.51 -20.90
CA LYS E 369 -25.54 2.17 -19.83
C LYS E 369 -26.04 3.59 -19.56
N LYS E 370 -27.33 3.80 -19.78
CA LYS E 370 -27.95 5.12 -19.59
C LYS E 370 -27.90 5.58 -18.14
N GLY E 371 -28.32 4.71 -17.23
CA GLY E 371 -28.33 5.04 -15.81
C GLY E 371 -29.66 4.75 -15.16
N ILE E 372 -29.63 4.35 -13.90
CA ILE E 372 -30.85 4.03 -13.15
C ILE E 372 -30.82 4.67 -11.76
N VAL E 373 -31.97 5.19 -11.33
CA VAL E 373 -32.13 5.64 -9.96
C VAL E 373 -33.27 4.88 -9.28
N TYR E 374 -32.97 4.29 -8.11
CA TYR E 374 -33.97 3.53 -7.38
C TYR E 374 -34.53 4.34 -6.20
N ILE E 375 -35.85 4.32 -6.05
CA ILE E 375 -36.52 5.04 -4.97
C ILE E 375 -36.96 4.09 -3.87
N PHE E 376 -36.44 4.28 -2.66
CA PHE E 376 -36.77 3.44 -1.53
C PHE E 376 -37.54 4.21 -0.47
N ASN E 377 -38.67 3.66 -0.03
CA ASN E 377 -39.50 4.30 0.99
C ASN E 377 -39.21 3.79 2.39
N GLY E 378 -39.25 4.70 3.35
CA GLY E 378 -39.01 4.36 4.74
C GLY E 378 -40.28 3.97 5.47
N ARG E 379 -40.13 3.22 6.56
CA ARG E 379 -41.26 2.79 7.36
C ARG E 379 -40.84 2.58 8.81
N SER E 380 -41.74 2.01 9.61
CA SER E 380 -41.50 1.81 11.03
C SER E 380 -40.30 0.91 11.28
N THR E 381 -40.29 -0.24 10.60
CA THR E 381 -39.26 -1.25 10.80
C THR E 381 -37.89 -0.80 10.27
N GLY E 382 -37.90 0.20 9.38
CA GLY E 382 -36.67 0.69 8.78
C GLY E 382 -36.89 1.08 7.34
N LEU E 383 -35.95 0.70 6.47
CA LEU E 383 -36.08 1.00 5.06
C LEU E 383 -36.64 -0.18 4.29
N ASN E 384 -37.76 0.05 3.59
CA ASN E 384 -38.34 -0.97 2.73
C ASN E 384 -37.38 -1.29 1.57
N ALA E 385 -36.83 -2.50 1.59
CA ALA E 385 -35.76 -2.89 0.68
C ALA E 385 -36.19 -2.99 -0.78
N VAL E 386 -37.50 -3.04 -1.02
CA VAL E 386 -38.00 -3.07 -2.39
C VAL E 386 -38.31 -1.66 -2.89
N PRO E 387 -37.71 -1.29 -4.03
CA PRO E 387 -37.90 0.03 -4.64
C PRO E 387 -39.31 0.22 -5.20
N SER E 388 -39.94 1.33 -4.83
CA SER E 388 -41.30 1.63 -5.27
C SER E 388 -41.32 2.32 -6.63
N GLN E 389 -40.15 2.72 -7.10
CA GLN E 389 -40.04 3.39 -8.38
C GLN E 389 -38.64 3.24 -8.97
N ILE E 390 -38.57 3.15 -10.29
CA ILE E 390 -37.28 3.00 -10.98
C ILE E 390 -37.12 4.08 -12.04
N LEU E 391 -36.23 5.03 -11.79
CA LEU E 391 -35.98 6.14 -12.71
C LEU E 391 -34.92 5.78 -13.74
N GLU E 392 -35.26 5.92 -15.01
CA GLU E 392 -34.39 5.52 -16.10
C GLU E 392 -33.82 6.72 -16.84
N GLY E 393 -32.55 6.63 -17.24
CA GLY E 393 -31.95 7.61 -18.10
C GLY E 393 -32.53 7.48 -19.49
N GLN E 394 -32.48 8.57 -20.27
CA GLN E 394 -33.06 8.57 -21.60
C GLN E 394 -32.07 9.04 -22.67
N TRP E 395 -30.79 9.12 -22.31
CA TRP E 395 -29.77 9.67 -23.21
C TRP E 395 -28.61 8.70 -23.44
N ALA E 396 -28.14 8.63 -24.68
CA ALA E 396 -27.07 7.72 -25.06
C ALA E 396 -25.69 8.31 -24.83
N ALA E 397 -24.66 7.47 -24.95
CA ALA E 397 -23.29 7.87 -24.65
C ALA E 397 -22.58 8.55 -25.82
N ARG E 398 -21.49 9.25 -25.50
CA ARG E 398 -20.68 9.95 -26.50
C ARG E 398 -19.22 9.50 -26.38
N SER E 399 -18.67 9.64 -25.19
CA SER E 399 -17.34 9.13 -24.88
C SER E 399 -17.32 8.64 -23.43
N CYS E 400 -17.58 9.57 -22.50
CA CYS E 400 -17.81 9.22 -21.12
C CYS E 400 -19.28 8.89 -20.97
N PRO E 401 -19.61 7.76 -20.30
CA PRO E 401 -20.99 7.29 -20.15
C PRO E 401 -21.88 8.34 -19.50
N PRO E 402 -23.16 8.39 -19.89
CA PRO E 402 -24.14 9.39 -19.45
C PRO E 402 -24.10 9.68 -17.95
N SER E 403 -23.83 8.66 -17.15
CA SER E 403 -23.69 8.79 -15.70
C SER E 403 -24.92 9.42 -15.05
N PHE E 404 -26.09 9.00 -15.52
CA PHE E 404 -27.36 9.43 -14.95
C PHE E 404 -27.50 8.90 -13.53
N GLY E 405 -27.40 9.80 -12.55
CA GLY E 405 -27.54 9.42 -11.16
C GLY E 405 -26.24 9.51 -10.39
N TYR E 406 -25.17 9.93 -11.08
CA TYR E 406 -23.86 10.06 -10.45
C TYR E 406 -23.92 11.07 -9.30
N SER E 407 -24.71 12.12 -9.48
CA SER E 407 -24.99 13.05 -8.40
C SER E 407 -26.48 13.37 -8.40
N MET E 408 -27.04 13.54 -7.22
CA MET E 408 -28.44 13.90 -7.10
C MET E 408 -28.78 14.58 -5.78
N LYS E 409 -29.85 15.36 -5.78
CA LYS E 409 -30.27 16.09 -4.59
C LYS E 409 -31.79 16.10 -4.47
N GLY E 410 -32.30 15.94 -3.25
CA GLY E 410 -33.73 15.94 -3.02
C GLY E 410 -34.14 16.70 -1.77
N ALA E 411 -35.26 16.29 -1.18
CA ALA E 411 -35.76 16.88 0.07
C ALA E 411 -36.14 18.35 -0.03
N THR E 412 -36.53 18.80 -1.22
CA THR E 412 -36.89 20.21 -1.41
C THR E 412 -38.20 20.37 -2.18
N ASP E 413 -39.19 20.94 -1.51
CA ASP E 413 -40.48 21.22 -2.14
C ASP E 413 -40.36 22.48 -3.00
N ILE E 414 -39.90 22.29 -4.24
CA ILE E 414 -39.55 23.43 -5.10
C ILE E 414 -40.75 24.02 -5.82
N ASP E 415 -41.87 23.29 -5.84
CA ASP E 415 -43.06 23.76 -6.53
C ASP E 415 -44.21 24.01 -5.56
N LYS E 416 -43.93 23.89 -4.27
CA LYS E 416 -44.91 24.13 -3.22
C LYS E 416 -46.18 23.30 -3.35
N ASN E 417 -46.03 22.04 -3.78
CA ASN E 417 -47.18 21.15 -3.89
C ASN E 417 -47.36 20.29 -2.65
N GLY E 418 -46.55 20.55 -1.63
CA GLY E 418 -46.59 19.77 -0.40
C GLY E 418 -45.76 18.52 -0.48
N TYR E 419 -45.12 18.31 -1.63
CA TYR E 419 -44.32 17.11 -1.85
C TYR E 419 -42.95 17.45 -2.44
N PRO E 420 -41.88 16.99 -1.77
CA PRO E 420 -40.48 17.27 -2.12
C PRO E 420 -40.08 16.64 -3.45
N ASP E 421 -39.17 17.30 -4.17
CA ASP E 421 -38.78 16.86 -5.50
C ASP E 421 -37.35 16.35 -5.55
N LEU E 422 -36.88 16.01 -6.75
CA LEU E 422 -35.57 15.40 -6.92
C LEU E 422 -34.84 15.87 -8.19
N ILE E 423 -33.57 16.22 -8.03
CA ILE E 423 -32.72 16.55 -9.17
C ILE E 423 -31.77 15.40 -9.46
N VAL E 424 -31.67 15.00 -10.72
CA VAL E 424 -30.71 13.97 -11.11
C VAL E 424 -29.76 14.51 -12.18
N GLY E 425 -28.46 14.40 -11.92
CA GLY E 425 -27.46 14.89 -12.85
C GLY E 425 -26.84 13.80 -13.70
N ALA E 426 -26.88 13.99 -15.01
CA ALA E 426 -26.23 13.09 -15.95
C ALA E 426 -25.12 13.84 -16.67
N PHE E 427 -23.96 13.95 -16.03
CA PHE E 427 -22.87 14.78 -16.54
C PHE E 427 -22.23 14.24 -17.82
N GLY E 428 -22.32 12.93 -18.02
CA GLY E 428 -21.73 12.30 -19.20
C GLY E 428 -22.36 12.79 -20.49
N VAL E 429 -23.59 13.29 -20.39
CA VAL E 429 -24.29 13.85 -21.54
C VAL E 429 -24.61 15.32 -21.29
N ASP E 430 -24.02 15.86 -20.23
CA ASP E 430 -24.17 17.28 -19.86
C ASP E 430 -25.63 17.67 -19.63
N ARG E 431 -26.38 16.80 -18.94
CA ARG E 431 -27.78 17.07 -18.67
C ARG E 431 -28.08 17.05 -17.16
N ALA E 432 -29.14 17.74 -16.77
CA ALA E 432 -29.62 17.70 -15.39
C ALA E 432 -31.14 17.65 -15.41
N ILE E 433 -31.71 16.76 -14.61
CA ILE E 433 -33.14 16.48 -14.69
C ILE E 433 -33.84 16.66 -13.35
N LEU E 434 -34.95 17.40 -13.37
CA LEU E 434 -35.76 17.60 -12.17
C LEU E 434 -37.05 16.80 -12.24
N TYR E 435 -37.20 15.86 -11.32
CA TYR E 435 -38.44 15.10 -11.21
C TYR E 435 -39.31 15.69 -10.12
N ARG E 436 -40.56 15.98 -10.46
CA ARG E 436 -41.52 16.48 -9.47
C ARG E 436 -42.29 15.35 -8.82
N ALA E 437 -42.74 15.59 -7.60
CA ALA E 437 -43.52 14.59 -6.86
C ALA E 437 -45.02 14.87 -6.99
N ARG E 438 -45.76 13.87 -7.47
CA ARG E 438 -47.19 14.00 -7.63
C ARG E 438 -47.90 13.80 -6.29
N PRO E 439 -48.98 14.54 -6.05
CA PRO E 439 -49.75 14.44 -4.81
C PRO E 439 -50.31 13.03 -4.58
N VAL E 440 -50.18 12.53 -3.35
CA VAL E 440 -50.64 11.19 -3.02
C VAL E 440 -52.07 11.21 -2.49
N ILE E 441 -52.93 10.42 -3.12
CA ILE E 441 -54.32 10.31 -2.71
C ILE E 441 -54.61 8.96 -2.05
N THR E 442 -54.89 8.98 -0.75
CA THR E 442 -55.33 7.78 -0.07
C THR E 442 -56.84 7.66 -0.28
N VAL E 443 -57.30 6.45 -0.56
CA VAL E 443 -58.71 6.24 -0.86
C VAL E 443 -59.33 5.10 -0.03
N ASN E 444 -60.38 5.43 0.71
CA ASN E 444 -61.12 4.45 1.49
C ASN E 444 -62.30 3.88 0.72
N ALA E 445 -62.04 2.87 -0.10
CA ALA E 445 -63.09 2.21 -0.87
C ALA E 445 -63.82 1.17 -0.02
N GLY E 446 -65.12 1.03 -0.26
CA GLY E 446 -65.93 0.08 0.48
C GLY E 446 -66.86 -0.73 -0.40
N LEU E 447 -67.16 -1.94 0.02
CA LEU E 447 -68.10 -2.81 -0.70
C LEU E 447 -68.81 -3.73 0.28
N GLU E 448 -70.14 -3.67 0.27
CA GLU E 448 -70.94 -4.51 1.14
C GLU E 448 -72.00 -5.28 0.36
N VAL E 449 -72.12 -6.57 0.64
CA VAL E 449 -73.14 -7.41 0.04
C VAL E 449 -74.05 -7.97 1.12
N TYR E 450 -75.31 -7.54 1.15
CA TYR E 450 -76.24 -7.97 2.18
C TYR E 450 -77.64 -8.25 1.61
N PRO E 451 -78.17 -9.46 1.88
CA PRO E 451 -77.47 -10.52 2.61
C PRO E 451 -76.43 -11.24 1.75
N SER E 452 -75.39 -11.77 2.39
CA SER E 452 -74.33 -12.47 1.68
C SER E 452 -74.62 -13.97 1.59
N ILE E 453 -75.58 -14.43 2.38
CA ILE E 453 -76.07 -15.81 2.29
C ILE E 453 -77.43 -15.82 1.61
N LEU E 454 -77.44 -16.16 0.33
CA LEU E 454 -78.64 -16.00 -0.50
C LEU E 454 -79.54 -17.23 -0.51
N ASN E 455 -80.79 -17.03 -0.09
CA ASN E 455 -81.80 -18.08 -0.19
C ASN E 455 -82.41 -18.08 -1.58
N GLN E 456 -82.20 -19.17 -2.29
CA GLN E 456 -82.63 -19.25 -3.69
C GLN E 456 -84.15 -19.22 -3.81
N ASP E 457 -84.84 -19.59 -2.74
CA ASP E 457 -86.30 -19.62 -2.73
C ASP E 457 -86.90 -18.41 -2.01
N ASN E 458 -86.10 -17.37 -1.81
CA ASN E 458 -86.58 -16.16 -1.14
C ASN E 458 -87.57 -15.41 -2.02
N LYS E 459 -87.13 -15.04 -3.22
CA LYS E 459 -88.01 -14.45 -4.23
C LYS E 459 -88.74 -13.20 -3.76
N THR E 460 -88.01 -12.25 -3.19
CA THR E 460 -88.61 -11.03 -2.65
C THR E 460 -88.81 -9.95 -3.71
N CYS E 461 -87.71 -9.47 -4.27
CA CYS E 461 -87.76 -8.38 -5.23
C CYS E 461 -88.47 -8.75 -6.52
N SER E 462 -89.56 -8.06 -6.81
CA SER E 462 -90.31 -8.26 -8.05
C SER E 462 -89.50 -7.74 -9.23
N LEU E 463 -89.85 -8.19 -10.43
CA LEU E 463 -89.15 -7.78 -11.64
C LEU E 463 -90.15 -7.25 -12.66
N PRO E 464 -90.04 -5.96 -12.98
CA PRO E 464 -90.96 -5.31 -13.93
C PRO E 464 -90.92 -5.96 -15.31
N GLY E 465 -92.09 -6.22 -15.88
CA GLY E 465 -92.19 -6.89 -17.17
C GLY E 465 -92.75 -8.29 -17.03
N THR E 466 -92.50 -8.90 -15.87
CA THR E 466 -92.97 -10.25 -15.60
C THR E 466 -93.65 -10.35 -14.23
N ALA E 467 -94.60 -11.26 -14.11
CA ALA E 467 -95.32 -11.47 -12.87
C ALA E 467 -94.48 -12.30 -11.89
N LEU E 468 -93.41 -12.90 -12.40
CA LEU E 468 -92.51 -13.70 -11.59
C LEU E 468 -91.54 -12.83 -10.80
N LYS E 469 -91.32 -13.18 -9.54
CA LYS E 469 -90.41 -12.43 -8.68
C LYS E 469 -89.12 -13.22 -8.49
N VAL E 470 -88.03 -12.51 -8.20
CA VAL E 470 -86.72 -13.14 -8.13
C VAL E 470 -86.05 -12.96 -6.77
N SER E 471 -85.11 -13.84 -6.46
CA SER E 471 -84.35 -13.76 -5.22
C SER E 471 -83.29 -12.67 -5.34
N CYS E 472 -83.52 -11.54 -4.67
CA CYS E 472 -82.65 -10.38 -4.81
C CYS E 472 -81.84 -10.10 -3.56
N PHE E 473 -80.91 -9.16 -3.68
CA PHE E 473 -80.06 -8.73 -2.57
C PHE E 473 -79.45 -7.37 -2.90
N ASN E 474 -78.79 -6.76 -1.93
CA ASN E 474 -78.24 -5.42 -2.10
C ASN E 474 -76.73 -5.38 -2.25
N VAL E 475 -76.27 -4.65 -3.26
CA VAL E 475 -74.84 -4.35 -3.41
C VAL E 475 -74.64 -2.87 -3.15
N ARG E 476 -73.58 -2.53 -2.42
CA ARG E 476 -73.35 -1.16 -2.00
C ARG E 476 -71.87 -0.83 -1.94
N PHE E 477 -71.45 0.17 -2.69
CA PHE E 477 -70.04 0.58 -2.71
C PHE E 477 -69.85 2.03 -2.28
N CYS E 478 -68.75 2.30 -1.60
CA CYS E 478 -68.47 3.63 -1.07
C CYS E 478 -67.05 4.10 -1.39
N LEU E 479 -66.90 5.39 -1.65
CA LEU E 479 -65.58 5.98 -1.87
C LEU E 479 -65.35 7.17 -0.94
N LYS E 480 -64.13 7.29 -0.45
CA LYS E 480 -63.73 8.45 0.34
C LYS E 480 -62.23 8.66 0.19
N ALA E 481 -61.83 9.85 -0.24
CA ALA E 481 -60.42 10.13 -0.48
C ALA E 481 -59.98 11.45 0.10
N ASP E 482 -58.71 11.51 0.50
CA ASP E 482 -58.11 12.73 1.03
C ASP E 482 -56.59 12.66 0.87
N GLY E 483 -55.95 13.81 0.79
CA GLY E 483 -54.50 13.86 0.62
C GLY E 483 -53.91 15.17 1.13
N LYS E 484 -52.61 15.14 1.42
CA LYS E 484 -51.92 16.32 1.91
C LYS E 484 -51.33 17.10 0.74
N GLY E 485 -50.81 18.30 1.03
CA GLY E 485 -50.23 19.13 0.00
C GLY E 485 -51.27 19.81 -0.88
N VAL E 486 -50.85 20.24 -2.06
CA VAL E 486 -51.73 20.94 -2.99
C VAL E 486 -52.36 19.97 -4.00
N LEU E 487 -53.68 19.94 -4.01
CA LEU E 487 -54.43 19.02 -4.87
C LEU E 487 -55.91 19.42 -4.90
N PRO E 488 -56.62 19.08 -6.00
CA PRO E 488 -58.03 19.47 -6.19
C PRO E 488 -58.93 19.06 -5.02
N ARG E 489 -59.97 19.85 -4.78
CA ARG E 489 -60.93 19.53 -3.72
C ARG E 489 -62.06 18.67 -4.27
N LYS E 490 -62.13 18.56 -5.59
CA LYS E 490 -63.09 17.68 -6.25
C LYS E 490 -62.35 16.54 -6.94
N LEU E 491 -62.87 15.32 -6.78
CA LEU E 491 -62.24 14.14 -7.37
C LEU E 491 -63.26 13.20 -7.99
N ASN E 492 -63.27 13.14 -9.32
CA ASN E 492 -64.17 12.23 -10.01
C ASN E 492 -63.54 10.88 -10.34
N PHE E 493 -64.22 9.81 -9.98
CA PHE E 493 -63.70 8.45 -10.18
C PHE E 493 -64.57 7.67 -11.15
N GLN E 494 -64.05 6.55 -11.64
CA GLN E 494 -64.81 5.67 -12.52
C GLN E 494 -64.92 4.28 -11.88
N VAL E 495 -66.09 4.00 -11.32
CA VAL E 495 -66.30 2.77 -10.57
C VAL E 495 -66.88 1.66 -11.45
N GLU E 496 -66.33 0.46 -11.34
CA GLU E 496 -66.79 -0.68 -12.13
C GLU E 496 -67.21 -1.84 -11.24
N LEU E 497 -68.37 -2.42 -11.53
CA LEU E 497 -68.90 -3.53 -10.75
C LEU E 497 -69.19 -4.77 -11.61
N LEU E 498 -68.74 -5.93 -11.15
CA LEU E 498 -69.01 -7.18 -11.84
C LEU E 498 -69.53 -8.25 -10.89
N LEU E 499 -70.66 -8.85 -11.26
CA LEU E 499 -71.23 -9.94 -10.47
C LEU E 499 -70.77 -11.29 -11.00
N ASP E 500 -70.46 -12.20 -10.07
CA ASP E 500 -69.90 -13.50 -10.41
C ASP E 500 -68.62 -13.33 -11.23
N LYS E 501 -67.67 -12.59 -10.67
CA LYS E 501 -66.39 -12.31 -11.32
C LYS E 501 -65.60 -13.58 -11.62
N LEU E 502 -65.84 -14.62 -10.81
CA LEU E 502 -65.15 -15.89 -10.96
C LEU E 502 -65.44 -16.58 -12.30
N LYS E 503 -66.59 -16.29 -12.88
CA LYS E 503 -66.99 -16.92 -14.14
C LYS E 503 -66.44 -16.15 -15.35
N GLY E 506 -66.64 -16.98 -20.15
CA GLY E 506 -67.20 -18.12 -20.86
C GLY E 506 -68.29 -18.84 -20.09
N ALA E 507 -68.14 -18.88 -18.78
CA ALA E 507 -69.13 -19.52 -17.91
C ALA E 507 -70.32 -18.61 -17.66
N ILE E 508 -71.39 -19.17 -17.11
CA ILE E 508 -72.61 -18.41 -16.85
C ILE E 508 -72.57 -17.70 -15.50
N ARG E 509 -72.91 -16.41 -15.50
CA ARG E 509 -72.97 -15.63 -14.27
C ARG E 509 -74.35 -15.74 -13.64
N ARG E 510 -74.36 -16.14 -12.37
CA ARG E 510 -75.61 -16.51 -11.70
C ARG E 510 -76.32 -15.33 -11.02
N ALA E 511 -75.74 -14.14 -11.14
CA ALA E 511 -76.34 -12.95 -10.55
C ALA E 511 -76.20 -11.75 -11.48
N LEU E 512 -77.23 -10.93 -11.53
CA LEU E 512 -77.20 -9.71 -12.33
C LEU E 512 -78.01 -8.59 -11.66
N PHE E 513 -77.74 -7.35 -12.06
CA PHE E 513 -78.41 -6.21 -11.45
C PHE E 513 -79.85 -6.07 -11.93
N LEU E 514 -80.73 -5.67 -11.02
CA LEU E 514 -82.17 -5.67 -11.27
C LEU E 514 -82.61 -4.65 -12.31
N TYR E 515 -82.31 -3.38 -12.07
CA TYR E 515 -82.74 -2.32 -12.96
C TYR E 515 -81.82 -2.15 -14.18
N SER E 516 -81.39 -3.28 -14.74
CA SER E 516 -80.56 -3.28 -15.94
C SER E 516 -80.50 -4.67 -16.56
N ARG E 517 -80.77 -5.68 -15.74
CA ARG E 517 -80.67 -7.09 -16.16
C ARG E 517 -79.30 -7.42 -16.72
N SER E 518 -78.25 -6.87 -16.10
CA SER E 518 -76.88 -7.08 -16.57
C SER E 518 -75.92 -7.27 -15.40
N PRO E 519 -74.95 -8.19 -15.55
CA PRO E 519 -73.94 -8.46 -14.52
C PRO E 519 -72.93 -7.34 -14.40
N SER E 520 -72.87 -6.48 -15.42
CA SER E 520 -71.91 -5.38 -15.44
C SER E 520 -72.61 -4.04 -15.23
N HIS E 521 -72.01 -3.20 -14.38
CA HIS E 521 -72.54 -1.87 -14.14
C HIS E 521 -71.43 -0.88 -13.80
N SER E 522 -71.43 0.26 -14.49
CA SER E 522 -70.45 1.30 -14.25
C SER E 522 -71.09 2.56 -13.71
N LYS E 523 -70.35 3.32 -12.90
CA LYS E 523 -70.89 4.52 -12.28
C LYS E 523 -69.85 5.64 -12.20
N ASN E 524 -70.03 6.67 -13.01
CA ASN E 524 -69.21 7.88 -12.90
C ASN E 524 -69.47 8.53 -11.54
N MET E 525 -68.51 8.40 -10.63
CA MET E 525 -68.67 8.94 -9.28
C MET E 525 -67.71 10.10 -9.06
N THR E 526 -68.21 11.14 -8.41
CA THR E 526 -67.40 12.34 -8.18
C THR E 526 -67.40 12.74 -6.71
N ILE E 527 -66.34 12.35 -5.99
CA ILE E 527 -66.25 12.65 -4.56
C ILE E 527 -65.37 13.87 -4.31
N SER E 528 -65.38 14.36 -3.07
CA SER E 528 -64.62 15.55 -2.72
C SER E 528 -63.50 15.21 -1.74
N ARG E 529 -62.36 15.87 -1.91
CA ARG E 529 -61.20 15.63 -1.06
C ARG E 529 -61.43 16.11 0.36
N GLY E 530 -61.31 15.19 1.31
CA GLY E 530 -61.53 15.51 2.71
C GLY E 530 -63.00 15.53 3.06
N GLY E 531 -63.85 15.54 2.03
CA GLY E 531 -65.29 15.54 2.23
C GLY E 531 -65.81 14.20 2.68
N LEU E 532 -67.11 14.13 2.93
CA LEU E 532 -67.74 12.91 3.42
C LEU E 532 -67.66 11.75 2.42
N MET E 533 -67.93 10.56 2.92
CA MET E 533 -67.93 9.34 2.11
C MET E 533 -69.17 9.27 1.23
N GLN E 534 -68.96 9.20 -0.09
CA GLN E 534 -70.07 9.03 -1.02
C GLN E 534 -70.35 7.55 -1.22
N CYS E 535 -71.64 7.20 -1.31
CA CYS E 535 -72.04 5.81 -1.35
C CYS E 535 -73.34 5.61 -2.12
N GLU E 536 -73.24 4.91 -3.26
CA GLU E 536 -74.41 4.58 -4.06
C GLU E 536 -74.65 3.08 -4.06
N GLU E 537 -75.89 2.66 -3.80
CA GLU E 537 -76.22 1.24 -3.77
C GLU E 537 -77.29 0.87 -4.79
N LEU E 538 -77.35 -0.42 -5.12
CA LEU E 538 -78.31 -0.92 -6.09
C LEU E 538 -78.67 -2.38 -5.83
N ILE E 539 -79.72 -2.86 -6.51
CA ILE E 539 -80.22 -4.20 -6.26
C ILE E 539 -79.79 -5.20 -7.34
N ALA E 540 -79.21 -6.30 -6.89
CA ALA E 540 -78.85 -7.41 -7.78
C ALA E 540 -79.69 -8.61 -7.43
N TYR E 541 -79.93 -9.48 -8.41
CA TYR E 541 -80.77 -10.64 -8.18
C TYR E 541 -80.16 -11.93 -8.72
N LEU E 542 -80.54 -13.04 -8.11
CA LEU E 542 -80.06 -14.35 -8.51
C LEU E 542 -80.86 -14.84 -9.71
N ARG E 543 -80.24 -15.66 -10.55
CA ARG E 543 -80.95 -16.29 -11.66
C ARG E 543 -81.86 -17.38 -11.12
N ASP E 544 -82.78 -17.85 -11.95
CA ASP E 544 -83.70 -18.91 -11.56
C ASP E 544 -82.93 -20.20 -11.31
N GLU E 545 -83.43 -21.01 -10.38
CA GLU E 545 -82.76 -22.25 -9.97
C GLU E 545 -82.48 -23.20 -11.14
N SER E 546 -83.39 -23.21 -12.11
CA SER E 546 -83.22 -24.07 -13.28
C SER E 546 -82.61 -23.33 -14.45
N GLU E 547 -81.60 -22.51 -14.17
CA GLU E 547 -80.86 -21.81 -15.23
C GLU E 547 -79.37 -22.13 -15.17
N PHE E 548 -78.96 -22.81 -14.10
CA PHE E 548 -77.57 -23.18 -13.91
C PHE E 548 -77.46 -24.31 -12.89
N ARG E 549 -76.42 -25.13 -13.02
CA ARG E 549 -76.19 -26.23 -12.09
C ARG E 549 -75.22 -25.83 -10.99
N ASP E 550 -74.34 -24.88 -11.29
CA ASP E 550 -73.30 -24.46 -10.35
C ASP E 550 -73.90 -23.71 -9.17
N LYS E 551 -74.04 -24.40 -8.04
CA LYS E 551 -74.61 -23.80 -6.85
C LYS E 551 -73.63 -23.78 -5.68
N LEU E 552 -72.48 -24.42 -5.88
CA LEU E 552 -71.49 -24.54 -4.82
C LEU E 552 -70.45 -23.43 -4.87
N THR E 553 -70.07 -23.04 -6.09
CA THR E 553 -69.09 -21.98 -6.27
C THR E 553 -69.66 -20.63 -5.83
N PRO E 554 -68.94 -19.95 -4.92
CA PRO E 554 -69.35 -18.63 -4.43
C PRO E 554 -69.39 -17.58 -5.53
N ILE E 555 -70.43 -16.74 -5.49
CA ILE E 555 -70.55 -15.63 -6.44
C ILE E 555 -69.74 -14.45 -5.94
N THR E 556 -68.66 -14.14 -6.65
CA THR E 556 -67.78 -13.06 -6.24
C THR E 556 -68.22 -11.73 -6.84
N ILE E 557 -68.40 -10.73 -5.97
CA ILE E 557 -68.75 -9.38 -6.40
C ILE E 557 -67.50 -8.51 -6.42
N PHE E 558 -67.15 -8.01 -7.59
CA PHE E 558 -65.89 -7.28 -7.78
C PHE E 558 -66.14 -5.79 -7.99
N MET E 559 -65.40 -4.96 -7.26
CA MET E 559 -65.48 -3.51 -7.44
C MET E 559 -64.12 -2.96 -7.81
N GLU E 560 -64.07 -2.14 -8.85
CA GLU E 560 -62.84 -1.55 -9.32
C GLU E 560 -63.06 -0.08 -9.65
N TYR E 561 -62.07 0.76 -9.35
CA TYR E 561 -62.20 2.19 -9.61
C TYR E 561 -60.95 2.79 -10.24
N ARG E 562 -61.17 3.77 -11.12
CA ARG E 562 -60.09 4.48 -11.79
C ARG E 562 -60.28 5.98 -11.64
N LEU E 563 -59.19 6.69 -11.34
CA LEU E 563 -59.25 8.14 -11.20
C LEU E 563 -58.97 8.82 -12.54
N ASP E 564 -59.64 9.95 -12.77
CA ASP E 564 -59.39 10.74 -13.97
C ASP E 564 -58.17 11.63 -13.73
N TYR E 565 -57.02 11.20 -14.23
CA TYR E 565 -55.76 11.91 -14.00
C TYR E 565 -55.66 13.21 -14.82
N ARG E 566 -56.22 13.19 -16.02
CA ARG E 566 -56.16 14.35 -16.91
C ARG E 566 -56.87 15.57 -16.31
N THR E 567 -58.00 15.34 -15.66
CA THR E 567 -58.79 16.41 -15.08
C THR E 567 -58.35 16.75 -13.66
N ALA E 568 -57.49 15.90 -13.09
CA ALA E 568 -56.98 16.11 -11.74
C ALA E 568 -55.69 16.93 -11.77
N ALA E 569 -55.14 17.11 -12.97
CA ALA E 569 -53.89 17.86 -13.15
C ALA E 569 -54.03 19.29 -12.65
N ASP E 570 -52.90 19.94 -12.40
CA ASP E 570 -52.91 21.28 -11.82
C ASP E 570 -51.85 22.19 -12.41
N THR E 571 -52.30 23.32 -12.97
CA THR E 571 -51.42 24.35 -13.53
C THR E 571 -50.44 23.82 -14.57
N THR E 572 -49.34 23.26 -14.10
CA THR E 572 -48.31 22.74 -14.99
C THR E 572 -48.76 21.42 -15.63
N GLY E 573 -49.74 20.77 -15.00
CA GLY E 573 -50.25 19.51 -15.48
C GLY E 573 -49.70 18.36 -14.66
N LEU E 574 -49.44 18.63 -13.38
CA LEU E 574 -48.94 17.60 -12.48
C LEU E 574 -50.10 16.80 -11.91
N GLN E 575 -50.32 15.61 -12.48
CA GLN E 575 -51.44 14.76 -12.11
C GLN E 575 -51.14 13.95 -10.85
N PRO E 576 -52.06 13.99 -9.88
CA PRO E 576 -51.91 13.25 -8.61
C PRO E 576 -51.79 11.74 -8.84
N ILE E 577 -51.47 11.00 -7.78
CA ILE E 577 -51.39 9.56 -7.88
C ILE E 577 -51.99 8.89 -6.64
N LEU E 578 -52.43 7.64 -6.81
CA LEU E 578 -53.02 6.90 -5.70
C LEU E 578 -51.94 6.20 -4.89
N ASN E 579 -52.16 6.11 -3.59
CA ASN E 579 -51.18 5.55 -2.66
C ASN E 579 -50.77 4.12 -3.03
N GLN E 580 -49.51 3.80 -2.81
CA GLN E 580 -49.01 2.45 -3.01
C GLN E 580 -49.56 1.55 -1.92
N PHE E 581 -49.46 0.24 -2.13
CA PHE E 581 -50.00 -0.75 -1.18
C PHE E 581 -51.50 -0.58 -0.92
N THR E 582 -52.13 0.28 -1.70
CA THR E 582 -53.57 0.50 -1.60
C THR E 582 -54.26 -0.19 -2.76
N PRO E 583 -55.08 -1.21 -2.46
CA PRO E 583 -55.81 -1.98 -3.47
C PRO E 583 -56.67 -1.09 -4.36
N ALA E 584 -56.42 -1.12 -5.66
CA ALA E 584 -57.21 -0.35 -6.61
C ALA E 584 -58.57 -1.01 -6.82
N ASN E 585 -58.73 -2.19 -6.25
CA ASN E 585 -59.98 -2.94 -6.35
C ASN E 585 -60.18 -3.87 -5.16
N ILE E 586 -61.43 -4.03 -4.73
CA ILE E 586 -61.76 -4.96 -3.66
C ILE E 586 -62.91 -5.88 -4.08
N SER E 587 -63.01 -7.04 -3.43
CA SER E 587 -64.02 -8.01 -3.79
C SER E 587 -64.62 -8.74 -2.60
N ARG E 588 -65.94 -8.81 -2.57
CA ARG E 588 -66.67 -9.57 -1.57
C ARG E 588 -67.41 -10.68 -2.29
N GLN E 589 -67.88 -11.69 -1.56
CA GLN E 589 -68.60 -12.78 -2.19
C GLN E 589 -69.95 -13.08 -1.57
N ALA E 590 -70.69 -13.98 -2.20
CA ALA E 590 -72.00 -14.39 -1.72
C ALA E 590 -72.19 -15.88 -2.00
N HIS E 591 -72.77 -16.60 -1.06
CA HIS E 591 -72.98 -18.03 -1.20
C HIS E 591 -74.46 -18.37 -1.37
N ILE E 592 -74.74 -19.58 -1.82
CA ILE E 592 -76.09 -20.10 -1.88
C ILE E 592 -76.16 -21.32 -0.97
N LEU E 593 -77.29 -21.51 -0.29
CA LEU E 593 -77.44 -22.63 0.63
C LEU E 593 -78.07 -23.86 -0.02
N LEU E 594 -78.32 -24.88 0.78
CA LEU E 594 -78.95 -26.11 0.29
C LEU E 594 -79.60 -26.89 1.43
N GLY F 1 -17.83 -68.37 -50.80
CA GLY F 1 -18.20 -69.11 -51.98
C GLY F 1 -17.74 -68.42 -53.25
N CYS F 2 -16.46 -68.60 -53.58
CA CYS F 2 -15.88 -67.96 -54.76
C CYS F 2 -16.30 -68.64 -56.06
N ALA F 3 -17.02 -69.76 -55.94
CA ALA F 3 -17.61 -70.41 -57.11
C ALA F 3 -18.66 -69.49 -57.71
N LEU F 4 -19.04 -69.77 -58.95
CA LEU F 4 -19.98 -68.93 -59.69
C LEU F 4 -19.43 -67.52 -59.87
N GLY F 5 -18.64 -67.32 -60.92
CA GLY F 5 -18.05 -66.03 -61.21
C GLY F 5 -17.51 -65.93 -62.61
N GLY F 6 -17.14 -67.08 -63.18
CA GLY F 6 -16.61 -67.12 -64.53
C GLY F 6 -15.10 -67.11 -64.55
N THR F 9 -11.93 -65.92 -66.71
CA THR F 9 -10.74 -65.10 -66.60
C THR F 9 -10.24 -65.06 -65.16
N CYS F 10 -8.93 -65.26 -64.97
CA CYS F 10 -8.32 -65.24 -63.65
C CYS F 10 -8.45 -63.89 -62.98
N GLU F 11 -8.37 -62.83 -63.78
CA GLU F 11 -8.48 -61.47 -63.26
C GLU F 11 -9.88 -61.17 -62.73
N ASP F 12 -10.88 -61.60 -63.48
CA ASP F 12 -12.28 -61.38 -63.09
C ASP F 12 -12.66 -62.20 -61.86
N CYS F 13 -11.86 -63.21 -61.56
CA CYS F 13 -12.08 -64.06 -60.39
C CYS F 13 -11.72 -63.33 -59.10
N LEU F 14 -10.63 -62.56 -59.14
CA LEU F 14 -10.18 -61.82 -57.97
C LEU F 14 -11.14 -60.69 -57.65
N LEU F 15 -11.85 -60.22 -58.67
CA LEU F 15 -12.76 -59.09 -58.53
C LEU F 15 -13.96 -59.44 -57.65
N ILE F 16 -14.55 -60.60 -57.90
CA ILE F 16 -15.80 -60.99 -57.24
C ILE F 16 -15.64 -61.23 -55.75
N GLY F 17 -14.39 -61.40 -55.30
CA GLY F 17 -14.13 -61.65 -53.90
C GLY F 17 -12.65 -61.61 -53.56
N PRO F 18 -12.31 -61.08 -52.38
CA PRO F 18 -10.93 -60.97 -51.91
C PRO F 18 -10.41 -62.30 -51.37
N GLN F 19 -11.30 -63.26 -51.18
CA GLN F 19 -10.90 -64.58 -50.70
C GLN F 19 -10.82 -65.57 -51.87
N CYS F 20 -11.07 -65.06 -53.07
CA CYS F 20 -11.13 -65.91 -54.25
C CYS F 20 -9.75 -66.29 -54.81
N ALA F 21 -9.72 -67.41 -55.53
CA ALA F 21 -8.47 -67.93 -56.09
C ALA F 21 -8.71 -68.53 -57.48
N TRP F 22 -7.65 -68.57 -58.28
CA TRP F 22 -7.73 -69.14 -59.61
C TRP F 22 -6.52 -70.03 -59.89
N CYS F 23 -6.78 -71.20 -60.46
CA CYS F 23 -5.71 -72.13 -60.82
C CYS F 23 -5.46 -72.07 -62.32
N ALA F 24 -4.19 -71.94 -62.69
CA ALA F 24 -3.82 -71.81 -64.10
C ALA F 24 -2.62 -72.69 -64.44
N ARG F 37 -11.35 -73.11 -63.31
CA ARG F 37 -12.17 -73.11 -62.10
C ARG F 37 -11.71 -72.02 -61.13
N CYS F 38 -12.67 -71.42 -60.43
CA CYS F 38 -12.39 -70.37 -59.47
C CYS F 38 -13.04 -70.67 -58.13
N ASP F 39 -12.22 -71.04 -57.15
CA ASP F 39 -12.73 -71.36 -55.82
C ASP F 39 -11.79 -70.81 -54.75
N THR F 40 -11.85 -71.41 -53.55
CA THR F 40 -11.02 -70.97 -52.44
C THR F 40 -10.02 -72.04 -52.05
N PRO F 41 -8.79 -71.63 -51.69
CA PRO F 41 -7.73 -72.55 -51.27
C PRO F 41 -8.11 -73.30 -50.00
N CYS F 49 -5.43 -78.03 -57.13
CA CYS F 49 -4.30 -77.59 -57.94
C CYS F 49 -3.02 -77.52 -57.12
N GLN F 50 -1.89 -77.34 -57.80
CA GLN F 50 -0.61 -77.21 -57.13
C GLN F 50 -0.45 -75.81 -56.54
N LEU F 51 0.39 -75.69 -55.51
CA LEU F 51 0.61 -74.43 -54.84
C LEU F 51 1.28 -73.41 -55.77
N ASN F 52 2.06 -73.91 -56.71
CA ASN F 52 2.76 -73.05 -57.65
C ASN F 52 1.86 -72.56 -58.78
N PHE F 53 0.65 -73.10 -58.83
CA PHE F 53 -0.31 -72.74 -59.87
C PHE F 53 -1.45 -71.88 -59.32
N ILE F 54 -1.62 -71.90 -58.00
CA ILE F 54 -2.63 -71.08 -57.35
C ILE F 54 -2.15 -69.63 -57.27
N GLU F 55 -2.91 -68.72 -57.87
CA GLU F 55 -2.53 -67.31 -57.93
C GLU F 55 -3.37 -66.47 -56.98
N ASN F 56 -2.77 -66.10 -55.85
CA ASN F 56 -3.48 -65.33 -54.83
C ASN F 56 -2.80 -64.02 -54.46
N PRO F 57 -3.23 -62.91 -55.06
CA PRO F 57 -2.75 -61.57 -54.70
C PRO F 57 -3.41 -61.07 -53.42
N VAL F 58 -2.82 -61.39 -52.28
CA VAL F 58 -3.41 -61.06 -50.99
C VAL F 58 -3.00 -59.66 -50.52
N SER F 59 -3.88 -59.00 -49.79
CA SER F 59 -3.58 -57.69 -49.21
C SER F 59 -2.50 -57.82 -48.15
N GLN F 60 -1.55 -56.89 -48.16
CA GLN F 60 -0.40 -56.96 -47.25
C GLN F 60 0.26 -55.59 -47.10
N VAL F 61 0.78 -55.31 -45.91
CA VAL F 61 1.50 -54.07 -45.67
C VAL F 61 3.00 -54.28 -45.67
N GLU F 62 3.74 -53.30 -46.20
CA GLU F 62 5.19 -53.34 -46.17
C GLU F 62 5.74 -52.09 -45.48
N ILE F 63 6.10 -52.24 -44.20
CA ILE F 63 6.66 -51.14 -43.43
C ILE F 63 7.99 -50.69 -44.02
N LEU F 64 8.08 -49.40 -44.34
CA LEU F 64 9.29 -48.85 -44.93
C LEU F 64 10.12 -48.09 -43.90
N LYS F 65 9.49 -47.15 -43.21
CA LYS F 65 10.16 -46.38 -42.17
C LYS F 65 9.38 -46.45 -40.86
N ASN F 66 9.91 -47.21 -39.91
CA ASN F 66 9.26 -47.36 -38.61
C ASN F 66 10.24 -47.10 -37.46
N LYS F 67 10.68 -45.85 -37.34
CA LYS F 67 11.56 -45.44 -36.25
C LYS F 67 10.75 -45.37 -34.96
N PRO F 68 11.30 -45.91 -33.86
CA PRO F 68 10.61 -45.95 -32.57
C PRO F 68 10.23 -44.57 -32.02
N LEU F 69 9.13 -44.52 -31.29
CA LEU F 69 8.64 -43.29 -30.69
C LEU F 69 9.63 -42.72 -29.67
N SER F 70 10.33 -41.67 -30.05
CA SER F 70 11.29 -41.03 -29.16
C SER F 70 10.58 -40.13 -28.16
N VAL F 71 11.12 -40.05 -26.95
CA VAL F 71 10.58 -39.16 -25.93
C VAL F 71 11.63 -38.92 -24.84
N GLY F 72 11.50 -37.79 -24.14
CA GLY F 72 12.40 -37.48 -23.04
C GLY F 72 13.24 -36.24 -23.24
N ARG F 73 12.61 -35.15 -23.64
CA ARG F 73 13.29 -33.86 -23.84
C ARG F 73 14.49 -33.96 -24.77
N GLN F 74 14.30 -34.55 -25.94
CA GLN F 74 15.40 -34.72 -26.88
C GLN F 74 15.89 -33.39 -27.45
N LYS F 75 17.15 -33.06 -27.15
CA LYS F 75 17.75 -31.78 -27.52
C LYS F 75 17.79 -31.57 -29.03
N ASN F 76 18.02 -32.65 -29.77
CA ASN F 76 18.03 -32.60 -31.22
C ASN F 76 16.62 -32.71 -31.79
N SER F 77 16.18 -31.65 -32.46
CA SER F 77 14.82 -31.60 -33.00
C SER F 77 14.60 -32.63 -34.10
N SER F 78 15.69 -33.02 -34.77
CA SER F 78 15.62 -33.96 -35.87
C SER F 78 15.65 -35.42 -35.40
N ASP F 79 15.50 -35.62 -34.09
CA ASP F 79 15.44 -36.96 -33.53
C ASP F 79 14.09 -37.22 -32.88
N ILE F 80 13.26 -36.18 -32.81
CA ILE F 80 11.93 -36.28 -32.21
C ILE F 80 10.98 -37.09 -33.09
N VAL F 81 10.49 -38.21 -32.56
CA VAL F 81 9.54 -39.04 -33.27
C VAL F 81 8.23 -39.13 -32.48
N GLN F 82 7.16 -38.56 -33.01
CA GLN F 82 5.90 -38.50 -32.29
C GLN F 82 4.83 -39.41 -32.87
N ILE F 83 5.10 -39.99 -34.04
CA ILE F 83 4.18 -40.94 -34.65
C ILE F 83 4.94 -42.15 -35.21
N ALA F 84 4.31 -43.31 -35.20
CA ALA F 84 4.95 -44.54 -35.68
C ALA F 84 3.93 -45.54 -36.21
N PRO F 85 4.20 -46.11 -37.39
CA PRO F 85 5.37 -45.83 -38.24
C PRO F 85 5.23 -44.53 -39.02
N GLN F 86 6.18 -44.27 -39.92
CA GLN F 86 6.21 -43.00 -40.66
C GLN F 86 6.02 -43.19 -42.16
N SER F 87 6.58 -44.27 -42.70
CA SER F 87 6.36 -44.62 -44.10
C SER F 87 5.85 -46.05 -44.21
N LEU F 88 4.97 -46.28 -45.17
CA LEU F 88 4.29 -47.57 -45.26
C LEU F 88 3.57 -47.68 -46.60
N ILE F 89 3.90 -48.72 -47.36
CA ILE F 89 3.17 -49.00 -48.59
C ILE F 89 2.12 -50.08 -48.34
N LEU F 90 0.90 -49.84 -48.84
CA LEU F 90 -0.24 -50.68 -48.52
C LEU F 90 -0.87 -51.26 -49.77
N LYS F 91 -0.52 -52.50 -50.11
CA LYS F 91 -1.17 -53.17 -51.23
C LYS F 91 -2.49 -53.79 -50.79
N LEU F 92 -3.56 -53.46 -51.49
CA LEU F 92 -4.90 -53.89 -51.10
C LEU F 92 -5.67 -54.56 -52.23
N ARG F 93 -6.09 -55.80 -51.96
CA ARG F 93 -7.02 -56.48 -52.84
C ARG F 93 -8.37 -55.79 -52.69
N PRO F 94 -9.09 -55.58 -53.80
CA PRO F 94 -10.41 -54.96 -53.74
C PRO F 94 -11.38 -55.78 -52.89
N GLY F 95 -11.84 -55.19 -51.79
CA GLY F 95 -12.76 -55.87 -50.89
C GLY F 95 -12.05 -56.38 -49.65
N GLY F 96 -10.78 -56.74 -49.80
CA GLY F 96 -9.98 -57.21 -48.69
C GLY F 96 -9.38 -56.05 -47.92
N ALA F 97 -9.81 -55.91 -46.66
CA ALA F 97 -9.38 -54.78 -45.84
C ALA F 97 -8.03 -55.05 -45.19
N GLN F 98 -7.55 -54.07 -44.43
CA GLN F 98 -6.30 -54.17 -43.71
C GLN F 98 -6.27 -53.12 -42.61
N THR F 99 -5.92 -53.54 -41.41
CA THR F 99 -5.92 -52.64 -40.26
C THR F 99 -4.51 -52.19 -39.90
N LEU F 100 -4.29 -50.88 -39.89
CA LEU F 100 -2.98 -50.31 -39.58
C LEU F 100 -2.89 -49.96 -38.10
N GLN F 101 -1.78 -50.35 -37.48
CA GLN F 101 -1.55 -50.00 -36.09
C GLN F 101 -0.67 -48.77 -35.98
N VAL F 102 -1.30 -47.64 -35.68
CA VAL F 102 -0.61 -46.36 -35.60
C VAL F 102 -0.43 -45.93 -34.15
N HIS F 103 0.78 -45.50 -33.81
CA HIS F 103 1.09 -45.09 -32.45
C HIS F 103 1.57 -43.65 -32.41
N VAL F 104 1.01 -42.86 -31.50
CA VAL F 104 1.35 -41.45 -31.38
C VAL F 104 1.81 -41.10 -29.96
N ARG F 105 2.87 -40.30 -29.85
CA ARG F 105 3.37 -39.90 -28.54
C ARG F 105 3.95 -38.49 -28.57
N GLN F 106 3.36 -37.60 -27.77
CA GLN F 106 3.87 -36.23 -27.67
C GLN F 106 5.17 -36.18 -26.85
N THR F 107 6.07 -35.30 -27.25
CA THR F 107 7.34 -35.14 -26.55
C THR F 107 7.22 -34.08 -25.46
N GLU F 108 8.19 -34.08 -24.54
CA GLU F 108 8.15 -33.18 -23.39
C GLU F 108 8.38 -31.73 -23.79
N ASP F 109 9.47 -31.47 -24.49
CA ASP F 109 9.78 -30.12 -24.94
C ASP F 109 9.59 -29.97 -26.45
N TYR F 110 3.04 -29.24 -20.72
CA TYR F 110 2.06 -28.28 -21.23
C TYR F 110 2.73 -26.92 -21.37
N PRO F 111 2.56 -26.29 -22.55
CA PRO F 111 3.21 -25.01 -22.88
C PRO F 111 2.85 -23.91 -21.87
N VAL F 112 3.82 -23.05 -21.58
CA VAL F 112 3.65 -22.02 -20.56
C VAL F 112 4.10 -20.65 -21.05
N ASP F 113 3.20 -19.68 -20.98
CA ASP F 113 3.53 -18.29 -21.29
C ASP F 113 3.67 -17.48 -20.01
N LEU F 114 4.73 -16.69 -19.92
CA LEU F 114 4.93 -15.83 -18.76
C LEU F 114 5.12 -14.38 -19.18
N TYR F 115 4.31 -13.50 -18.60
CA TYR F 115 4.47 -12.07 -18.82
C TYR F 115 4.93 -11.40 -17.52
N TYR F 116 6.19 -10.96 -17.51
CA TYR F 116 6.79 -10.33 -16.35
C TYR F 116 6.44 -8.85 -16.31
N LEU F 117 5.49 -8.49 -15.44
CA LEU F 117 5.03 -7.12 -15.31
C LEU F 117 5.65 -6.45 -14.08
N MET F 118 6.57 -5.52 -14.29
CA MET F 118 7.35 -4.96 -13.19
C MET F 118 7.08 -3.49 -12.86
N ASP F 119 6.92 -3.22 -11.57
CA ASP F 119 6.79 -1.87 -11.05
C ASP F 119 8.13 -1.15 -11.16
N LEU F 120 8.15 -0.01 -11.86
CA LEU F 120 9.38 0.76 -12.02
C LEU F 120 9.40 2.07 -11.22
N SER F 121 8.87 2.01 -10.00
CA SER F 121 8.82 3.18 -9.13
C SER F 121 10.17 3.46 -8.48
N ALA F 122 10.29 4.60 -7.82
CA ALA F 122 11.53 5.01 -7.19
C ALA F 122 11.83 4.24 -5.90
N SER F 123 11.91 2.91 -6.02
CA SER F 123 12.25 2.05 -4.90
C SER F 123 12.61 0.65 -5.41
N MET F 124 12.51 0.48 -6.73
CA MET F 124 12.84 -0.79 -7.37
C MET F 124 14.16 -0.67 -8.13
N ASP F 125 14.94 0.35 -7.80
CA ASP F 125 16.21 0.60 -8.47
C ASP F 125 17.22 -0.50 -8.13
N ASP F 126 17.29 -0.85 -6.86
CA ASP F 126 18.19 -1.92 -6.41
C ASP F 126 17.72 -3.27 -6.94
N ASP F 127 16.43 -3.37 -7.24
CA ASP F 127 15.87 -4.59 -7.80
C ASP F 127 16.41 -4.85 -9.20
N LEU F 128 16.48 -3.81 -10.02
CA LEU F 128 16.89 -3.94 -11.41
C LEU F 128 18.37 -4.29 -11.60
N ASN F 129 19.12 -4.37 -10.51
CA ASN F 129 20.54 -4.72 -10.58
C ASN F 129 20.77 -6.21 -10.34
N THR F 130 19.71 -6.93 -10.05
CA THR F 130 19.79 -8.37 -9.77
C THR F 130 18.98 -9.16 -10.79
N ILE F 131 18.35 -8.44 -11.71
CA ILE F 131 17.50 -9.05 -12.72
C ILE F 131 18.19 -9.00 -14.09
N LYS F 132 19.26 -8.22 -14.18
CA LYS F 132 19.95 -7.97 -15.45
C LYS F 132 20.42 -9.25 -16.17
N GLU F 133 20.36 -10.38 -15.48
CA GLU F 133 20.57 -11.68 -16.12
C GLU F 133 19.64 -12.71 -15.50
N LEU F 134 18.34 -12.41 -15.48
CA LEU F 134 17.36 -13.29 -14.87
C LEU F 134 16.69 -14.22 -15.88
N GLY F 135 16.23 -13.63 -17.00
CA GLY F 135 15.48 -14.36 -18.01
C GLY F 135 16.16 -15.61 -18.50
N SER F 136 17.49 -15.60 -18.55
CA SER F 136 18.25 -16.77 -18.92
C SER F 136 18.17 -17.81 -17.80
N ARG F 137 18.29 -17.35 -16.57
CA ARG F 137 18.24 -18.22 -15.39
C ARG F 137 16.85 -18.80 -15.19
N LEU F 138 15.83 -18.02 -15.56
CA LEU F 138 14.45 -18.46 -15.43
C LEU F 138 14.10 -19.51 -16.48
N SER F 139 14.46 -19.24 -17.73
CA SER F 139 14.18 -20.16 -18.83
C SER F 139 14.98 -21.46 -18.69
N LYS F 140 16.13 -21.37 -18.03
CA LYS F 140 16.98 -22.54 -17.80
C LYS F 140 16.30 -23.56 -16.90
N GLU F 141 15.69 -23.07 -15.82
CA GLU F 141 15.02 -23.94 -14.86
C GLU F 141 13.64 -24.37 -15.34
N MET F 142 13.03 -23.54 -16.19
CA MET F 142 11.72 -23.86 -16.76
C MET F 142 11.86 -24.85 -17.91
N SER F 143 13.09 -25.01 -18.41
CA SER F 143 13.36 -25.94 -19.50
C SER F 143 13.09 -27.37 -19.08
N LYS F 144 13.48 -27.71 -17.85
CA LYS F 144 13.31 -29.06 -17.33
C LYS F 144 11.88 -29.33 -16.88
N LEU F 145 11.01 -28.34 -17.06
CA LEU F 145 9.61 -28.47 -16.68
C LEU F 145 8.71 -28.44 -17.91
N THR F 146 9.11 -27.64 -18.90
CA THR F 146 8.33 -27.47 -20.12
C THR F 146 9.23 -27.22 -21.33
N SER F 147 8.90 -27.84 -22.45
CA SER F 147 9.66 -27.64 -23.69
C SER F 147 9.28 -26.31 -24.34
N ASN F 148 8.13 -25.77 -23.95
CA ASN F 148 7.66 -24.49 -24.47
C ASN F 148 7.49 -23.43 -23.40
N PHE F 149 8.50 -22.57 -23.26
CA PHE F 149 8.46 -21.49 -22.29
C PHE F 149 8.78 -20.14 -22.94
N ARG F 150 7.84 -19.21 -22.86
CA ARG F 150 8.02 -17.90 -23.48
C ARG F 150 7.92 -16.77 -22.47
N LEU F 151 8.81 -15.78 -22.58
CA LEU F 151 8.85 -14.67 -21.64
C LEU F 151 8.50 -13.34 -22.29
N GLY F 152 7.55 -12.63 -21.70
CA GLY F 152 7.22 -11.28 -22.13
C GLY F 152 7.69 -10.29 -21.08
N PHE F 153 7.50 -9.00 -21.34
CA PHE F 153 7.87 -7.97 -20.37
C PHE F 153 7.05 -6.71 -20.52
N GLY F 154 6.72 -6.11 -19.38
CA GLY F 154 6.02 -4.84 -19.34
C GLY F 154 6.43 -4.08 -18.10
N SER F 155 6.08 -2.81 -18.06
CA SER F 155 6.45 -1.97 -16.92
C SER F 155 5.30 -1.03 -16.57
N PHE F 156 5.28 -0.55 -15.34
CA PHE F 156 4.26 0.41 -14.93
C PHE F 156 4.74 1.28 -13.79
N VAL F 157 4.12 2.45 -13.65
CA VAL F 157 4.35 3.31 -12.50
C VAL F 157 3.03 3.84 -11.97
N GLU F 158 2.45 4.81 -12.68
CA GLU F 158 1.27 5.51 -12.19
C GLU F 158 0.65 6.34 -13.31
N LYS F 159 -0.62 6.67 -13.16
CA LYS F 159 -1.26 7.64 -14.04
C LYS F 159 -0.53 8.96 -13.87
N PRO F 160 0.10 9.46 -14.96
CA PRO F 160 0.88 10.69 -14.93
C PRO F 160 0.01 11.94 -14.76
N VAL F 161 -0.86 11.92 -13.76
CA VAL F 161 -1.75 13.04 -13.50
C VAL F 161 -1.74 13.32 -12.00
N SER F 162 -1.74 14.59 -11.62
CA SER F 162 -1.82 14.97 -10.22
C SER F 162 -3.17 14.51 -9.67
N PRO F 163 -3.26 14.24 -8.36
CA PRO F 163 -2.25 14.43 -7.30
C PRO F 163 -1.25 13.28 -7.19
N PHE F 164 -1.26 12.36 -8.14
CA PHE F 164 -0.35 11.21 -8.09
C PHE F 164 1.07 11.62 -8.43
N VAL F 165 1.20 12.65 -9.26
CA VAL F 165 2.51 13.17 -9.66
C VAL F 165 2.55 14.68 -9.49
N LYS F 166 3.69 15.20 -9.06
CA LYS F 166 3.90 16.65 -9.02
C LYS F 166 3.95 17.18 -10.45
N THR F 167 3.45 18.39 -10.66
CA THR F 167 3.24 18.88 -12.01
C THR F 167 3.98 20.18 -12.36
N THR F 168 5.01 20.51 -11.60
CA THR F 168 5.89 21.60 -12.00
C THR F 168 6.80 21.07 -13.11
N PRO F 169 7.16 21.94 -14.07
CA PRO F 169 7.95 21.55 -15.25
C PRO F 169 9.19 20.72 -14.88
N GLU F 170 9.85 21.10 -13.78
CA GLU F 170 11.04 20.41 -13.31
C GLU F 170 10.70 19.00 -12.80
N GLU F 171 9.57 18.90 -12.09
CA GLU F 171 9.14 17.61 -11.57
C GLU F 171 8.57 16.71 -12.66
N ILE F 172 7.93 17.32 -13.66
CA ILE F 172 7.41 16.57 -14.80
C ILE F 172 8.55 15.95 -15.61
N ALA F 173 9.59 16.73 -15.85
CA ALA F 173 10.76 16.25 -16.61
C ALA F 173 11.51 15.17 -15.84
N ASN F 174 11.69 15.39 -14.54
CA ASN F 174 12.37 14.43 -13.68
C ASN F 174 11.67 14.33 -12.33
N PRO F 175 10.83 13.29 -12.16
CA PRO F 175 10.05 13.08 -10.93
C PRO F 175 10.94 12.84 -9.71
N CYS F 176 12.21 12.55 -9.94
CA CYS F 176 13.18 12.48 -8.87
C CYS F 176 14.08 13.72 -8.94
N SER F 177 13.50 14.90 -9.00
CA SER F 177 14.32 16.11 -9.00
C SER F 177 14.43 16.64 -7.57
N SER F 178 13.37 16.41 -6.80
CA SER F 178 13.37 16.76 -5.38
C SER F 178 14.48 16.00 -4.66
N ILE F 179 14.55 14.71 -4.92
CA ILE F 179 15.67 13.89 -4.49
C ILE F 179 16.72 13.99 -5.58
N PRO F 180 17.91 14.52 -5.26
CA PRO F 180 18.95 14.62 -6.29
C PRO F 180 19.28 13.24 -6.87
N TYR F 181 18.52 12.83 -7.89
CA TYR F 181 18.67 11.50 -8.49
C TYR F 181 18.04 11.45 -9.88
N PHE F 182 18.57 10.62 -10.77
CA PHE F 182 18.03 10.55 -12.13
C PHE F 182 16.87 9.57 -12.28
N CYS F 183 15.74 10.07 -12.78
CA CYS F 183 14.58 9.24 -13.06
C CYS F 183 13.90 9.65 -14.36
N LEU F 184 13.30 8.68 -15.04
CA LEU F 184 12.49 8.96 -16.22
C LEU F 184 11.13 9.49 -15.79
N PRO F 185 10.49 10.31 -16.64
CA PRO F 185 9.15 10.82 -16.32
C PRO F 185 8.13 9.70 -16.08
N THR F 186 7.10 10.01 -15.30
CA THR F 186 6.11 9.01 -14.94
C THR F 186 5.29 8.55 -16.13
N PHE F 187 5.24 7.24 -16.34
CA PHE F 187 4.42 6.64 -17.38
C PHE F 187 3.44 5.64 -16.77
N GLY F 188 2.32 5.42 -17.46
CA GLY F 188 1.31 4.49 -16.99
C GLY F 188 1.74 3.05 -17.13
N PHE F 189 1.64 2.53 -18.34
CA PHE F 189 2.03 1.14 -18.62
C PHE F 189 2.63 1.01 -20.01
N LYS F 190 3.84 0.46 -20.08
CA LYS F 190 4.52 0.24 -21.34
C LYS F 190 4.76 -1.25 -21.61
N HIS F 191 4.05 -1.77 -22.60
CA HIS F 191 4.27 -3.13 -23.08
C HIS F 191 5.55 -3.14 -23.92
N ILE F 192 6.63 -3.66 -23.35
CA ILE F 192 7.93 -3.63 -24.01
C ILE F 192 8.16 -4.83 -24.91
N LEU F 193 8.31 -6.00 -24.29
CA LEU F 193 8.64 -7.22 -25.04
C LEU F 193 7.48 -8.19 -25.12
N PRO F 194 6.95 -8.41 -26.33
CA PRO F 194 6.00 -9.50 -26.57
C PRO F 194 6.70 -10.84 -26.28
N LEU F 195 6.00 -11.79 -25.68
CA LEU F 195 6.63 -13.02 -25.23
C LEU F 195 7.16 -13.91 -26.36
N THR F 196 8.45 -14.19 -26.30
CA THR F 196 9.11 -15.00 -27.32
C THR F 196 9.95 -16.10 -26.68
N ASN F 197 10.67 -16.85 -27.51
CA ASN F 197 11.54 -17.92 -27.04
C ASN F 197 12.92 -17.43 -26.65
N ASP F 198 13.36 -16.34 -27.29
CA ASP F 198 14.69 -15.78 -27.06
C ASP F 198 14.83 -15.24 -25.64
N ALA F 199 15.21 -16.12 -24.72
CA ALA F 199 15.43 -15.73 -23.33
C ALA F 199 16.59 -14.74 -23.20
N GLU F 200 17.51 -14.80 -24.16
CA GLU F 200 18.64 -13.87 -24.19
C GLU F 200 18.16 -12.44 -24.43
N ARG F 201 17.08 -12.32 -25.21
CA ARG F 201 16.50 -11.01 -25.51
C ARG F 201 15.93 -10.37 -24.25
N PHE F 202 15.40 -11.21 -23.36
CA PHE F 202 14.80 -10.75 -22.11
C PHE F 202 15.80 -9.96 -21.25
N ASN F 203 17.00 -10.52 -21.09
CA ASN F 203 18.01 -9.92 -20.23
C ASN F 203 18.52 -8.57 -20.71
N GLU F 204 18.46 -8.35 -22.02
CA GLU F 204 18.91 -7.09 -22.60
C GLU F 204 17.89 -5.98 -22.32
N ILE F 205 16.62 -6.35 -22.31
CA ILE F 205 15.54 -5.40 -21.99
C ILE F 205 15.66 -4.95 -20.54
N VAL F 206 16.02 -5.88 -19.66
CA VAL F 206 16.14 -5.59 -18.23
C VAL F 206 17.22 -4.55 -17.94
N LYS F 207 18.39 -4.72 -18.58
CA LYS F 207 19.49 -3.78 -18.42
C LYS F 207 19.12 -2.40 -18.93
N ASN F 208 18.30 -2.37 -19.97
CA ASN F 208 17.89 -1.11 -20.60
C ASN F 208 16.93 -0.28 -19.76
N GLN F 209 16.37 -0.89 -18.71
CA GLN F 209 15.34 -0.23 -17.91
C GLN F 209 15.87 0.83 -16.95
N LYS F 210 15.18 1.97 -16.92
CA LYS F 210 15.48 3.02 -15.95
C LYS F 210 14.34 3.12 -14.93
N ILE F 211 14.52 3.97 -13.93
CA ILE F 211 13.54 4.12 -12.86
C ILE F 211 12.71 5.39 -13.05
N SER F 212 11.41 5.29 -12.81
CA SER F 212 10.54 6.47 -12.76
C SER F 212 10.12 6.74 -11.33
N ALA F 213 9.23 7.72 -11.14
CA ALA F 213 8.75 8.05 -9.81
C ALA F 213 7.42 8.81 -9.80
N ASN F 214 6.88 8.98 -8.60
CA ASN F 214 5.69 9.78 -8.38
C ASN F 214 5.55 10.06 -6.88
N ILE F 215 4.37 10.45 -6.44
CA ILE F 215 4.18 10.84 -5.05
C ILE F 215 3.62 9.71 -4.16
N ASP F 216 2.32 9.47 -4.27
CA ASP F 216 1.64 8.53 -3.39
C ASP F 216 2.12 7.09 -3.56
N THR F 217 2.11 6.34 -2.45
CA THR F 217 2.70 5.01 -2.41
C THR F 217 2.00 3.94 -3.27
N PRO F 218 0.65 3.87 -3.22
CA PRO F 218 0.01 2.92 -4.14
C PRO F 218 0.19 3.29 -5.61
N GLU F 219 0.45 2.30 -6.45
CA GLU F 219 0.72 2.54 -7.86
C GLU F 219 -0.45 2.15 -8.77
N GLY F 220 -0.22 2.24 -10.08
CA GLY F 220 -1.28 1.99 -11.04
C GLY F 220 -1.20 0.62 -11.70
N GLY F 221 -0.69 -0.35 -10.96
CA GLY F 221 -0.50 -1.70 -11.47
C GLY F 221 -1.72 -2.33 -12.12
N PHE F 222 -2.91 -2.03 -11.60
CA PHE F 222 -4.13 -2.64 -12.11
C PHE F 222 -4.44 -2.25 -13.55
N ASP F 223 -4.09 -1.01 -13.91
CA ASP F 223 -4.18 -0.58 -15.30
C ASP F 223 -3.33 -1.48 -16.18
N ALA F 224 -2.11 -1.74 -15.72
CA ALA F 224 -1.16 -2.61 -16.42
C ALA F 224 -1.64 -4.05 -16.48
N ILE F 225 -2.30 -4.51 -15.41
CA ILE F 225 -2.80 -5.87 -15.34
C ILE F 225 -3.93 -6.09 -16.33
N MET F 226 -4.85 -5.12 -16.39
CA MET F 226 -5.98 -5.18 -17.30
C MET F 226 -5.52 -5.25 -18.75
N GLN F 227 -4.54 -4.42 -19.10
CA GLN F 227 -4.02 -4.38 -20.47
C GLN F 227 -3.21 -5.62 -20.83
N ALA F 228 -2.48 -6.17 -19.85
CA ALA F 228 -1.69 -7.37 -20.09
C ALA F 228 -2.55 -8.61 -20.27
N ALA F 229 -3.81 -8.53 -19.83
CA ALA F 229 -4.72 -9.66 -19.91
C ALA F 229 -5.59 -9.61 -21.16
N VAL F 230 -6.09 -8.42 -21.48
CA VAL F 230 -6.99 -8.25 -22.61
C VAL F 230 -6.26 -8.20 -23.96
N CYS F 231 -5.12 -7.51 -24.00
CA CYS F 231 -4.37 -7.38 -25.25
C CYS F 231 -3.64 -8.65 -25.64
N LYS F 232 -4.40 -9.63 -26.14
CA LYS F 232 -3.85 -10.94 -26.48
C LYS F 232 -2.81 -10.88 -27.59
N GLU F 233 -3.21 -10.37 -28.75
CA GLU F 233 -2.37 -10.38 -29.94
C GLU F 233 -1.09 -9.56 -29.77
N LYS F 234 -1.17 -8.46 -29.03
CA LYS F 234 0.00 -7.62 -28.78
C LYS F 234 0.93 -8.23 -27.73
N ILE F 235 0.36 -8.85 -26.70
CA ILE F 235 1.16 -9.52 -25.69
C ILE F 235 1.67 -10.86 -26.22
N GLY F 236 0.79 -11.59 -26.90
CA GLY F 236 1.18 -12.80 -27.59
C GLY F 236 0.84 -14.10 -26.89
N TRP F 237 -0.27 -14.11 -26.15
CA TRP F 237 -0.70 -15.31 -25.46
C TRP F 237 -1.02 -16.43 -26.44
N ARG F 238 -0.27 -17.53 -26.35
CA ARG F 238 -0.56 -18.72 -27.16
C ARG F 238 -1.92 -19.29 -26.76
N ASN F 239 -2.63 -19.88 -27.72
CA ASN F 239 -3.98 -20.35 -27.48
C ASN F 239 -4.12 -21.41 -26.40
N ASP F 240 -3.53 -22.58 -26.62
CA ASP F 240 -3.65 -23.68 -25.66
C ASP F 240 -2.42 -23.79 -24.76
N SER F 241 -2.21 -22.80 -23.90
CA SER F 241 -1.07 -22.80 -22.99
C SER F 241 -1.41 -22.07 -21.69
N LEU F 242 -0.59 -22.28 -20.67
CA LEU F 242 -0.75 -21.56 -19.41
C LEU F 242 -0.48 -20.07 -19.63
N HIS F 243 -1.22 -19.23 -18.91
CA HIS F 243 -1.05 -17.79 -19.04
C HIS F 243 -0.64 -17.18 -17.70
N LEU F 244 0.66 -17.22 -17.41
CA LEU F 244 1.17 -16.69 -16.16
C LEU F 244 1.50 -15.20 -16.26
N LEU F 245 0.97 -14.43 -15.32
CA LEU F 245 1.25 -13.01 -15.24
C LEU F 245 1.90 -12.71 -13.90
N VAL F 246 3.20 -12.46 -13.91
CA VAL F 246 3.93 -12.18 -12.67
C VAL F 246 3.90 -10.68 -12.35
N PHE F 247 3.07 -10.31 -11.38
CA PHE F 247 2.97 -8.93 -10.94
C PHE F 247 4.05 -8.67 -9.89
N VAL F 248 4.96 -7.76 -10.20
CA VAL F 248 6.07 -7.47 -9.28
C VAL F 248 6.03 -6.04 -8.78
N SER F 249 5.58 -5.86 -7.54
CA SER F 249 5.52 -4.52 -6.95
C SER F 249 5.86 -4.60 -5.46
N ASP F 250 6.18 -3.44 -4.88
CA ASP F 250 6.53 -3.37 -3.46
C ASP F 250 5.54 -2.49 -2.72
N ALA F 251 4.40 -2.24 -3.33
CA ALA F 251 3.42 -1.32 -2.76
C ALA F 251 1.97 -1.71 -3.06
N ASP F 252 1.05 -0.87 -2.62
CA ASP F 252 -0.37 -1.08 -2.84
C ASP F 252 -0.74 -0.81 -4.30
N SER F 253 -2.02 -0.99 -4.61
CA SER F 253 -2.53 -0.73 -5.94
C SER F 253 -3.76 0.16 -5.90
N HIS F 254 -3.78 1.21 -6.71
CA HIS F 254 -4.98 2.00 -6.89
C HIS F 254 -6.01 1.16 -7.63
N PHE F 255 -7.27 1.41 -7.34
CA PHE F 255 -8.36 0.67 -7.98
C PHE F 255 -9.58 1.56 -8.12
N GLY F 256 -10.44 1.21 -9.07
CA GLY F 256 -11.73 1.86 -9.25
C GLY F 256 -11.70 3.38 -9.28
N MET F 257 -12.44 3.99 -8.36
CA MET F 257 -12.65 5.43 -8.36
C MET F 257 -11.61 6.20 -7.54
N ASP F 258 -10.39 5.68 -7.48
CA ASP F 258 -9.30 6.42 -6.85
C ASP F 258 -8.88 7.57 -7.76
N SER F 259 -9.09 7.39 -9.06
CA SER F 259 -8.73 8.39 -10.04
C SER F 259 -9.68 9.60 -10.01
N LYS F 260 -10.69 9.53 -9.15
CA LYS F 260 -11.61 10.65 -8.93
C LYS F 260 -10.85 11.89 -8.48
N LEU F 261 -9.77 11.69 -7.73
CA LEU F 261 -8.93 12.77 -7.27
C LEU F 261 -8.22 13.43 -8.45
N ALA F 262 -8.04 12.68 -9.53
CA ALA F 262 -7.35 13.19 -10.72
C ALA F 262 -8.34 13.68 -11.76
N GLY F 263 -9.62 13.73 -11.39
CA GLY F 263 -10.66 14.16 -12.30
C GLY F 263 -11.02 13.11 -13.34
N ILE F 264 -10.48 11.91 -13.17
CA ILE F 264 -10.74 10.80 -14.08
C ILE F 264 -11.92 9.98 -13.59
N VAL F 265 -13.10 10.26 -14.15
CA VAL F 265 -14.34 9.66 -13.66
C VAL F 265 -15.06 8.84 -14.72
N CYS F 266 -14.29 8.25 -15.63
CA CYS F 266 -14.86 7.38 -16.66
C CYS F 266 -14.36 5.95 -16.49
N PRO F 267 -15.28 5.04 -16.13
CA PRO F 267 -15.01 3.63 -15.82
C PRO F 267 -14.16 2.93 -16.90
N ASN F 268 -13.21 2.12 -16.46
CA ASN F 268 -12.36 1.36 -17.36
C ASN F 268 -13.19 0.36 -18.17
N ASP F 269 -13.11 0.46 -19.49
CA ASP F 269 -13.92 -0.38 -20.38
C ASP F 269 -13.38 -1.80 -20.52
N GLY F 270 -12.20 -2.05 -19.94
CA GLY F 270 -11.57 -3.35 -20.04
C GLY F 270 -11.26 -3.74 -21.46
N LEU F 271 -10.81 -2.78 -22.25
CA LEU F 271 -10.45 -3.03 -23.64
C LEU F 271 -8.97 -2.75 -23.89
N CYS F 272 -8.45 -3.27 -24.99
CA CYS F 272 -7.08 -2.96 -25.41
C CYS F 272 -6.94 -1.49 -25.76
N HIS F 273 -5.90 -0.85 -25.25
CA HIS F 273 -5.65 0.55 -25.53
C HIS F 273 -4.14 0.83 -25.62
N LEU F 274 -3.43 -0.08 -26.27
CA LEU F 274 -2.00 0.10 -26.52
C LEU F 274 -1.77 0.75 -27.88
N ASP F 275 -1.28 1.99 -27.87
CA ASP F 275 -1.06 2.72 -29.12
C ASP F 275 0.08 2.13 -29.95
N SER F 276 0.45 2.85 -31.00
CA SER F 276 1.52 2.41 -31.91
C SER F 276 2.84 2.22 -31.18
N LYS F 277 3.05 3.01 -30.13
CA LYS F 277 4.28 2.96 -29.36
C LYS F 277 4.22 1.89 -28.27
N ASN F 278 3.17 1.07 -28.31
CA ASN F 278 2.91 0.06 -27.28
C ASN F 278 2.81 0.65 -25.88
N GLU F 279 1.98 1.67 -25.72
CA GLU F 279 1.75 2.29 -24.42
C GLU F 279 0.26 2.39 -24.14
N TYR F 280 -0.13 2.27 -22.89
CA TYR F 280 -1.52 2.42 -22.49
C TYR F 280 -1.93 3.89 -22.61
N SER F 281 -2.71 4.20 -23.63
CA SER F 281 -3.04 5.59 -23.94
C SER F 281 -4.11 6.17 -23.01
N MET F 282 -5.01 5.32 -22.55
CA MET F 282 -6.13 5.78 -21.73
C MET F 282 -5.78 5.90 -20.25
N SER F 283 -4.49 5.94 -19.93
CA SER F 283 -4.05 6.04 -18.54
C SER F 283 -4.48 7.34 -17.87
N THR F 284 -4.85 8.33 -18.67
CA THR F 284 -5.30 9.61 -18.14
C THR F 284 -6.78 9.82 -18.44
N VAL F 285 -7.37 8.86 -19.14
CA VAL F 285 -8.75 8.97 -19.58
C VAL F 285 -9.69 8.11 -18.75
N LEU F 286 -9.32 6.85 -18.55
CA LEU F 286 -10.16 5.89 -17.85
C LEU F 286 -9.72 5.66 -16.42
N GLU F 287 -10.69 5.35 -15.56
CA GLU F 287 -10.41 5.03 -14.16
C GLU F 287 -9.60 3.74 -14.05
N TYR F 288 -9.01 3.51 -12.88
CA TYR F 288 -8.39 2.23 -12.59
C TYR F 288 -9.46 1.15 -12.64
N PRO F 289 -9.13 -0.03 -13.18
CA PRO F 289 -10.09 -1.14 -13.17
C PRO F 289 -10.46 -1.59 -11.75
N THR F 290 -11.64 -2.16 -11.61
CA THR F 290 -12.10 -2.69 -10.34
C THR F 290 -11.73 -4.16 -10.23
N ILE F 291 -11.75 -4.71 -9.02
CA ILE F 291 -11.48 -6.13 -8.82
C ILE F 291 -12.47 -6.97 -9.62
N GLY F 292 -13.74 -6.60 -9.57
CA GLY F 292 -14.77 -7.27 -10.36
C GLY F 292 -14.44 -7.29 -11.83
N GLN F 293 -13.96 -6.15 -12.34
CA GLN F 293 -13.56 -6.04 -13.74
C GLN F 293 -12.33 -6.91 -14.05
N LEU F 294 -11.33 -6.85 -13.19
CA LEU F 294 -10.13 -7.67 -13.35
C LEU F 294 -10.47 -9.16 -13.38
N ILE F 295 -11.29 -9.60 -12.42
CA ILE F 295 -11.71 -10.99 -12.34
C ILE F 295 -12.41 -11.43 -13.64
N ASP F 296 -13.21 -10.53 -14.20
CA ASP F 296 -13.96 -10.82 -15.41
C ASP F 296 -13.05 -11.02 -16.62
N LYS F 297 -11.96 -10.27 -16.69
CA LYS F 297 -11.04 -10.35 -17.82
C LYS F 297 -9.95 -11.42 -17.64
N LEU F 298 -9.48 -11.59 -16.41
CA LEU F 298 -8.50 -12.63 -16.09
C LEU F 298 -9.08 -14.02 -16.38
N VAL F 299 -10.36 -14.19 -16.06
CA VAL F 299 -11.04 -15.45 -16.32
C VAL F 299 -11.30 -15.65 -17.81
N GLN F 300 -11.85 -14.64 -18.46
CA GLN F 300 -12.18 -14.70 -19.88
C GLN F 300 -10.95 -14.98 -20.73
N ASN F 301 -9.85 -14.31 -20.39
CA ASN F 301 -8.59 -14.50 -21.12
C ASN F 301 -7.76 -15.62 -20.52
N ASN F 302 -8.32 -16.28 -19.51
CA ASN F 302 -7.70 -17.44 -18.87
C ASN F 302 -6.29 -17.17 -18.37
N VAL F 303 -6.10 -16.01 -17.74
CA VAL F 303 -4.80 -15.61 -17.22
C VAL F 303 -4.68 -15.89 -15.73
N LEU F 304 -3.55 -16.46 -15.32
CA LEU F 304 -3.28 -16.72 -13.91
C LEU F 304 -2.38 -15.63 -13.34
N LEU F 305 -2.81 -15.03 -12.23
CA LEU F 305 -2.15 -13.88 -11.66
C LEU F 305 -1.26 -14.23 -10.48
N ILE F 306 0.05 -13.96 -10.61
CA ILE F 306 0.99 -14.24 -9.53
C ILE F 306 1.55 -12.95 -8.92
N PHE F 307 1.11 -12.66 -7.70
CA PHE F 307 1.56 -11.46 -6.99
C PHE F 307 2.92 -11.67 -6.34
N ALA F 308 3.97 -11.19 -6.99
CA ALA F 308 5.30 -11.19 -6.39
C ALA F 308 5.49 -9.89 -5.63
N VAL F 309 4.97 -9.85 -4.40
CA VAL F 309 5.02 -8.64 -3.59
C VAL F 309 5.89 -8.82 -2.36
N THR F 310 6.41 -7.71 -1.84
CA THR F 310 7.26 -7.75 -0.66
C THR F 310 6.40 -7.88 0.59
N GLN F 311 7.03 -8.13 1.74
CA GLN F 311 6.29 -8.12 2.99
C GLN F 311 5.78 -6.70 3.23
N GLU F 312 4.95 -6.54 4.27
CA GLU F 312 4.19 -5.31 4.50
C GLU F 312 3.16 -5.12 3.40
N GLN F 313 3.02 -6.12 2.53
CA GLN F 313 2.15 -6.04 1.38
C GLN F 313 1.60 -7.41 1.03
N VAL F 314 2.24 -8.46 1.53
CA VAL F 314 1.83 -9.82 1.26
C VAL F 314 0.41 -10.09 1.75
N HIS F 315 0.09 -9.57 2.94
CA HIS F 315 -1.24 -9.71 3.52
C HIS F 315 -2.29 -9.18 2.55
N LEU F 316 -2.11 -7.94 2.12
CA LEU F 316 -3.06 -7.24 1.25
C LEU F 316 -3.35 -8.01 -0.04
N TYR F 317 -2.30 -8.45 -0.73
CA TYR F 317 -2.48 -9.13 -2.00
C TYR F 317 -2.94 -10.58 -1.83
N GLU F 318 -2.76 -11.13 -0.63
CA GLU F 318 -3.26 -12.45 -0.31
C GLU F 318 -4.79 -12.42 -0.29
N ASN F 319 -5.34 -11.37 0.31
CA ASN F 319 -6.78 -11.18 0.36
C ASN F 319 -7.39 -10.89 -1.01
N TYR F 320 -6.67 -10.13 -1.84
CA TYR F 320 -7.08 -9.90 -3.21
C TYR F 320 -7.15 -11.21 -3.97
N ALA F 321 -6.11 -12.04 -3.79
CA ALA F 321 -5.98 -13.29 -4.54
C ALA F 321 -7.06 -14.31 -4.19
N LYS F 322 -7.65 -14.20 -3.01
CA LYS F 322 -8.76 -15.06 -2.61
C LYS F 322 -9.98 -14.81 -3.50
N LEU F 323 -10.13 -13.57 -3.94
CA LEU F 323 -11.26 -13.19 -4.77
C LEU F 323 -11.04 -13.52 -6.25
N ILE F 324 -9.77 -13.57 -6.64
CA ILE F 324 -9.41 -13.81 -8.03
C ILE F 324 -9.02 -15.26 -8.27
N PRO F 325 -9.83 -15.99 -9.04
CA PRO F 325 -9.60 -17.41 -9.30
C PRO F 325 -8.29 -17.67 -10.06
N GLY F 326 -7.42 -18.48 -9.47
CA GLY F 326 -6.15 -18.82 -10.09
C GLY F 326 -5.02 -17.93 -9.64
N ALA F 327 -5.30 -17.04 -8.69
CA ALA F 327 -4.30 -16.09 -8.22
C ALA F 327 -3.55 -16.59 -6.99
N THR F 328 -2.24 -16.41 -7.01
CA THR F 328 -1.39 -16.76 -5.88
C THR F 328 -0.47 -15.59 -5.53
N VAL F 329 0.19 -15.67 -4.39
CA VAL F 329 1.14 -14.63 -3.99
C VAL F 329 2.50 -15.24 -3.67
N GLY F 330 3.52 -14.39 -3.58
CA GLY F 330 4.85 -14.83 -3.25
C GLY F 330 5.66 -13.73 -2.58
N LEU F 331 6.33 -14.08 -1.49
CA LEU F 331 7.11 -13.11 -0.73
C LEU F 331 8.35 -12.67 -1.50
N LEU F 332 8.37 -11.40 -1.91
CA LEU F 332 9.50 -10.85 -2.63
C LEU F 332 10.42 -10.09 -1.67
N GLN F 333 11.71 -10.04 -1.99
CA GLN F 333 12.70 -9.36 -1.14
C GLN F 333 12.92 -7.92 -1.60
N LYS F 334 13.52 -7.12 -0.71
CA LYS F 334 13.84 -5.73 -1.02
C LYS F 334 14.82 -5.65 -2.19
N ASP F 335 15.69 -6.66 -2.29
CA ASP F 335 16.62 -6.76 -3.40
C ASP F 335 15.99 -7.55 -4.54
N SER F 336 14.88 -8.22 -4.22
CA SER F 336 14.21 -9.14 -5.14
C SER F 336 15.20 -10.14 -5.73
N GLY F 337 16.01 -10.73 -4.86
CA GLY F 337 16.98 -11.73 -5.29
C GLY F 337 16.39 -13.12 -5.23
N ASN F 338 15.08 -13.20 -5.01
CA ASN F 338 14.39 -14.48 -4.93
C ASN F 338 13.24 -14.62 -5.91
N ILE F 339 13.26 -13.81 -6.97
CA ILE F 339 12.24 -13.86 -8.00
C ILE F 339 12.24 -15.22 -8.69
N LEU F 340 13.43 -15.75 -8.90
CA LEU F 340 13.61 -17.06 -9.50
C LEU F 340 12.86 -18.12 -8.69
N GLN F 341 13.07 -18.08 -7.38
CA GLN F 341 12.48 -19.06 -6.48
C GLN F 341 10.96 -18.91 -6.40
N LEU F 342 10.49 -17.66 -6.34
CA LEU F 342 9.05 -17.38 -6.26
C LEU F 342 8.28 -17.93 -7.45
N ILE F 343 8.68 -17.53 -8.65
CA ILE F 343 7.97 -17.89 -9.87
C ILE F 343 7.82 -19.40 -10.04
N ILE F 344 8.92 -20.12 -9.85
CA ILE F 344 8.90 -21.56 -10.01
C ILE F 344 8.05 -22.22 -8.93
N SER F 345 8.14 -21.71 -7.70
CA SER F 345 7.33 -22.21 -6.59
C SER F 345 5.84 -22.05 -6.88
N ALA F 346 5.49 -20.86 -7.37
CA ALA F 346 4.10 -20.55 -7.72
C ALA F 346 3.62 -21.45 -8.85
N TYR F 347 4.51 -21.71 -9.81
CA TYR F 347 4.21 -22.57 -10.94
C TYR F 347 3.92 -23.99 -10.49
N GLU F 348 4.74 -24.50 -9.57
CA GLU F 348 4.56 -25.83 -9.03
C GLU F 348 3.26 -25.91 -8.24
N GLU F 349 2.91 -24.81 -7.57
CA GLU F 349 1.66 -24.72 -6.83
C GLU F 349 0.48 -24.83 -7.80
N LEU F 350 0.58 -24.14 -8.92
CA LEU F 350 -0.46 -24.17 -9.94
C LEU F 350 -0.53 -25.52 -10.64
N ARG F 351 -2.11 -30.67 -24.83
CA ARG F 351 -0.98 -31.55 -24.51
C ARG F 351 -1.43 -32.88 -23.93
N SER F 352 -2.71 -33.00 -23.61
CA SER F 352 -3.25 -34.24 -23.09
C SER F 352 -4.17 -34.91 -24.11
N GLU F 353 -4.34 -34.26 -25.26
CA GLU F 353 -5.16 -34.80 -26.34
C GLU F 353 -4.30 -35.31 -27.49
N VAL F 354 -4.75 -36.39 -28.14
CA VAL F 354 -4.14 -36.86 -29.37
C VAL F 354 -5.22 -37.23 -30.37
N GLU F 355 -5.29 -36.50 -31.48
CA GLU F 355 -6.31 -36.71 -32.48
C GLU F 355 -5.67 -37.01 -33.83
N LEU F 356 -6.18 -38.03 -34.51
CA LEU F 356 -5.70 -38.37 -35.83
C LEU F 356 -6.46 -37.66 -36.93
N GLU F 357 -5.83 -37.51 -38.08
CA GLU F 357 -6.47 -36.92 -39.26
C GLU F 357 -5.94 -37.58 -40.52
N VAL F 358 -6.84 -37.84 -41.46
CA VAL F 358 -6.48 -38.49 -42.71
C VAL F 358 -6.59 -37.50 -43.87
N LEU F 359 -5.54 -37.40 -44.68
CA LEU F 359 -5.49 -36.38 -45.74
C LEU F 359 -5.19 -36.96 -47.12
N GLY F 360 -5.83 -36.40 -48.14
CA GLY F 360 -5.55 -36.72 -49.53
C GLY F 360 -5.87 -38.14 -49.96
N ASP F 361 -6.72 -38.83 -49.21
CA ASP F 361 -7.07 -40.21 -49.52
C ASP F 361 -7.95 -40.31 -50.76
N THR F 362 -8.53 -41.48 -50.97
CA THR F 362 -9.49 -41.67 -52.05
C THR F 362 -10.89 -41.33 -51.52
N GLU F 363 -11.67 -40.63 -52.33
CA GLU F 363 -13.04 -40.28 -51.95
C GLU F 363 -13.86 -41.55 -51.70
N GLY F 364 -13.62 -42.57 -52.52
CA GLY F 364 -14.33 -43.83 -52.38
C GLY F 364 -13.52 -44.86 -51.62
N LEU F 365 -12.90 -44.42 -50.53
CA LEU F 365 -12.08 -45.29 -49.71
C LEU F 365 -12.77 -45.56 -48.37
N ASN F 366 -12.81 -46.82 -47.96
CA ASN F 366 -13.37 -47.16 -46.65
C ASN F 366 -12.37 -46.98 -45.53
N LEU F 367 -12.74 -46.19 -44.52
CA LEU F 367 -11.90 -45.96 -43.37
C LEU F 367 -12.67 -46.09 -42.06
N SER F 368 -12.05 -46.69 -41.07
CA SER F 368 -12.64 -46.81 -39.75
C SER F 368 -11.56 -46.74 -38.67
N PHE F 369 -11.93 -46.21 -37.50
CA PHE F 369 -10.95 -45.95 -36.46
C PHE F 369 -11.41 -46.45 -35.10
N THR F 370 -10.53 -47.14 -34.39
CA THR F 370 -10.73 -47.46 -32.99
C THR F 370 -9.56 -46.91 -32.19
N ALA F 371 -9.85 -46.34 -31.03
CA ALA F 371 -8.82 -45.68 -30.23
C ALA F 371 -8.43 -46.47 -28.99
N ILE F 372 -7.14 -46.52 -28.70
CA ILE F 372 -6.64 -47.18 -27.50
C ILE F 372 -5.91 -46.14 -26.64
N CYS F 373 -6.55 -45.72 -25.55
CA CYS F 373 -6.07 -44.60 -24.77
C CYS F 373 -5.43 -44.98 -23.43
N ASN F 374 -6.06 -44.54 -22.34
CA ASN F 374 -5.50 -44.67 -21.00
C ASN F 374 -5.25 -46.12 -20.56
N ASN F 375 -6.26 -46.72 -19.95
CA ASN F 375 -6.13 -48.06 -19.40
C ASN F 375 -6.25 -49.15 -20.47
N GLY F 376 -5.78 -48.85 -21.68
CA GLY F 376 -5.86 -49.81 -22.77
C GLY F 376 -7.29 -50.03 -23.23
N THR F 377 -8.21 -49.20 -22.75
CA THR F 377 -9.60 -49.29 -23.13
C THR F 377 -9.76 -48.89 -24.59
N LEU F 378 -10.65 -49.57 -25.30
CA LEU F 378 -10.82 -49.33 -26.72
C LEU F 378 -12.09 -48.54 -27.03
N PHE F 379 -11.97 -47.53 -27.87
CA PHE F 379 -13.09 -46.70 -28.27
C PHE F 379 -13.38 -46.86 -29.75
N GLN F 380 -14.43 -47.61 -30.07
CA GLN F 380 -14.82 -47.83 -31.47
C GLN F 380 -15.33 -46.54 -32.08
N HIS F 381 -15.16 -46.40 -33.40
CA HIS F 381 -15.56 -45.20 -34.12
C HIS F 381 -14.96 -43.94 -33.49
N GLN F 382 -13.68 -43.99 -33.17
CA GLN F 382 -13.02 -42.87 -32.53
C GLN F 382 -11.52 -42.80 -32.89
N LYS F 383 -11.06 -41.62 -33.24
CA LYS F 383 -9.64 -41.42 -33.56
C LYS F 383 -9.04 -40.34 -32.67
N LYS F 384 -9.57 -40.23 -31.46
CA LYS F 384 -9.16 -39.19 -30.53
C LYS F 384 -8.92 -39.76 -29.14
N CYS F 385 -7.78 -39.40 -28.55
CA CYS F 385 -7.48 -39.81 -27.18
C CYS F 385 -7.33 -38.60 -26.26
N SER F 386 -7.81 -38.73 -25.03
CA SER F 386 -7.79 -37.62 -24.09
C SER F 386 -7.23 -38.01 -22.73
N HIS F 387 -7.01 -37.01 -21.88
CA HIS F 387 -6.46 -37.20 -20.54
C HIS F 387 -5.15 -37.98 -20.54
N MET F 388 -4.14 -37.39 -21.18
CA MET F 388 -2.84 -38.05 -21.30
C MET F 388 -1.72 -37.20 -20.72
N LYS F 389 -1.00 -37.75 -19.75
CA LYS F 389 0.21 -37.10 -19.28
C LYS F 389 1.23 -37.09 -20.40
N VAL F 390 1.86 -35.94 -20.63
CA VAL F 390 2.78 -35.79 -21.75
C VAL F 390 3.90 -36.82 -21.70
N GLY F 391 3.75 -37.88 -22.49
CA GLY F 391 4.67 -38.99 -22.47
C GLY F 391 3.92 -40.30 -22.69
N ASP F 392 2.64 -40.29 -22.35
CA ASP F 392 1.77 -41.43 -22.58
C ASP F 392 1.60 -41.66 -24.08
N THR F 393 1.45 -42.92 -24.48
CA THR F 393 1.30 -43.25 -25.88
C THR F 393 -0.16 -43.54 -26.24
N ALA F 394 -0.53 -43.19 -27.46
CA ALA F 394 -1.89 -43.42 -27.94
C ALA F 394 -1.85 -44.25 -29.22
N SER F 395 -2.53 -45.39 -29.20
CA SER F 395 -2.55 -46.29 -30.35
C SER F 395 -3.89 -46.28 -31.05
N PHE F 396 -3.86 -46.24 -32.37
CA PHE F 396 -5.08 -46.23 -33.17
C PHE F 396 -5.06 -47.34 -34.21
N SER F 397 -6.17 -48.05 -34.33
CA SER F 397 -6.31 -49.08 -35.35
C SER F 397 -7.10 -48.56 -36.54
N VAL F 398 -6.38 -48.18 -37.61
CA VAL F 398 -6.99 -47.63 -38.80
C VAL F 398 -7.22 -48.72 -39.84
N THR F 399 -8.48 -48.97 -40.17
CA THR F 399 -8.82 -50.01 -41.14
C THR F 399 -9.08 -49.40 -42.51
N VAL F 400 -8.25 -49.78 -43.48
CA VAL F 400 -8.35 -49.24 -44.83
C VAL F 400 -8.87 -50.29 -45.81
N ASN F 401 -9.77 -49.89 -46.70
CA ASN F 401 -10.31 -50.80 -47.69
C ASN F 401 -10.78 -50.09 -48.94
N ILE F 402 -10.50 -50.69 -50.10
CA ILE F 402 -11.00 -50.19 -51.38
C ILE F 402 -12.02 -51.18 -51.91
N PRO F 403 -13.24 -50.69 -52.21
CA PRO F 403 -14.34 -51.55 -52.65
C PRO F 403 -14.14 -52.13 -54.04
N HIS F 404 -13.57 -51.36 -54.95
CA HIS F 404 -13.38 -51.81 -56.32
C HIS F 404 -11.95 -51.59 -56.81
N CYS F 405 -11.60 -52.25 -57.90
CA CYS F 405 -10.25 -52.14 -58.46
C CYS F 405 -9.99 -50.74 -59.02
N GLU F 406 -8.95 -50.09 -58.48
CA GLU F 406 -8.55 -48.78 -58.96
C GLU F 406 -7.35 -48.91 -59.90
N ARG F 407 -7.17 -47.95 -60.79
CA ARG F 407 -6.08 -47.99 -61.75
C ARG F 407 -4.73 -47.61 -61.14
N ARG F 408 -4.71 -46.53 -60.36
CA ARG F 408 -3.46 -46.03 -59.81
C ARG F 408 -3.50 -45.86 -58.29
N SER F 409 -2.33 -45.84 -57.67
CA SER F 409 -2.23 -45.76 -56.22
C SER F 409 -2.66 -44.40 -55.68
N ARG F 410 -3.01 -44.35 -54.40
CA ARG F 410 -3.42 -43.12 -53.76
C ARG F 410 -2.44 -42.71 -52.66
N HIS F 411 -2.05 -41.44 -52.68
CA HIS F 411 -1.12 -40.91 -51.68
C HIS F 411 -1.87 -40.34 -50.48
N ILE F 412 -1.79 -41.03 -49.35
CA ILE F 412 -2.54 -40.66 -48.16
C ILE F 412 -1.58 -40.29 -47.01
N ILE F 413 -2.02 -39.38 -46.15
CA ILE F 413 -1.22 -38.95 -45.01
C ILE F 413 -2.01 -39.05 -43.71
N ILE F 414 -1.53 -39.86 -42.79
CA ILE F 414 -2.11 -39.93 -41.45
C ILE F 414 -1.20 -39.22 -40.46
N LYS F 415 -1.71 -38.18 -39.83
CA LYS F 415 -0.90 -37.40 -38.89
C LYS F 415 -1.69 -37.02 -37.65
N PRO F 416 -0.98 -36.72 -36.55
CA PRO F 416 -1.66 -36.18 -35.37
C PRO F 416 -1.98 -34.70 -35.58
N VAL F 417 -3.13 -34.27 -35.08
CA VAL F 417 -3.56 -32.89 -35.26
C VAL F 417 -2.65 -31.90 -34.54
N GLY F 418 -2.12 -30.94 -35.29
CA GLY F 418 -1.28 -29.91 -34.70
C GLY F 418 0.20 -30.22 -34.75
N LEU F 419 0.53 -31.51 -34.79
CA LEU F 419 1.93 -31.94 -34.82
C LEU F 419 2.44 -32.13 -36.24
N GLY F 420 3.73 -31.88 -36.45
CA GLY F 420 4.31 -31.91 -37.77
C GLY F 420 4.52 -33.32 -38.33
N ASP F 421 4.82 -34.27 -37.45
CA ASP F 421 5.08 -35.64 -37.86
C ASP F 421 3.88 -36.27 -38.58
N ALA F 422 4.16 -37.19 -39.51
CA ALA F 422 3.11 -37.78 -40.32
C ALA F 422 3.45 -39.17 -40.83
N LEU F 423 2.40 -39.99 -41.00
CA LEU F 423 2.55 -41.32 -41.57
C LEU F 423 2.08 -41.34 -43.02
N GLU F 424 3.02 -41.51 -43.93
CA GLU F 424 2.73 -41.52 -45.36
C GLU F 424 2.26 -42.91 -45.81
N LEU F 425 1.16 -42.95 -46.56
CA LEU F 425 0.61 -44.21 -47.03
C LEU F 425 0.56 -44.27 -48.55
N LEU F 426 1.27 -45.23 -49.12
CA LEU F 426 1.15 -45.52 -50.54
C LEU F 426 0.20 -46.70 -50.71
N VAL F 427 -1.06 -46.41 -51.04
CA VAL F 427 -2.06 -47.45 -51.20
C VAL F 427 -2.25 -47.82 -52.66
N SER F 428 -1.65 -48.94 -53.07
CA SER F 428 -1.76 -49.42 -54.44
C SER F 428 -2.64 -50.67 -54.50
N PRO F 429 -3.51 -50.75 -55.51
CA PRO F 429 -4.43 -51.88 -55.65
C PRO F 429 -3.82 -53.07 -56.39
N GLU F 430 -4.35 -54.27 -56.13
CA GLU F 430 -3.93 -55.47 -56.83
C GLU F 430 -5.11 -56.16 -57.48
N CYS F 431 -5.19 -56.09 -58.80
CA CYS F 431 -6.36 -56.62 -59.51
C CYS F 431 -5.98 -57.57 -60.64
N ASN F 432 -4.68 -57.77 -60.85
CA ASN F 432 -4.23 -58.57 -61.98
C ASN F 432 -3.60 -59.91 -61.60
N CYS F 433 -3.76 -60.88 -62.48
CA CYS F 433 -3.12 -62.19 -62.33
C CYS F 433 -1.83 -62.26 -63.14
N ASP F 434 -0.87 -63.03 -62.64
CA ASP F 434 0.44 -63.15 -63.29
C ASP F 434 0.36 -63.92 -64.59
N CYS F 435 -0.68 -64.74 -64.75
CA CYS F 435 -0.83 -65.56 -65.95
C CYS F 435 -1.27 -64.73 -67.15
N GLN F 436 -1.54 -63.45 -66.92
CA GLN F 436 -1.91 -62.53 -67.98
C GLN F 436 -0.71 -61.71 -68.43
N LYS F 437 0.47 -62.29 -68.32
CA LYS F 437 1.69 -61.63 -68.76
C LYS F 437 2.37 -62.40 -69.89
N VAL F 439 1.06 -64.57 -71.67
CA VAL F 439 0.16 -64.54 -72.81
C VAL F 439 0.90 -64.85 -74.11
N GLU F 440 0.68 -66.04 -74.64
CA GLU F 440 1.29 -66.45 -75.90
C GLU F 440 0.30 -66.26 -77.05
N VAL F 441 0.39 -65.13 -77.73
CA VAL F 441 -0.49 -64.84 -78.86
C VAL F 441 -0.22 -65.77 -80.03
N ASN F 442 -1.27 -66.43 -80.51
CA ASN F 442 -1.16 -67.41 -81.59
C ASN F 442 -0.16 -68.52 -81.28
N SER F 443 -0.28 -69.09 -80.08
CA SER F 443 0.63 -70.16 -79.65
C SER F 443 0.30 -71.47 -80.34
N SER F 444 1.26 -72.39 -80.37
CA SER F 444 1.07 -73.69 -81.00
C SER F 444 0.32 -74.65 -80.10
N LYS F 445 -0.07 -74.18 -78.92
CA LYS F 445 -0.81 -75.00 -77.97
C LYS F 445 -2.29 -75.09 -78.34
N CYS F 446 -2.74 -74.20 -79.22
CA CYS F 446 -4.14 -74.16 -79.62
C CYS F 446 -4.33 -74.20 -81.13
N HIS F 447 -4.24 -75.41 -81.70
CA HIS F 447 -4.48 -75.63 -83.13
C HIS F 447 -3.61 -74.78 -84.03
N ASN F 448 -2.29 -74.94 -83.93
CA ASN F 448 -1.33 -74.28 -84.81
C ASN F 448 -1.41 -72.76 -84.85
N GLY F 449 -1.89 -72.15 -83.77
CA GLY F 449 -1.93 -70.70 -83.67
C GLY F 449 -3.27 -70.07 -83.98
N ASN F 450 -4.34 -70.84 -83.79
CA ASN F 450 -5.69 -70.33 -84.02
C ASN F 450 -6.22 -69.55 -82.81
N GLY F 451 -5.46 -69.55 -81.72
CA GLY F 451 -5.86 -68.84 -80.52
C GLY F 451 -4.69 -68.52 -79.61
N SER F 452 -4.90 -67.61 -78.67
CA SER F 452 -3.87 -67.22 -77.72
C SER F 452 -3.98 -68.02 -76.42
N PHE F 453 -2.83 -68.43 -75.87
CA PHE F 453 -2.80 -69.20 -74.64
C PHE F 453 -2.45 -68.33 -73.44
N GLN F 454 -3.39 -68.21 -72.51
CA GLN F 454 -3.18 -67.42 -71.30
C GLN F 454 -3.99 -67.98 -70.14
N CYS F 455 -3.37 -68.01 -68.96
CA CYS F 455 -4.00 -68.51 -67.73
C CYS F 455 -4.41 -69.98 -67.78
N GLY F 456 -3.61 -70.78 -68.47
CA GLY F 456 -3.86 -72.21 -68.56
C GLY F 456 -5.14 -72.55 -69.30
N VAL F 457 -5.68 -71.58 -70.04
CA VAL F 457 -6.90 -71.77 -70.82
C VAL F 457 -6.80 -71.07 -72.18
N CYS F 458 -6.96 -71.83 -73.25
CA CYS F 458 -6.83 -71.31 -74.60
C CYS F 458 -8.00 -70.40 -74.97
N ALA F 459 -7.71 -69.12 -75.17
CA ALA F 459 -8.72 -68.17 -75.61
C ALA F 459 -8.74 -68.11 -77.14
N CYS F 460 -9.61 -68.92 -77.73
CA CYS F 460 -9.67 -69.05 -79.18
C CYS F 460 -10.19 -67.80 -79.89
N HIS F 461 -9.89 -67.72 -81.18
CA HIS F 461 -10.37 -66.64 -82.03
C HIS F 461 -11.55 -67.14 -82.86
N PRO F 462 -12.44 -66.22 -83.28
CA PRO F 462 -13.67 -66.55 -84.02
C PRO F 462 -13.49 -67.60 -85.12
N GLY F 463 -14.34 -68.63 -85.10
CA GLY F 463 -14.26 -69.71 -86.06
C GLY F 463 -14.27 -71.06 -85.38
N HIS F 464 -13.92 -71.08 -84.10
CA HIS F 464 -13.89 -72.31 -83.32
C HIS F 464 -14.52 -72.08 -81.95
N MET F 465 -15.45 -72.96 -81.57
CA MET F 465 -16.23 -72.80 -80.35
C MET F 465 -15.76 -73.70 -79.21
N GLY F 466 -15.04 -74.76 -79.56
CA GLY F 466 -14.59 -75.74 -78.57
C GLY F 466 -13.65 -75.19 -77.53
N PRO F 467 -13.31 -76.02 -76.52
CA PRO F 467 -12.39 -75.63 -75.44
C PRO F 467 -11.05 -75.20 -76.01
N ARG F 468 -10.58 -75.94 -77.00
CA ARG F 468 -9.45 -75.51 -77.81
C ARG F 468 -9.96 -75.29 -79.23
N CYS F 469 -9.14 -74.66 -80.06
CA CYS F 469 -9.56 -74.28 -81.41
C CYS F 469 -9.59 -75.45 -82.39
N GLU F 470 -9.77 -76.65 -81.85
CA GLU F 470 -9.83 -77.86 -82.67
C GLU F 470 -11.14 -77.95 -83.43
#